data_4Q02
# 
_entry.id   4Q02 
# 
_audit_conform.dict_name       mmcif_pdbx.dic 
_audit_conform.dict_version    5.399 
_audit_conform.dict_location   http://mmcif.pdb.org/dictionaries/ascii/mmcif_pdbx.dic 
# 
loop_
_database_2.database_id 
_database_2.database_code 
_database_2.pdbx_database_accession 
_database_2.pdbx_DOI 
PDB   4Q02         pdb_00004q02 10.2210/pdb4q02/pdb 
RCSB  RCSB085434   ?            ?                   
WWPDB D_1000085434 ?            ?                   
# 
loop_
_pdbx_audit_revision_history.ordinal 
_pdbx_audit_revision_history.data_content_type 
_pdbx_audit_revision_history.major_revision 
_pdbx_audit_revision_history.minor_revision 
_pdbx_audit_revision_history.revision_date 
1 'Structure model' 1 0 2014-09-10 
2 'Structure model' 1 1 2024-11-20 
# 
_pdbx_audit_revision_details.ordinal             1 
_pdbx_audit_revision_details.revision_ordinal    1 
_pdbx_audit_revision_details.data_content_type   'Structure model' 
_pdbx_audit_revision_details.provider            repository 
_pdbx_audit_revision_details.type                'Initial release' 
_pdbx_audit_revision_details.description         ? 
_pdbx_audit_revision_details.details             ? 
# 
loop_
_pdbx_audit_revision_group.ordinal 
_pdbx_audit_revision_group.revision_ordinal 
_pdbx_audit_revision_group.data_content_type 
_pdbx_audit_revision_group.group 
1 2 'Structure model' 'Data collection'      
2 2 'Structure model' 'Database references'  
3 2 'Structure model' 'Derived calculations' 
4 2 'Structure model' 'Structure summary'    
# 
loop_
_pdbx_audit_revision_category.ordinal 
_pdbx_audit_revision_category.revision_ordinal 
_pdbx_audit_revision_category.data_content_type 
_pdbx_audit_revision_category.category 
1  2 'Structure model' chem_comp_atom            
2  2 'Structure model' chem_comp_bond            
3  2 'Structure model' database_2                
4  2 'Structure model' pdbx_entry_details        
5  2 'Structure model' pdbx_modification_feature 
6  2 'Structure model' pdbx_struct_conn_angle    
7  2 'Structure model' struct_conn               
8  2 'Structure model' struct_conn_type          
9  2 'Structure model' struct_ref_seq_dif        
10 2 'Structure model' struct_site               
# 
loop_
_pdbx_audit_revision_item.ordinal 
_pdbx_audit_revision_item.revision_ordinal 
_pdbx_audit_revision_item.data_content_type 
_pdbx_audit_revision_item.item 
1  2 'Structure model' '_database_2.pdbx_DOI'                        
2  2 'Structure model' '_database_2.pdbx_database_accession'         
3  2 'Structure model' '_pdbx_struct_conn_angle.ptnr1_auth_comp_id'  
4  2 'Structure model' '_pdbx_struct_conn_angle.ptnr1_auth_seq_id'   
5  2 'Structure model' '_pdbx_struct_conn_angle.ptnr1_label_asym_id' 
6  2 'Structure model' '_pdbx_struct_conn_angle.ptnr1_label_atom_id' 
7  2 'Structure model' '_pdbx_struct_conn_angle.ptnr1_label_comp_id' 
8  2 'Structure model' '_pdbx_struct_conn_angle.ptnr1_label_seq_id'  
9  2 'Structure model' '_pdbx_struct_conn_angle.ptnr3_auth_comp_id'  
10 2 'Structure model' '_pdbx_struct_conn_angle.ptnr3_auth_seq_id'   
11 2 'Structure model' '_pdbx_struct_conn_angle.ptnr3_label_asym_id' 
12 2 'Structure model' '_pdbx_struct_conn_angle.ptnr3_label_atom_id' 
13 2 'Structure model' '_pdbx_struct_conn_angle.ptnr3_label_comp_id' 
14 2 'Structure model' '_pdbx_struct_conn_angle.ptnr3_label_seq_id'  
15 2 'Structure model' '_pdbx_struct_conn_angle.value'               
16 2 'Structure model' '_struct_conn.conn_type_id'                   
17 2 'Structure model' '_struct_conn.id'                             
18 2 'Structure model' '_struct_conn.pdbx_dist_value'                
19 2 'Structure model' '_struct_conn.pdbx_leaving_atom_flag'         
20 2 'Structure model' '_struct_conn.ptnr1_auth_comp_id'             
21 2 'Structure model' '_struct_conn.ptnr1_auth_seq_id'              
22 2 'Structure model' '_struct_conn.ptnr1_label_asym_id'            
23 2 'Structure model' '_struct_conn.ptnr1_label_atom_id'            
24 2 'Structure model' '_struct_conn.ptnr1_label_comp_id'            
25 2 'Structure model' '_struct_conn.ptnr1_label_seq_id'             
26 2 'Structure model' '_struct_conn.ptnr2_auth_comp_id'             
27 2 'Structure model' '_struct_conn.ptnr2_auth_seq_id'              
28 2 'Structure model' '_struct_conn.ptnr2_label_asym_id'            
29 2 'Structure model' '_struct_conn.ptnr2_label_atom_id'            
30 2 'Structure model' '_struct_conn.ptnr2_label_comp_id'            
31 2 'Structure model' '_struct_conn_type.id'                        
32 2 'Structure model' '_struct_ref_seq_dif.details'                 
33 2 'Structure model' '_struct_site.pdbx_auth_asym_id'              
34 2 'Structure model' '_struct_site.pdbx_auth_comp_id'              
35 2 'Structure model' '_struct_site.pdbx_auth_seq_id'               
# 
_pdbx_database_status.status_code                     REL 
_pdbx_database_status.entry_id                        4Q02 
_pdbx_database_status.recvd_initial_deposition_date   2014-03-31 
_pdbx_database_status.deposit_site                    RCSB 
_pdbx_database_status.process_site                    RCSB 
_pdbx_database_status.status_code_sf                  REL 
_pdbx_database_status.status_code_mr                  ? 
_pdbx_database_status.SG_entry                        ? 
_pdbx_database_status.status_code_cs                  ? 
_pdbx_database_status.methods_development_category    ? 
_pdbx_database_status.pdb_format_compatible           Y 
_pdbx_database_status.status_code_nmr_data            ? 
# 
loop_
_pdbx_database_related.db_name 
_pdbx_database_related.db_id 
_pdbx_database_related.details 
_pdbx_database_related.content_type 
PDB 4PZY . unspecified 
PDB 4PZZ . unspecified 
PDB 4Q01 . unspecified 
PDB 4Q03 . unspecified 
# 
loop_
_audit_author.name 
_audit_author.pdbx_ordinal 
'Sun, Q.'          1 
'Phan, J.'         2 
'Friberg, A.'      3 
'Camper, D.V.'     4 
'Olejniczak, E.T.' 5 
'Fesik, S.W.'      6 
# 
_citation.id                        primary 
_citation.title                     
'A method for the second-site screening of K-Ras in the presence of a covalently attached first-site ligand.' 
_citation.journal_abbrev            J.Biomol.Nmr 
_citation.journal_volume            60 
_citation.page_first                11 
_citation.page_last                 14 
_citation.year                      2014 
_citation.journal_id_ASTM           JBNME9 
_citation.country                   NE 
_citation.journal_id_ISSN           0925-2738 
_citation.journal_id_CSD            0800 
_citation.book_publisher            ? 
_citation.pdbx_database_id_PubMed   25087006 
_citation.pdbx_database_id_DOI      10.1007/s10858-014-9849-8 
# 
loop_
_citation_author.citation_id 
_citation_author.name 
_citation_author.ordinal 
_citation_author.identifier_ORCID 
primary 'Sun, Q.'          1 ? 
primary 'Phan, J.'         2 ? 
primary 'Friberg, A.R.'    3 ? 
primary 'Camper, D.V.'     4 ? 
primary 'Olejniczak, E.T.' 5 ? 
primary 'Fesik, S.W.'      6 ? 
# 
loop_
_entity.id 
_entity.type 
_entity.src_method 
_entity.pdbx_description 
_entity.formula_weight 
_entity.pdbx_number_of_molecules 
_entity.pdbx_ec 
_entity.pdbx_mutation 
_entity.pdbx_fragment 
_entity.details 
1 polymer     man 'GTPase KRas'              19370.891 1   3.6.5.2 'G12V, S39C, C118S' ? ? 
2 non-polymer syn "GUANOSINE-5'-DIPHOSPHATE" 443.201   1   ?       ?                   ? ? 
3 non-polymer syn 'MAGNESIUM ION'            24.305    1   ?       ?                   ? ? 
4 non-polymer syn 3,4-difluorobenzenethiol   146.158   1   ?       ?                   ? ? 
5 water       nat water                      18.015    227 ?       ?                   ? ? 
# 
_entity_name_com.entity_id   1 
_entity_name_com.name        'K-Ras 2, Ki-Ras, c-K-ras, c-Ki-ras, GTPase KRas, N-terminally processed' 
# 
_entity_poly.entity_id                      1 
_entity_poly.type                           'polypeptide(L)' 
_entity_poly.nstd_linkage                   no 
_entity_poly.nstd_monomer                   no 
_entity_poly.pdbx_seq_one_letter_code       
;GMTEYKLVVVGAVGVGKSALTIQLIQNHFVDEYDPTIEDCYRKQVVIDGETCLLDILDTAGQEEYSAMRDQYMRTGEGFL
CVFAINNTKSFEDIHHYREQIKRVKDSEDVPMVLVGNKSDLPSRTVDTKQAQDLARSYGIPFIETSAKTRQGVDDAFYTL
VREIRKHKEK
;
_entity_poly.pdbx_seq_one_letter_code_can   
;GMTEYKLVVVGAVGVGKSALTIQLIQNHFVDEYDPTIEDCYRKQVVIDGETCLLDILDTAGQEEYSAMRDQYMRTGEGFL
CVFAINNTKSFEDIHHYREQIKRVKDSEDVPMVLVGNKSDLPSRTVDTKQAQDLARSYGIPFIETSAKTRQGVDDAFYTL
VREIRKHKEK
;
_entity_poly.pdbx_strand_id                 A 
_entity_poly.pdbx_target_identifier         ? 
# 
loop_
_pdbx_entity_nonpoly.entity_id 
_pdbx_entity_nonpoly.name 
_pdbx_entity_nonpoly.comp_id 
2 "GUANOSINE-5'-DIPHOSPHATE" GDP 
3 'MAGNESIUM ION'            MG  
4 3,4-difluorobenzenethiol   2XG 
5 water                      HOH 
# 
loop_
_entity_poly_seq.entity_id 
_entity_poly_seq.num 
_entity_poly_seq.mon_id 
_entity_poly_seq.hetero 
1 1   GLY n 
1 2   MET n 
1 3   THR n 
1 4   GLU n 
1 5   TYR n 
1 6   LYS n 
1 7   LEU n 
1 8   VAL n 
1 9   VAL n 
1 10  VAL n 
1 11  GLY n 
1 12  ALA n 
1 13  VAL n 
1 14  GLY n 
1 15  VAL n 
1 16  GLY n 
1 17  LYS n 
1 18  SER n 
1 19  ALA n 
1 20  LEU n 
1 21  THR n 
1 22  ILE n 
1 23  GLN n 
1 24  LEU n 
1 25  ILE n 
1 26  GLN n 
1 27  ASN n 
1 28  HIS n 
1 29  PHE n 
1 30  VAL n 
1 31  ASP n 
1 32  GLU n 
1 33  TYR n 
1 34  ASP n 
1 35  PRO n 
1 36  THR n 
1 37  ILE n 
1 38  GLU n 
1 39  ASP n 
1 40  CYS n 
1 41  TYR n 
1 42  ARG n 
1 43  LYS n 
1 44  GLN n 
1 45  VAL n 
1 46  VAL n 
1 47  ILE n 
1 48  ASP n 
1 49  GLY n 
1 50  GLU n 
1 51  THR n 
1 52  CYS n 
1 53  LEU n 
1 54  LEU n 
1 55  ASP n 
1 56  ILE n 
1 57  LEU n 
1 58  ASP n 
1 59  THR n 
1 60  ALA n 
1 61  GLY n 
1 62  GLN n 
1 63  GLU n 
1 64  GLU n 
1 65  TYR n 
1 66  SER n 
1 67  ALA n 
1 68  MET n 
1 69  ARG n 
1 70  ASP n 
1 71  GLN n 
1 72  TYR n 
1 73  MET n 
1 74  ARG n 
1 75  THR n 
1 76  GLY n 
1 77  GLU n 
1 78  GLY n 
1 79  PHE n 
1 80  LEU n 
1 81  CYS n 
1 82  VAL n 
1 83  PHE n 
1 84  ALA n 
1 85  ILE n 
1 86  ASN n 
1 87  ASN n 
1 88  THR n 
1 89  LYS n 
1 90  SER n 
1 91  PHE n 
1 92  GLU n 
1 93  ASP n 
1 94  ILE n 
1 95  HIS n 
1 96  HIS n 
1 97  TYR n 
1 98  ARG n 
1 99  GLU n 
1 100 GLN n 
1 101 ILE n 
1 102 LYS n 
1 103 ARG n 
1 104 VAL n 
1 105 LYS n 
1 106 ASP n 
1 107 SER n 
1 108 GLU n 
1 109 ASP n 
1 110 VAL n 
1 111 PRO n 
1 112 MET n 
1 113 VAL n 
1 114 LEU n 
1 115 VAL n 
1 116 GLY n 
1 117 ASN n 
1 118 LYS n 
1 119 SER n 
1 120 ASP n 
1 121 LEU n 
1 122 PRO n 
1 123 SER n 
1 124 ARG n 
1 125 THR n 
1 126 VAL n 
1 127 ASP n 
1 128 THR n 
1 129 LYS n 
1 130 GLN n 
1 131 ALA n 
1 132 GLN n 
1 133 ASP n 
1 134 LEU n 
1 135 ALA n 
1 136 ARG n 
1 137 SER n 
1 138 TYR n 
1 139 GLY n 
1 140 ILE n 
1 141 PRO n 
1 142 PHE n 
1 143 ILE n 
1 144 GLU n 
1 145 THR n 
1 146 SER n 
1 147 ALA n 
1 148 LYS n 
1 149 THR n 
1 150 ARG n 
1 151 GLN n 
1 152 GLY n 
1 153 VAL n 
1 154 ASP n 
1 155 ASP n 
1 156 ALA n 
1 157 PHE n 
1 158 TYR n 
1 159 THR n 
1 160 LEU n 
1 161 VAL n 
1 162 ARG n 
1 163 GLU n 
1 164 ILE n 
1 165 ARG n 
1 166 LYS n 
1 167 HIS n 
1 168 LYS n 
1 169 GLU n 
1 170 LYS n 
# 
_entity_src_gen.entity_id                          1 
_entity_src_gen.pdbx_src_id                        1 
_entity_src_gen.pdbx_alt_source_flag               sample 
_entity_src_gen.pdbx_seq_type                      ? 
_entity_src_gen.pdbx_beg_seq_num                   ? 
_entity_src_gen.pdbx_end_seq_num                   ? 
_entity_src_gen.gene_src_common_name               human 
_entity_src_gen.gene_src_genus                     ? 
_entity_src_gen.pdbx_gene_src_gene                 'KRAS, KRAS2, RASK2' 
_entity_src_gen.gene_src_species                   ? 
_entity_src_gen.gene_src_strain                    ? 
_entity_src_gen.gene_src_tissue                    ? 
_entity_src_gen.gene_src_tissue_fraction           ? 
_entity_src_gen.gene_src_details                   ? 
_entity_src_gen.pdbx_gene_src_fragment             ? 
_entity_src_gen.pdbx_gene_src_scientific_name      'Homo sapiens' 
_entity_src_gen.pdbx_gene_src_ncbi_taxonomy_id     9606 
_entity_src_gen.pdbx_gene_src_variant              ? 
_entity_src_gen.pdbx_gene_src_cell_line            ? 
_entity_src_gen.pdbx_gene_src_atcc                 ? 
_entity_src_gen.pdbx_gene_src_organ                ? 
_entity_src_gen.pdbx_gene_src_organelle            ? 
_entity_src_gen.pdbx_gene_src_cell                 ? 
_entity_src_gen.pdbx_gene_src_cellular_location    ? 
_entity_src_gen.host_org_common_name               ? 
_entity_src_gen.pdbx_host_org_scientific_name      'Escherichia coli' 
_entity_src_gen.pdbx_host_org_ncbi_taxonomy_id     562 
_entity_src_gen.host_org_genus                     ? 
_entity_src_gen.pdbx_host_org_gene                 ? 
_entity_src_gen.pdbx_host_org_organ                ? 
_entity_src_gen.host_org_species                   ? 
_entity_src_gen.pdbx_host_org_tissue               ? 
_entity_src_gen.pdbx_host_org_tissue_fraction      ? 
_entity_src_gen.pdbx_host_org_strain               ? 
_entity_src_gen.pdbx_host_org_variant              ? 
_entity_src_gen.pdbx_host_org_cell_line            ? 
_entity_src_gen.pdbx_host_org_atcc                 ? 
_entity_src_gen.pdbx_host_org_culture_collection   ? 
_entity_src_gen.pdbx_host_org_cell                 ? 
_entity_src_gen.pdbx_host_org_organelle            ? 
_entity_src_gen.pdbx_host_org_cellular_location    ? 
_entity_src_gen.pdbx_host_org_vector_type          ? 
_entity_src_gen.pdbx_host_org_vector               ? 
_entity_src_gen.host_org_details                   ? 
_entity_src_gen.expression_system_id               ? 
_entity_src_gen.plasmid_name                       ? 
_entity_src_gen.plasmid_details                    ? 
_entity_src_gen.pdbx_description                   ? 
# 
loop_
_chem_comp.id 
_chem_comp.type 
_chem_comp.mon_nstd_flag 
_chem_comp.name 
_chem_comp.pdbx_synonyms 
_chem_comp.formula 
_chem_comp.formula_weight 
2XG non-polymer         . 3,4-difluorobenzenethiol   ? 'C6 H4 F2 S'        146.158 
ALA 'L-peptide linking' y ALANINE                    ? 'C3 H7 N O2'        89.093  
ARG 'L-peptide linking' y ARGININE                   ? 'C6 H15 N4 O2 1'    175.209 
ASN 'L-peptide linking' y ASPARAGINE                 ? 'C4 H8 N2 O3'       132.118 
ASP 'L-peptide linking' y 'ASPARTIC ACID'            ? 'C4 H7 N O4'        133.103 
CYS 'L-peptide linking' y CYSTEINE                   ? 'C3 H7 N O2 S'      121.158 
GDP 'RNA linking'       n "GUANOSINE-5'-DIPHOSPHATE" ? 'C10 H15 N5 O11 P2' 443.201 
GLN 'L-peptide linking' y GLUTAMINE                  ? 'C5 H10 N2 O3'      146.144 
GLU 'L-peptide linking' y 'GLUTAMIC ACID'            ? 'C5 H9 N O4'        147.129 
GLY 'peptide linking'   y GLYCINE                    ? 'C2 H5 N O2'        75.067  
HIS 'L-peptide linking' y HISTIDINE                  ? 'C6 H10 N3 O2 1'    156.162 
HOH non-polymer         . WATER                      ? 'H2 O'              18.015  
ILE 'L-peptide linking' y ISOLEUCINE                 ? 'C6 H13 N O2'       131.173 
LEU 'L-peptide linking' y LEUCINE                    ? 'C6 H13 N O2'       131.173 
LYS 'L-peptide linking' y LYSINE                     ? 'C6 H15 N2 O2 1'    147.195 
MET 'L-peptide linking' y METHIONINE                 ? 'C5 H11 N O2 S'     149.211 
MG  non-polymer         . 'MAGNESIUM ION'            ? 'Mg 2'              24.305  
PHE 'L-peptide linking' y PHENYLALANINE              ? 'C9 H11 N O2'       165.189 
PRO 'L-peptide linking' y PROLINE                    ? 'C5 H9 N O2'        115.130 
SER 'L-peptide linking' y SERINE                     ? 'C3 H7 N O3'        105.093 
THR 'L-peptide linking' y THREONINE                  ? 'C4 H9 N O3'        119.119 
TYR 'L-peptide linking' y TYROSINE                   ? 'C9 H11 N O3'       181.189 
VAL 'L-peptide linking' y VALINE                     ? 'C5 H11 N O2'       117.146 
# 
loop_
_pdbx_poly_seq_scheme.asym_id 
_pdbx_poly_seq_scheme.entity_id 
_pdbx_poly_seq_scheme.seq_id 
_pdbx_poly_seq_scheme.mon_id 
_pdbx_poly_seq_scheme.ndb_seq_num 
_pdbx_poly_seq_scheme.pdb_seq_num 
_pdbx_poly_seq_scheme.auth_seq_num 
_pdbx_poly_seq_scheme.pdb_mon_id 
_pdbx_poly_seq_scheme.auth_mon_id 
_pdbx_poly_seq_scheme.pdb_strand_id 
_pdbx_poly_seq_scheme.pdb_ins_code 
_pdbx_poly_seq_scheme.hetero 
A 1 1   GLY 1   0   0   GLY GLY A . n 
A 1 2   MET 2   1   1   MET MET A . n 
A 1 3   THR 3   2   2   THR THR A . n 
A 1 4   GLU 4   3   3   GLU GLU A . n 
A 1 5   TYR 5   4   4   TYR TYR A . n 
A 1 6   LYS 6   5   5   LYS LYS A . n 
A 1 7   LEU 7   6   6   LEU LEU A . n 
A 1 8   VAL 8   7   7   VAL VAL A . n 
A 1 9   VAL 9   8   8   VAL VAL A . n 
A 1 10  VAL 10  9   9   VAL VAL A . n 
A 1 11  GLY 11  10  10  GLY GLY A . n 
A 1 12  ALA 12  11  11  ALA ALA A . n 
A 1 13  VAL 13  12  12  VAL VAL A . n 
A 1 14  GLY 14  13  13  GLY GLY A . n 
A 1 15  VAL 15  14  14  VAL VAL A . n 
A 1 16  GLY 16  15  15  GLY GLY A . n 
A 1 17  LYS 17  16  16  LYS LYS A . n 
A 1 18  SER 18  17  17  SER SER A . n 
A 1 19  ALA 19  18  18  ALA ALA A . n 
A 1 20  LEU 20  19  19  LEU LEU A . n 
A 1 21  THR 21  20  20  THR THR A . n 
A 1 22  ILE 22  21  21  ILE ILE A . n 
A 1 23  GLN 23  22  22  GLN GLN A . n 
A 1 24  LEU 24  23  23  LEU LEU A . n 
A 1 25  ILE 25  24  24  ILE ILE A . n 
A 1 26  GLN 26  25  25  GLN GLN A . n 
A 1 27  ASN 27  26  26  ASN ASN A . n 
A 1 28  HIS 28  27  27  HIS HIS A . n 
A 1 29  PHE 29  28  28  PHE PHE A . n 
A 1 30  VAL 30  29  29  VAL VAL A . n 
A 1 31  ASP 31  30  30  ASP ASP A . n 
A 1 32  GLU 32  31  31  GLU GLU A . n 
A 1 33  TYR 33  32  32  TYR TYR A . n 
A 1 34  ASP 34  33  33  ASP ASP A . n 
A 1 35  PRO 35  34  34  PRO PRO A . n 
A 1 36  THR 36  35  35  THR THR A . n 
A 1 37  ILE 37  36  36  ILE ILE A . n 
A 1 38  GLU 38  37  37  GLU GLU A . n 
A 1 39  ASP 39  38  38  ASP ASP A . n 
A 1 40  CYS 40  39  39  CYS CYS A . n 
A 1 41  TYR 41  40  40  TYR TYR A . n 
A 1 42  ARG 42  41  41  ARG ARG A . n 
A 1 43  LYS 43  42  42  LYS LYS A . n 
A 1 44  GLN 44  43  43  GLN GLN A . n 
A 1 45  VAL 45  44  44  VAL VAL A . n 
A 1 46  VAL 46  45  45  VAL VAL A . n 
A 1 47  ILE 47  46  46  ILE ILE A . n 
A 1 48  ASP 48  47  47  ASP ASP A . n 
A 1 49  GLY 49  48  48  GLY GLY A . n 
A 1 50  GLU 50  49  49  GLU GLU A . n 
A 1 51  THR 51  50  50  THR THR A . n 
A 1 52  CYS 52  51  51  CYS CYS A . n 
A 1 53  LEU 53  52  52  LEU LEU A . n 
A 1 54  LEU 54  53  53  LEU LEU A . n 
A 1 55  ASP 55  54  54  ASP ASP A . n 
A 1 56  ILE 56  55  55  ILE ILE A . n 
A 1 57  LEU 57  56  56  LEU LEU A . n 
A 1 58  ASP 58  57  57  ASP ASP A . n 
A 1 59  THR 59  58  58  THR THR A . n 
A 1 60  ALA 60  59  59  ALA ALA A . n 
A 1 61  GLY 61  60  60  GLY GLY A . n 
A 1 62  GLN 62  61  61  GLN GLN A . n 
A 1 63  GLU 63  62  62  GLU GLU A . n 
A 1 64  GLU 64  63  63  GLU GLU A . n 
A 1 65  TYR 65  64  64  TYR TYR A . n 
A 1 66  SER 66  65  65  SER SER A . n 
A 1 67  ALA 67  66  66  ALA ALA A . n 
A 1 68  MET 68  67  67  MET MET A . n 
A 1 69  ARG 69  68  68  ARG ARG A . n 
A 1 70  ASP 70  69  69  ASP ASP A . n 
A 1 71  GLN 71  70  70  GLN GLN A . n 
A 1 72  TYR 72  71  71  TYR TYR A . n 
A 1 73  MET 73  72  72  MET MET A . n 
A 1 74  ARG 74  73  73  ARG ARG A . n 
A 1 75  THR 75  74  74  THR THR A . n 
A 1 76  GLY 76  75  75  GLY GLY A . n 
A 1 77  GLU 77  76  76  GLU GLU A . n 
A 1 78  GLY 78  77  77  GLY GLY A . n 
A 1 79  PHE 79  78  78  PHE PHE A . n 
A 1 80  LEU 80  79  79  LEU LEU A . n 
A 1 81  CYS 81  80  80  CYS CYS A . n 
A 1 82  VAL 82  81  81  VAL VAL A . n 
A 1 83  PHE 83  82  82  PHE PHE A . n 
A 1 84  ALA 84  83  83  ALA ALA A . n 
A 1 85  ILE 85  84  84  ILE ILE A . n 
A 1 86  ASN 86  85  85  ASN ASN A . n 
A 1 87  ASN 87  86  86  ASN ASN A . n 
A 1 88  THR 88  87  87  THR THR A . n 
A 1 89  LYS 89  88  88  LYS LYS A . n 
A 1 90  SER 90  89  89  SER SER A . n 
A 1 91  PHE 91  90  90  PHE PHE A . n 
A 1 92  GLU 92  91  91  GLU GLU A . n 
A 1 93  ASP 93  92  92  ASP ASP A . n 
A 1 94  ILE 94  93  93  ILE ILE A . n 
A 1 95  HIS 95  94  94  HIS HIS A . n 
A 1 96  HIS 96  95  95  HIS HIS A . n 
A 1 97  TYR 97  96  96  TYR TYR A . n 
A 1 98  ARG 98  97  97  ARG ARG A . n 
A 1 99  GLU 99  98  98  GLU GLU A . n 
A 1 100 GLN 100 99  99  GLN GLN A . n 
A 1 101 ILE 101 100 100 ILE ILE A . n 
A 1 102 LYS 102 101 101 LYS LYS A . n 
A 1 103 ARG 103 102 102 ARG ARG A . n 
A 1 104 VAL 104 103 103 VAL VAL A . n 
A 1 105 LYS 105 104 104 LYS LYS A . n 
A 1 106 ASP 106 105 105 ASP ASP A . n 
A 1 107 SER 107 106 106 SER SER A . n 
A 1 108 GLU 108 107 107 GLU GLU A . n 
A 1 109 ASP 109 108 108 ASP ASP A . n 
A 1 110 VAL 110 109 109 VAL VAL A . n 
A 1 111 PRO 111 110 110 PRO PRO A . n 
A 1 112 MET 112 111 111 MET MET A . n 
A 1 113 VAL 113 112 112 VAL VAL A . n 
A 1 114 LEU 114 113 113 LEU LEU A . n 
A 1 115 VAL 115 114 114 VAL VAL A . n 
A 1 116 GLY 116 115 115 GLY GLY A . n 
A 1 117 ASN 117 116 116 ASN ASN A . n 
A 1 118 LYS 118 117 117 LYS LYS A . n 
A 1 119 SER 119 118 118 SER SER A . n 
A 1 120 ASP 120 119 119 ASP ASP A . n 
A 1 121 LEU 121 120 120 LEU LEU A . n 
A 1 122 PRO 122 121 121 PRO PRO A . n 
A 1 123 SER 123 122 122 SER SER A . n 
A 1 124 ARG 124 123 123 ARG ARG A . n 
A 1 125 THR 125 124 124 THR THR A . n 
A 1 126 VAL 126 125 125 VAL VAL A . n 
A 1 127 ASP 127 126 126 ASP ASP A . n 
A 1 128 THR 128 127 127 THR THR A . n 
A 1 129 LYS 129 128 128 LYS LYS A . n 
A 1 130 GLN 130 129 129 GLN GLN A . n 
A 1 131 ALA 131 130 130 ALA ALA A . n 
A 1 132 GLN 132 131 131 GLN GLN A . n 
A 1 133 ASP 133 132 132 ASP ASP A . n 
A 1 134 LEU 134 133 133 LEU LEU A . n 
A 1 135 ALA 135 134 134 ALA ALA A . n 
A 1 136 ARG 136 135 135 ARG ARG A . n 
A 1 137 SER 137 136 136 SER SER A . n 
A 1 138 TYR 138 137 137 TYR TYR A . n 
A 1 139 GLY 139 138 138 GLY GLY A . n 
A 1 140 ILE 140 139 139 ILE ILE A . n 
A 1 141 PRO 141 140 140 PRO PRO A . n 
A 1 142 PHE 142 141 141 PHE PHE A . n 
A 1 143 ILE 143 142 142 ILE ILE A . n 
A 1 144 GLU 144 143 143 GLU GLU A . n 
A 1 145 THR 145 144 144 THR THR A . n 
A 1 146 SER 146 145 145 SER SER A . n 
A 1 147 ALA 147 146 146 ALA ALA A . n 
A 1 148 LYS 148 147 147 LYS LYS A . n 
A 1 149 THR 149 148 148 THR THR A . n 
A 1 150 ARG 150 149 149 ARG ARG A . n 
A 1 151 GLN 151 150 150 GLN GLN A . n 
A 1 152 GLY 152 151 151 GLY GLY A . n 
A 1 153 VAL 153 152 152 VAL VAL A . n 
A 1 154 ASP 154 153 153 ASP ASP A . n 
A 1 155 ASP 155 154 154 ASP ASP A . n 
A 1 156 ALA 156 155 155 ALA ALA A . n 
A 1 157 PHE 157 156 156 PHE PHE A . n 
A 1 158 TYR 158 157 157 TYR TYR A . n 
A 1 159 THR 159 158 158 THR THR A . n 
A 1 160 LEU 160 159 159 LEU LEU A . n 
A 1 161 VAL 161 160 160 VAL VAL A . n 
A 1 162 ARG 162 161 161 ARG ARG A . n 
A 1 163 GLU 163 162 162 GLU GLU A . n 
A 1 164 ILE 164 163 163 ILE ILE A . n 
A 1 165 ARG 165 164 164 ARG ARG A . n 
A 1 166 LYS 166 165 165 LYS LYS A . n 
A 1 167 HIS 167 166 166 HIS HIS A . n 
A 1 168 LYS 168 167 167 LYS LYS A . n 
A 1 169 GLU 169 168 168 GLU GLU A . n 
A 1 170 LYS 170 169 169 LYS LYS A . n 
# 
loop_
_pdbx_nonpoly_scheme.asym_id 
_pdbx_nonpoly_scheme.entity_id 
_pdbx_nonpoly_scheme.mon_id 
_pdbx_nonpoly_scheme.ndb_seq_num 
_pdbx_nonpoly_scheme.pdb_seq_num 
_pdbx_nonpoly_scheme.auth_seq_num 
_pdbx_nonpoly_scheme.pdb_mon_id 
_pdbx_nonpoly_scheme.auth_mon_id 
_pdbx_nonpoly_scheme.pdb_strand_id 
_pdbx_nonpoly_scheme.pdb_ins_code 
B 2 GDP 1   201 201 GDP GDP A . 
C 3 MG  1   202 301 MG  MG  A . 
D 4 2XG 1   203 401 2XG DRG A . 
E 5 HOH 1   301 1   HOH HOH A . 
E 5 HOH 2   302 2   HOH HOH A . 
E 5 HOH 3   303 3   HOH HOH A . 
E 5 HOH 4   304 4   HOH HOH A . 
E 5 HOH 5   305 5   HOH HOH A . 
E 5 HOH 6   306 6   HOH HOH A . 
E 5 HOH 7   307 7   HOH HOH A . 
E 5 HOH 8   308 8   HOH HOH A . 
E 5 HOH 9   309 9   HOH HOH A . 
E 5 HOH 10  310 10  HOH HOH A . 
E 5 HOH 11  311 11  HOH HOH A . 
E 5 HOH 12  312 12  HOH HOH A . 
E 5 HOH 13  313 13  HOH HOH A . 
E 5 HOH 14  314 14  HOH HOH A . 
E 5 HOH 15  315 15  HOH HOH A . 
E 5 HOH 16  316 16  HOH HOH A . 
E 5 HOH 17  317 17  HOH HOH A . 
E 5 HOH 18  318 18  HOH HOH A . 
E 5 HOH 19  319 19  HOH HOH A . 
E 5 HOH 20  320 20  HOH HOH A . 
E 5 HOH 21  321 21  HOH HOH A . 
E 5 HOH 22  322 22  HOH HOH A . 
E 5 HOH 23  323 23  HOH HOH A . 
E 5 HOH 24  324 24  HOH HOH A . 
E 5 HOH 25  325 25  HOH HOH A . 
E 5 HOH 26  326 26  HOH HOH A . 
E 5 HOH 27  327 27  HOH HOH A . 
E 5 HOH 28  328 28  HOH HOH A . 
E 5 HOH 29  329 29  HOH HOH A . 
E 5 HOH 30  330 30  HOH HOH A . 
E 5 HOH 31  331 31  HOH HOH A . 
E 5 HOH 32  332 33  HOH HOH A . 
E 5 HOH 33  333 34  HOH HOH A . 
E 5 HOH 34  334 35  HOH HOH A . 
E 5 HOH 35  335 36  HOH HOH A . 
E 5 HOH 36  336 37  HOH HOH A . 
E 5 HOH 37  337 38  HOH HOH A . 
E 5 HOH 38  338 39  HOH HOH A . 
E 5 HOH 39  339 41  HOH HOH A . 
E 5 HOH 40  340 42  HOH HOH A . 
E 5 HOH 41  341 43  HOH HOH A . 
E 5 HOH 42  342 44  HOH HOH A . 
E 5 HOH 43  343 45  HOH HOH A . 
E 5 HOH 44  344 46  HOH HOH A . 
E 5 HOH 45  345 47  HOH HOH A . 
E 5 HOH 46  346 48  HOH HOH A . 
E 5 HOH 47  347 49  HOH HOH A . 
E 5 HOH 48  348 50  HOH HOH A . 
E 5 HOH 49  349 51  HOH HOH A . 
E 5 HOH 50  350 52  HOH HOH A . 
E 5 HOH 51  351 53  HOH HOH A . 
E 5 HOH 52  352 54  HOH HOH A . 
E 5 HOH 53  353 55  HOH HOH A . 
E 5 HOH 54  354 56  HOH HOH A . 
E 5 HOH 55  355 57  HOH HOH A . 
E 5 HOH 56  356 58  HOH HOH A . 
E 5 HOH 57  357 59  HOH HOH A . 
E 5 HOH 58  358 60  HOH HOH A . 
E 5 HOH 59  359 61  HOH HOH A . 
E 5 HOH 60  360 62  HOH HOH A . 
E 5 HOH 61  361 63  HOH HOH A . 
E 5 HOH 62  362 64  HOH HOH A . 
E 5 HOH 63  363 65  HOH HOH A . 
E 5 HOH 64  364 66  HOH HOH A . 
E 5 HOH 65  365 67  HOH HOH A . 
E 5 HOH 66  366 68  HOH HOH A . 
E 5 HOH 67  367 69  HOH HOH A . 
E 5 HOH 68  368 70  HOH HOH A . 
E 5 HOH 69  369 71  HOH HOH A . 
E 5 HOH 70  370 72  HOH HOH A . 
E 5 HOH 71  371 73  HOH HOH A . 
E 5 HOH 72  372 74  HOH HOH A . 
E 5 HOH 73  373 75  HOH HOH A . 
E 5 HOH 74  374 76  HOH HOH A . 
E 5 HOH 75  375 77  HOH HOH A . 
E 5 HOH 76  376 78  HOH HOH A . 
E 5 HOH 77  377 79  HOH HOH A . 
E 5 HOH 78  378 80  HOH HOH A . 
E 5 HOH 79  379 81  HOH HOH A . 
E 5 HOH 80  380 82  HOH HOH A . 
E 5 HOH 81  381 83  HOH HOH A . 
E 5 HOH 82  382 84  HOH HOH A . 
E 5 HOH 83  383 85  HOH HOH A . 
E 5 HOH 84  384 86  HOH HOH A . 
E 5 HOH 85  385 87  HOH HOH A . 
E 5 HOH 86  386 88  HOH HOH A . 
E 5 HOH 87  387 89  HOH HOH A . 
E 5 HOH 88  388 90  HOH HOH A . 
E 5 HOH 89  389 91  HOH HOH A . 
E 5 HOH 90  390 92  HOH HOH A . 
E 5 HOH 91  391 93  HOH HOH A . 
E 5 HOH 92  392 94  HOH HOH A . 
E 5 HOH 93  393 95  HOH HOH A . 
E 5 HOH 94  394 96  HOH HOH A . 
E 5 HOH 95  395 97  HOH HOH A . 
E 5 HOH 96  396 98  HOH HOH A . 
E 5 HOH 97  397 99  HOH HOH A . 
E 5 HOH 98  398 100 HOH HOH A . 
E 5 HOH 99  399 102 HOH HOH A . 
E 5 HOH 100 400 103 HOH HOH A . 
E 5 HOH 101 401 104 HOH HOH A . 
E 5 HOH 102 402 105 HOH HOH A . 
E 5 HOH 103 403 106 HOH HOH A . 
E 5 HOH 104 404 107 HOH HOH A . 
E 5 HOH 105 405 108 HOH HOH A . 
E 5 HOH 106 406 109 HOH HOH A . 
E 5 HOH 107 407 110 HOH HOH A . 
E 5 HOH 108 408 111 HOH HOH A . 
E 5 HOH 109 409 112 HOH HOH A . 
E 5 HOH 110 410 113 HOH HOH A . 
E 5 HOH 111 411 114 HOH HOH A . 
E 5 HOH 112 412 115 HOH HOH A . 
E 5 HOH 113 413 116 HOH HOH A . 
E 5 HOH 114 414 117 HOH HOH A . 
E 5 HOH 115 415 118 HOH HOH A . 
E 5 HOH 116 416 119 HOH HOH A . 
E 5 HOH 117 417 120 HOH HOH A . 
E 5 HOH 118 418 121 HOH HOH A . 
E 5 HOH 119 419 122 HOH HOH A . 
E 5 HOH 120 420 123 HOH HOH A . 
E 5 HOH 121 421 124 HOH HOH A . 
E 5 HOH 122 422 125 HOH HOH A . 
E 5 HOH 123 423 126 HOH HOH A . 
E 5 HOH 124 424 127 HOH HOH A . 
E 5 HOH 125 425 128 HOH HOH A . 
E 5 HOH 126 426 129 HOH HOH A . 
E 5 HOH 127 427 130 HOH HOH A . 
E 5 HOH 128 428 131 HOH HOH A . 
E 5 HOH 129 429 132 HOH HOH A . 
E 5 HOH 130 430 133 HOH HOH A . 
E 5 HOH 131 431 134 HOH HOH A . 
E 5 HOH 132 432 135 HOH HOH A . 
E 5 HOH 133 433 137 HOH HOH A . 
E 5 HOH 134 434 138 HOH HOH A . 
E 5 HOH 135 435 139 HOH HOH A . 
E 5 HOH 136 436 140 HOH HOH A . 
E 5 HOH 137 437 141 HOH HOH A . 
E 5 HOH 138 438 142 HOH HOH A . 
E 5 HOH 139 439 143 HOH HOH A . 
E 5 HOH 140 440 144 HOH HOH A . 
E 5 HOH 141 441 145 HOH HOH A . 
E 5 HOH 142 442 146 HOH HOH A . 
E 5 HOH 143 443 147 HOH HOH A . 
E 5 HOH 144 444 148 HOH HOH A . 
E 5 HOH 145 445 149 HOH HOH A . 
E 5 HOH 146 446 150 HOH HOH A . 
E 5 HOH 147 447 151 HOH HOH A . 
E 5 HOH 148 448 152 HOH HOH A . 
E 5 HOH 149 449 153 HOH HOH A . 
E 5 HOH 150 450 154 HOH HOH A . 
E 5 HOH 151 451 155 HOH HOH A . 
E 5 HOH 152 452 156 HOH HOH A . 
E 5 HOH 153 453 157 HOH HOH A . 
E 5 HOH 154 454 158 HOH HOH A . 
E 5 HOH 155 455 159 HOH HOH A . 
E 5 HOH 156 456 160 HOH HOH A . 
E 5 HOH 157 457 161 HOH HOH A . 
E 5 HOH 158 458 162 HOH HOH A . 
E 5 HOH 159 459 163 HOH HOH A . 
E 5 HOH 160 460 164 HOH HOH A . 
E 5 HOH 161 461 165 HOH HOH A . 
E 5 HOH 162 462 166 HOH HOH A . 
E 5 HOH 163 463 167 HOH HOH A . 
E 5 HOH 164 464 168 HOH HOH A . 
E 5 HOH 165 465 169 HOH HOH A . 
E 5 HOH 166 466 170 HOH HOH A . 
E 5 HOH 167 467 171 HOH HOH A . 
E 5 HOH 168 468 172 HOH HOH A . 
E 5 HOH 169 469 173 HOH HOH A . 
E 5 HOH 170 470 174 HOH HOH A . 
E 5 HOH 171 471 175 HOH HOH A . 
E 5 HOH 172 472 176 HOH HOH A . 
E 5 HOH 173 473 177 HOH HOH A . 
E 5 HOH 174 474 178 HOH HOH A . 
E 5 HOH 175 475 179 HOH HOH A . 
E 5 HOH 176 476 180 HOH HOH A . 
E 5 HOH 177 477 181 HOH HOH A . 
E 5 HOH 178 478 182 HOH HOH A . 
E 5 HOH 179 479 183 HOH HOH A . 
E 5 HOH 180 480 184 HOH HOH A . 
E 5 HOH 181 481 185 HOH HOH A . 
E 5 HOH 182 482 186 HOH HOH A . 
E 5 HOH 183 483 187 HOH HOH A . 
E 5 HOH 184 484 188 HOH HOH A . 
E 5 HOH 185 485 189 HOH HOH A . 
E 5 HOH 186 486 190 HOH HOH A . 
E 5 HOH 187 487 191 HOH HOH A . 
E 5 HOH 188 488 192 HOH HOH A . 
E 5 HOH 189 489 193 HOH HOH A . 
E 5 HOH 190 490 194 HOH HOH A . 
E 5 HOH 191 491 195 HOH HOH A . 
E 5 HOH 192 492 196 HOH HOH A . 
E 5 HOH 193 493 197 HOH HOH A . 
E 5 HOH 194 494 198 HOH HOH A . 
E 5 HOH 195 495 199 HOH HOH A . 
E 5 HOH 196 496 200 HOH HOH A . 
E 5 HOH 197 497 201 HOH HOH A . 
E 5 HOH 198 498 202 HOH HOH A . 
E 5 HOH 199 499 203 HOH HOH A . 
E 5 HOH 200 500 205 HOH HOH A . 
E 5 HOH 201 501 206 HOH HOH A . 
E 5 HOH 202 502 207 HOH HOH A . 
E 5 HOH 203 503 208 HOH HOH A . 
E 5 HOH 204 504 209 HOH HOH A . 
E 5 HOH 205 505 210 HOH HOH A . 
E 5 HOH 206 506 211 HOH HOH A . 
E 5 HOH 207 507 212 HOH HOH A . 
E 5 HOH 208 508 213 HOH HOH A . 
E 5 HOH 209 509 214 HOH HOH A . 
E 5 HOH 210 510 215 HOH HOH A . 
E 5 HOH 211 511 216 HOH HOH A . 
E 5 HOH 212 512 217 HOH HOH A . 
E 5 HOH 213 513 218 HOH HOH A . 
E 5 HOH 214 514 219 HOH HOH A . 
E 5 HOH 215 515 220 HOH HOH A . 
E 5 HOH 216 516 221 HOH HOH A . 
E 5 HOH 217 517 222 HOH HOH A . 
E 5 HOH 218 518 223 HOH HOH A . 
E 5 HOH 219 519 225 HOH HOH A . 
E 5 HOH 220 520 226 HOH HOH A . 
E 5 HOH 221 521 227 HOH HOH A . 
E 5 HOH 222 522 228 HOH HOH A . 
E 5 HOH 223 523 229 HOH HOH A . 
E 5 HOH 224 524 230 HOH HOH A . 
E 5 HOH 225 525 231 HOH HOH A . 
E 5 HOH 226 526 232 HOH HOH A . 
E 5 HOH 227 527 233 HOH HOH A . 
# 
loop_
_software.name 
_software.classification 
_software.version 
_software.citation_id 
_software.pdbx_ordinal 
'PROTEUM PLUS' 'data collection' PLUS                          ? 1 
PHENIX         'model building'  .                             ? 2 
PHENIX         refinement        '(phenix.refine: 1.8.4_1496)' ? 3 
HKL-2000       'data reduction'  .                             ? 4 
HKL-2000       'data scaling'    .                             ? 5 
PHENIX         phasing           .                             ? 6 
# 
_cell.entry_id           4Q02 
_cell.length_a           39.193 
_cell.length_b           40.931 
_cell.length_c           92.695 
_cell.angle_alpha        90.00 
_cell.angle_beta         90.00 
_cell.angle_gamma        90.00 
_cell.Z_PDB              4 
_cell.pdbx_unique_axis   ? 
_cell.length_a_esd       ? 
_cell.length_b_esd       ? 
_cell.length_c_esd       ? 
_cell.angle_alpha_esd    ? 
_cell.angle_beta_esd     ? 
_cell.angle_gamma_esd    ? 
# 
_symmetry.entry_id                         4Q02 
_symmetry.space_group_name_H-M             'P 21 21 21' 
_symmetry.pdbx_full_space_group_name_H-M   ? 
_symmetry.cell_setting                     ? 
_symmetry.Int_Tables_number                19 
_symmetry.space_group_name_Hall            ? 
# 
_exptl.entry_id          4Q02 
_exptl.method            'X-RAY DIFFRACTION' 
_exptl.crystals_number   1 
# 
_exptl_crystal.id                    1 
_exptl_crystal.density_meas          ? 
_exptl_crystal.density_Matthews      1.92 
_exptl_crystal.density_percent_sol   35.91 
_exptl_crystal.description           ? 
_exptl_crystal.F_000                 ? 
_exptl_crystal.preparation           ? 
# 
_exptl_crystal_grow.crystal_id      1 
_exptl_crystal_grow.method          'VAPOR DIFFUSION, HANGING DROP' 
_exptl_crystal_grow.temp            293 
_exptl_crystal_grow.temp_details    ? 
_exptl_crystal_grow.pH              5.0 
_exptl_crystal_grow.pdbx_pH_range   ? 
_exptl_crystal_grow.pdbx_details    '28% PEG 4000, 0.1 M sodium acetate, pH 5.0, VAPOR DIFFUSION, HANGING DROP, temperature 293K' 
# 
_diffrn.id                     1 
_diffrn.ambient_temp           100 
_diffrn.ambient_temp_details   ? 
_diffrn.crystal_id             1 
# 
_diffrn_detector.diffrn_id              1 
_diffrn_detector.detector               CCD 
_diffrn_detector.type                   'Bruker Platinum 135' 
_diffrn_detector.pdbx_collection_date   2012-09-01 
_diffrn_detector.details                ? 
# 
_diffrn_radiation.diffrn_id                        1 
_diffrn_radiation.wavelength_id                    1 
_diffrn_radiation.pdbx_monochromatic_or_laue_m_l   M 
_diffrn_radiation.monochromator                    ? 
_diffrn_radiation.pdbx_diffrn_protocol             'SINGLE WAVELENGTH' 
_diffrn_radiation.pdbx_scattering_type             x-ray 
# 
_diffrn_radiation_wavelength.id           1 
_diffrn_radiation_wavelength.wavelength   1.5418 
_diffrn_radiation_wavelength.wt           1.0 
# 
_diffrn_source.diffrn_id                   1 
_diffrn_source.source                      'ROTATING ANODE' 
_diffrn_source.type                        'BRUKER AXS MICROSTAR' 
_diffrn_source.pdbx_synchrotron_site       ? 
_diffrn_source.pdbx_synchrotron_beamline   ? 
_diffrn_source.pdbx_wavelength             ? 
_diffrn_source.pdbx_wavelength_list        1.5418 
# 
_reflns.pdbx_diffrn_id               1 
_reflns.pdbx_ordinal                 1 
_reflns.entry_id                     4Q02 
_reflns.observed_criterion_sigma_I   -3 
_reflns.observed_criterion_sigma_F   0 
_reflns.d_resolution_low             30.68 
_reflns.d_resolution_high            1.70 
_reflns.number_obs                   16339 
_reflns.number_all                   16347 
_reflns.percent_possible_obs         96.5 
_reflns.pdbx_Rmerge_I_obs            ? 
_reflns.pdbx_Rsym_value              ? 
_reflns.pdbx_netI_over_sigmaI        ? 
_reflns.B_iso_Wilson_estimate        ? 
_reflns.pdbx_redundancy              ? 
_reflns.R_free_details               ? 
_reflns.limit_h_max                  ? 
_reflns.limit_h_min                  ? 
_reflns.limit_k_max                  ? 
_reflns.limit_k_min                  ? 
_reflns.limit_l_max                  ? 
_reflns.limit_l_min                  ? 
_reflns.observed_criterion_F_max     ? 
_reflns.observed_criterion_F_min     ? 
_reflns.pdbx_chi_squared             ? 
_reflns.pdbx_scaling_rejects         ? 
# 
_reflns_shell.pdbx_diffrn_id         1 
_reflns_shell.pdbx_ordinal           1 
_reflns_shell.d_res_high             1.70 
_reflns_shell.d_res_low              1.76 
_reflns_shell.percent_possible_all   62.7 
_reflns_shell.Rmerge_I_obs           ? 
_reflns_shell.pdbx_Rsym_value        ? 
_reflns_shell.meanI_over_sigI_obs    ? 
_reflns_shell.pdbx_redundancy        ? 
_reflns_shell.percent_possible_obs   ? 
_reflns_shell.number_unique_all      ? 
_reflns_shell.number_measured_all    ? 
_reflns_shell.number_measured_obs    ? 
_reflns_shell.number_unique_obs      ? 
_reflns_shell.pdbx_chi_squared       ? 
# 
_refine.pdbx_refine_id                           'X-RAY DIFFRACTION' 
_refine.entry_id                                 4Q02 
_refine.pdbx_diffrn_id                           1 
_refine.pdbx_TLS_residual_ADP_flag               ? 
_refine.ls_number_reflns_obs                     16339 
_refine.ls_number_reflns_all                     16347 
_refine.pdbx_ls_sigma_I                          ? 
_refine.pdbx_ls_sigma_F                          1.34 
_refine.pdbx_data_cutoff_high_absF               ? 
_refine.pdbx_data_cutoff_low_absF                ? 
_refine.pdbx_data_cutoff_high_rms_absF           ? 
_refine.ls_d_res_low                             30.680 
_refine.ls_d_res_high                            1.702 
_refine.ls_percent_reflns_obs                    96.32 
_refine.ls_R_factor_obs                          0.1627 
_refine.ls_R_factor_all                          ? 
_refine.ls_R_factor_R_work                       0.1609 
_refine.ls_R_factor_R_free                       0.1960 
_refine.ls_R_factor_R_free_error                 ? 
_refine.ls_R_factor_R_free_error_details         ? 
_refine.ls_percent_reflns_R_free                 5.11 
_refine.ls_number_reflns_R_free                  835 
_refine.ls_number_parameters                     ? 
_refine.ls_number_restraints                     ? 
_refine.occupancy_min                            ? 
_refine.occupancy_max                            ? 
_refine.correlation_coeff_Fo_to_Fc               ? 
_refine.correlation_coeff_Fo_to_Fc_free          ? 
_refine.B_iso_mean                               ? 
_refine.aniso_B[1][1]                            ? 
_refine.aniso_B[2][2]                            ? 
_refine.aniso_B[3][3]                            ? 
_refine.aniso_B[1][2]                            ? 
_refine.aniso_B[1][3]                            ? 
_refine.aniso_B[2][3]                            ? 
_refine.solvent_model_details                    'FLAT BULK SOLVENT MODEL' 
_refine.solvent_model_param_ksol                 ? 
_refine.solvent_model_param_bsol                 ? 
_refine.pdbx_solvent_vdw_probe_radii             1.11 
_refine.pdbx_solvent_ion_probe_radii             ? 
_refine.pdbx_solvent_shrinkage_radii             0.90 
_refine.pdbx_ls_cross_valid_method               ? 
_refine.details                                  ? 
_refine.pdbx_starting_model                      ? 
_refine.pdbx_method_to_determine_struct          'MOLECULAR REPLACEMENT' 
_refine.pdbx_isotropic_thermal_model             ? 
_refine.pdbx_stereochemistry_target_values       ML 
_refine.pdbx_stereochem_target_val_spec_case     ? 
_refine.pdbx_R_Free_selection_details            ? 
_refine.pdbx_overall_ESU_R                       ? 
_refine.pdbx_overall_ESU_R_Free                  ? 
_refine.overall_SU_ML                            0.14 
_refine.pdbx_overall_phase_error                 19.67 
_refine.overall_SU_B                             ? 
_refine.overall_SU_R_Cruickshank_DPI             ? 
_refine.pdbx_overall_SU_R_free_Cruickshank_DPI   ? 
_refine.pdbx_overall_SU_R_Blow_DPI               ? 
_refine.pdbx_overall_SU_R_free_Blow_DPI          ? 
_refine.ls_redundancy_reflns_obs                 ? 
_refine.B_iso_min                                ? 
_refine.B_iso_max                                ? 
_refine.overall_SU_R_free                        ? 
_refine.ls_wR_factor_R_free                      ? 
_refine.ls_wR_factor_R_work                      ? 
_refine.overall_FOM_free_R_set                   ? 
_refine.overall_FOM_work_R_set                   ? 
# 
_refine_hist.pdbx_refine_id                   'X-RAY DIFFRACTION' 
_refine_hist.cycle_id                         LAST 
_refine_hist.pdbx_number_atoms_protein        1358 
_refine_hist.pdbx_number_atoms_nucleic_acid   0 
_refine_hist.pdbx_number_atoms_ligand         38 
_refine_hist.number_atoms_solvent             227 
_refine_hist.number_atoms_total               1623 
_refine_hist.d_res_high                       1.702 
_refine_hist.d_res_low                        30.680 
# 
loop_
_refine_ls_restr.type 
_refine_ls_restr.dev_ideal 
_refine_ls_restr.dev_ideal_target 
_refine_ls_restr.weight 
_refine_ls_restr.number 
_refine_ls_restr.pdbx_refine_id 
_refine_ls_restr.pdbx_restraint_function 
f_bond_d           0.008  ? ? 1419 'X-RAY DIFFRACTION' ? 
f_angle_d          1.151  ? ? 1921 'X-RAY DIFFRACTION' ? 
f_dihedral_angle_d 15.791 ? ? 534  'X-RAY DIFFRACTION' ? 
f_chiral_restr     0.045  ? ? 213  'X-RAY DIFFRACTION' ? 
f_plane_restr      0.004  ? ? 245  'X-RAY DIFFRACTION' ? 
# 
loop_
_refine_ls_shell.pdbx_refine_id 
_refine_ls_shell.pdbx_total_number_of_bins_used 
_refine_ls_shell.d_res_high 
_refine_ls_shell.d_res_low 
_refine_ls_shell.number_reflns_R_work 
_refine_ls_shell.R_factor_R_work 
_refine_ls_shell.percent_reflns_obs 
_refine_ls_shell.R_factor_R_free 
_refine_ls_shell.R_factor_R_free_error 
_refine_ls_shell.percent_reflns_R_free 
_refine_ls_shell.number_reflns_R_free 
_refine_ls_shell.number_reflns_all 
_refine_ls_shell.R_factor_all 
_refine_ls_shell.redundancy_reflns_obs 
_refine_ls_shell.number_reflns_obs 
'X-RAY DIFFRACTION' . 1.7025 1.8091  2060 0.1728 79.00  0.2562 . . 121 . . . . 
'X-RAY DIFFRACTION' . 1.8091 1.9488  2637 0.1837 99.00  0.2456 . . 115 . . . . 
'X-RAY DIFFRACTION' . 1.9488 2.1448  2638 0.1663 100.00 0.2000 . . 140 . . . . 
'X-RAY DIFFRACTION' . 2.1448 2.4551  2641 0.1677 100.00 0.2059 . . 173 . . . . 
'X-RAY DIFFRACTION' . 2.4551 3.0927  2681 0.1682 100.00 0.2247 . . 146 . . . . 
'X-RAY DIFFRACTION' . 3.0927 30.6847 2847 0.1441 100.00 0.1515 . . 140 . . . . 
# 
_struct.entry_id                  4Q02 
_struct.title                     'Second-site screening of K-Ras in the presence of covalently attached first-site ligands' 
_struct.pdbx_model_details        ? 
_struct.pdbx_CASP_flag            ? 
_struct.pdbx_model_type_details   ? 
# 
_struct_keywords.entry_id        4Q02 
_struct_keywords.pdbx_keywords   HYDROLASE 
_struct_keywords.text            'small GTPase, signaling transduction, Sos, Raf, cytosol, HYDROLASE' 
# 
loop_
_struct_asym.id 
_struct_asym.pdbx_blank_PDB_chainid_flag 
_struct_asym.pdbx_modified 
_struct_asym.entity_id 
_struct_asym.details 
A N N 1 ? 
B N N 2 ? 
C N N 3 ? 
D N N 4 ? 
E N N 5 ? 
# 
_struct_ref.id                         1 
_struct_ref.db_name                    UNP 
_struct_ref.db_code                    RASK_HUMAN 
_struct_ref.pdbx_db_accession          P01116 
_struct_ref.entity_id                  1 
_struct_ref.pdbx_seq_one_letter_code   
;MTEYKLVVVGAGGVGKSALTIQLIQNHFVDEYDPTIEDSYRKQVVIDGETCLLDILDTAGQEEYSAMRDQYMRTGEGFLC
VFAINNTKSFEDIHHYREQIKRVKDSEDVPMVLVGNKCDLPSRTVDTKQAQDLARSYGIPFIETSAKTRQGVDDAFYTLV
REIRKHKEKSKTKCVIM
;
_struct_ref.pdbx_align_begin           1 
_struct_ref.pdbx_db_isoform            ? 
# 
_struct_ref_seq.align_id                      1 
_struct_ref_seq.ref_id                        1 
_struct_ref_seq.pdbx_PDB_id_code              4Q02 
_struct_ref_seq.pdbx_strand_id                A 
_struct_ref_seq.seq_align_beg                 2 
_struct_ref_seq.pdbx_seq_align_beg_ins_code   ? 
_struct_ref_seq.seq_align_end                 170 
_struct_ref_seq.pdbx_seq_align_end_ins_code   ? 
_struct_ref_seq.pdbx_db_accession             P01116 
_struct_ref_seq.db_align_beg                  1 
_struct_ref_seq.pdbx_db_align_beg_ins_code    ? 
_struct_ref_seq.db_align_end                  169 
_struct_ref_seq.pdbx_db_align_end_ins_code    ? 
_struct_ref_seq.pdbx_auth_seq_align_beg       1 
_struct_ref_seq.pdbx_auth_seq_align_end       169 
# 
loop_
_struct_ref_seq_dif.align_id 
_struct_ref_seq_dif.pdbx_pdb_id_code 
_struct_ref_seq_dif.mon_id 
_struct_ref_seq_dif.pdbx_pdb_strand_id 
_struct_ref_seq_dif.seq_num 
_struct_ref_seq_dif.pdbx_pdb_ins_code 
_struct_ref_seq_dif.pdbx_seq_db_name 
_struct_ref_seq_dif.pdbx_seq_db_accession_code 
_struct_ref_seq_dif.db_mon_id 
_struct_ref_seq_dif.pdbx_seq_db_seq_num 
_struct_ref_seq_dif.details 
_struct_ref_seq_dif.pdbx_auth_seq_num 
_struct_ref_seq_dif.pdbx_ordinal 
1 4Q02 GLY A 1   ? UNP P01116 ?   ?   'expression tag'      0   1 
1 4Q02 VAL A 13  ? UNP P01116 GLY 12  'engineered mutation' 12  2 
1 4Q02 CYS A 40  ? UNP P01116 SER 39  'engineered mutation' 39  3 
1 4Q02 SER A 119 ? UNP P01116 CYS 118 'engineered mutation' 118 4 
# 
_pdbx_struct_assembly.id                   1 
_pdbx_struct_assembly.details              author_and_software_defined_assembly 
_pdbx_struct_assembly.method_details       PISA 
_pdbx_struct_assembly.oligomeric_details   monomeric 
_pdbx_struct_assembly.oligomeric_count     1 
# 
_pdbx_struct_assembly_gen.assembly_id       1 
_pdbx_struct_assembly_gen.oper_expression   1 
_pdbx_struct_assembly_gen.asym_id_list      A,B,C,D,E 
# 
_pdbx_struct_oper_list.id                   1 
_pdbx_struct_oper_list.type                 'identity operation' 
_pdbx_struct_oper_list.name                 1_555 
_pdbx_struct_oper_list.symmetry_operation   x,y,z 
_pdbx_struct_oper_list.matrix[1][1]         1.0000000000 
_pdbx_struct_oper_list.matrix[1][2]         0.0000000000 
_pdbx_struct_oper_list.matrix[1][3]         0.0000000000 
_pdbx_struct_oper_list.vector[1]            0.0000000000 
_pdbx_struct_oper_list.matrix[2][1]         0.0000000000 
_pdbx_struct_oper_list.matrix[2][2]         1.0000000000 
_pdbx_struct_oper_list.matrix[2][3]         0.0000000000 
_pdbx_struct_oper_list.vector[2]            0.0000000000 
_pdbx_struct_oper_list.matrix[3][1]         0.0000000000 
_pdbx_struct_oper_list.matrix[3][2]         0.0000000000 
_pdbx_struct_oper_list.matrix[3][3]         1.0000000000 
_pdbx_struct_oper_list.vector[3]            0.0000000000 
# 
_struct_biol.id        1 
_struct_biol.details   ? 
# 
loop_
_struct_conf.conf_type_id 
_struct_conf.id 
_struct_conf.pdbx_PDB_helix_id 
_struct_conf.beg_label_comp_id 
_struct_conf.beg_label_asym_id 
_struct_conf.beg_label_seq_id 
_struct_conf.pdbx_beg_PDB_ins_code 
_struct_conf.end_label_comp_id 
_struct_conf.end_label_asym_id 
_struct_conf.end_label_seq_id 
_struct_conf.pdbx_end_PDB_ins_code 
_struct_conf.beg_auth_comp_id 
_struct_conf.beg_auth_asym_id 
_struct_conf.beg_auth_seq_id 
_struct_conf.end_auth_comp_id 
_struct_conf.end_auth_asym_id 
_struct_conf.end_auth_seq_id 
_struct_conf.pdbx_PDB_helix_class 
_struct_conf.details 
_struct_conf.pdbx_PDB_helix_length 
HELX_P HELX_P1 1 GLY A 16  ? ASN A 27  ? GLY A 15  ASN A 26  1 ? 12 
HELX_P HELX_P2 2 TYR A 65  ? GLY A 76  ? TYR A 64  GLY A 75  1 ? 12 
HELX_P HELX_P3 3 ASN A 87  ? ASP A 93  ? ASN A 86  ASP A 92  1 ? 7  
HELX_P HELX_P4 4 ASP A 93  ? ASP A 106 ? ASP A 92  ASP A 105 1 ? 14 
HELX_P HELX_P5 5 ASP A 127 ? GLY A 139 ? ASP A 126 GLY A 138 1 ? 13 
HELX_P HELX_P6 6 GLY A 152 ? GLU A 169 ? GLY A 151 GLU A 168 1 ? 18 
# 
_struct_conf_type.id          HELX_P 
_struct_conf_type.criteria    ? 
_struct_conf_type.reference   ? 
# 
loop_
_struct_conn.id 
_struct_conn.conn_type_id 
_struct_conn.pdbx_leaving_atom_flag 
_struct_conn.pdbx_PDB_id 
_struct_conn.ptnr1_label_asym_id 
_struct_conn.ptnr1_label_comp_id 
_struct_conn.ptnr1_label_seq_id 
_struct_conn.ptnr1_label_atom_id 
_struct_conn.pdbx_ptnr1_label_alt_id 
_struct_conn.pdbx_ptnr1_PDB_ins_code 
_struct_conn.pdbx_ptnr1_standard_comp_id 
_struct_conn.ptnr1_symmetry 
_struct_conn.ptnr2_label_asym_id 
_struct_conn.ptnr2_label_comp_id 
_struct_conn.ptnr2_label_seq_id 
_struct_conn.ptnr2_label_atom_id 
_struct_conn.pdbx_ptnr2_label_alt_id 
_struct_conn.pdbx_ptnr2_PDB_ins_code 
_struct_conn.ptnr1_auth_asym_id 
_struct_conn.ptnr1_auth_comp_id 
_struct_conn.ptnr1_auth_seq_id 
_struct_conn.ptnr2_auth_asym_id 
_struct_conn.ptnr2_auth_comp_id 
_struct_conn.ptnr2_auth_seq_id 
_struct_conn.ptnr2_symmetry 
_struct_conn.pdbx_ptnr3_label_atom_id 
_struct_conn.pdbx_ptnr3_label_seq_id 
_struct_conn.pdbx_ptnr3_label_comp_id 
_struct_conn.pdbx_ptnr3_label_asym_id 
_struct_conn.pdbx_ptnr3_label_alt_id 
_struct_conn.pdbx_ptnr3_PDB_ins_code 
_struct_conn.details 
_struct_conn.pdbx_dist_value 
_struct_conn.pdbx_value_order 
_struct_conn.pdbx_role 
covale1 covale none ? A CYS 40 SG  ? ? ? 1_555 D 2XG . SAG ? ? A CYS 39  A 2XG 203 1_555 ? ? ? ? ? ? ? 2.061 ? ? 
metalc1 metalc ?    ? A SER 18 OG  ? ? ? 1_555 C MG  . MG  ? ? A SER 17  A MG  202 1_555 ? ? ? ? ? ? ? 2.109 ? ? 
metalc2 metalc ?    ? B GDP .  O3B ? ? ? 1_555 C MG  . MG  ? ? A GDP 201 A MG  202 1_555 ? ? ? ? ? ? ? 1.976 ? ? 
metalc3 metalc ?    ? C MG  .  MG  ? ? ? 1_555 E HOH . O   ? ? A MG  202 A HOH 302 1_555 ? ? ? ? ? ? ? 2.029 ? ? 
metalc4 metalc ?    ? C MG  .  MG  ? ? ? 1_555 E HOH . O   ? ? A MG  202 A HOH 304 1_555 ? ? ? ? ? ? ? 2.095 ? ? 
metalc5 metalc ?    ? C MG  .  MG  ? ? ? 1_555 E HOH . O   ? ? A MG  202 A HOH 306 1_555 ? ? ? ? ? ? ? 1.994 ? ? 
metalc6 metalc ?    ? C MG  .  MG  ? ? ? 1_555 E HOH . O   ? ? A MG  202 A HOH 307 1_555 ? ? ? ? ? ? ? 2.108 ? ? 
# 
loop_
_struct_conn_type.id 
_struct_conn_type.criteria 
_struct_conn_type.reference 
covale ? ? 
metalc ? ? 
# 
loop_
_pdbx_struct_conn_angle.id 
_pdbx_struct_conn_angle.ptnr1_label_atom_id 
_pdbx_struct_conn_angle.ptnr1_label_alt_id 
_pdbx_struct_conn_angle.ptnr1_label_asym_id 
_pdbx_struct_conn_angle.ptnr1_label_comp_id 
_pdbx_struct_conn_angle.ptnr1_label_seq_id 
_pdbx_struct_conn_angle.ptnr1_auth_atom_id 
_pdbx_struct_conn_angle.ptnr1_auth_asym_id 
_pdbx_struct_conn_angle.ptnr1_auth_comp_id 
_pdbx_struct_conn_angle.ptnr1_auth_seq_id 
_pdbx_struct_conn_angle.ptnr1_PDB_ins_code 
_pdbx_struct_conn_angle.ptnr1_symmetry 
_pdbx_struct_conn_angle.ptnr2_label_atom_id 
_pdbx_struct_conn_angle.ptnr2_label_alt_id 
_pdbx_struct_conn_angle.ptnr2_label_asym_id 
_pdbx_struct_conn_angle.ptnr2_label_comp_id 
_pdbx_struct_conn_angle.ptnr2_label_seq_id 
_pdbx_struct_conn_angle.ptnr2_auth_atom_id 
_pdbx_struct_conn_angle.ptnr2_auth_asym_id 
_pdbx_struct_conn_angle.ptnr2_auth_comp_id 
_pdbx_struct_conn_angle.ptnr2_auth_seq_id 
_pdbx_struct_conn_angle.ptnr2_PDB_ins_code 
_pdbx_struct_conn_angle.ptnr2_symmetry 
_pdbx_struct_conn_angle.ptnr3_label_atom_id 
_pdbx_struct_conn_angle.ptnr3_label_alt_id 
_pdbx_struct_conn_angle.ptnr3_label_asym_id 
_pdbx_struct_conn_angle.ptnr3_label_comp_id 
_pdbx_struct_conn_angle.ptnr3_label_seq_id 
_pdbx_struct_conn_angle.ptnr3_auth_atom_id 
_pdbx_struct_conn_angle.ptnr3_auth_asym_id 
_pdbx_struct_conn_angle.ptnr3_auth_comp_id 
_pdbx_struct_conn_angle.ptnr3_auth_seq_id 
_pdbx_struct_conn_angle.ptnr3_PDB_ins_code 
_pdbx_struct_conn_angle.ptnr3_symmetry 
_pdbx_struct_conn_angle.value 
_pdbx_struct_conn_angle.value_esd 
1  OG  ? A SER 18 ? A SER 17  ? 1_555 MG ? C MG . ? A MG 202 ? 1_555 O3B ? B GDP . ? A GDP 201 ? 1_555 91.0  ? 
2  OG  ? A SER 18 ? A SER 17  ? 1_555 MG ? C MG . ? A MG 202 ? 1_555 O   ? E HOH . ? A HOH 302 ? 1_555 89.4  ? 
3  O3B ? B GDP .  ? A GDP 201 ? 1_555 MG ? C MG . ? A MG 202 ? 1_555 O   ? E HOH . ? A HOH 302 ? 1_555 89.0  ? 
4  OG  ? A SER 18 ? A SER 17  ? 1_555 MG ? C MG . ? A MG 202 ? 1_555 O   ? E HOH . ? A HOH 304 ? 1_555 84.5  ? 
5  O3B ? B GDP .  ? A GDP 201 ? 1_555 MG ? C MG . ? A MG 202 ? 1_555 O   ? E HOH . ? A HOH 304 ? 1_555 94.8  ? 
6  O   ? E HOH .  ? A HOH 302 ? 1_555 MG ? C MG . ? A MG 202 ? 1_555 O   ? E HOH . ? A HOH 304 ? 1_555 172.9 ? 
7  OG  ? A SER 18 ? A SER 17  ? 1_555 MG ? C MG . ? A MG 202 ? 1_555 O   ? E HOH . ? A HOH 306 ? 1_555 169.5 ? 
8  O3B ? B GDP .  ? A GDP 201 ? 1_555 MG ? C MG . ? A MG 202 ? 1_555 O   ? E HOH . ? A HOH 306 ? 1_555 89.1  ? 
9  O   ? E HOH .  ? A HOH 302 ? 1_555 MG ? C MG . ? A MG 202 ? 1_555 O   ? E HOH . ? A HOH 306 ? 1_555 101.1 ? 
10 O   ? E HOH .  ? A HOH 304 ? 1_555 MG ? C MG . ? A MG 202 ? 1_555 O   ? E HOH . ? A HOH 306 ? 1_555 85.0  ? 
11 OG  ? A SER 18 ? A SER 17  ? 1_555 MG ? C MG . ? A MG 202 ? 1_555 O   ? E HOH . ? A HOH 307 ? 1_555 91.9  ? 
12 O3B ? B GDP .  ? A GDP 201 ? 1_555 MG ? C MG . ? A MG 202 ? 1_555 O   ? E HOH . ? A HOH 307 ? 1_555 172.9 ? 
13 O   ? E HOH .  ? A HOH 302 ? 1_555 MG ? C MG . ? A MG 202 ? 1_555 O   ? E HOH . ? A HOH 307 ? 1_555 84.5  ? 
14 O   ? E HOH .  ? A HOH 304 ? 1_555 MG ? C MG . ? A MG 202 ? 1_555 O   ? E HOH . ? A HOH 307 ? 1_555 92.0  ? 
15 O   ? E HOH .  ? A HOH 306 ? 1_555 MG ? C MG . ? A MG 202 ? 1_555 O   ? E HOH . ? A HOH 307 ? 1_555 89.3  ? 
# 
_pdbx_modification_feature.ordinal                            1 
_pdbx_modification_feature.label_comp_id                      2XG 
_pdbx_modification_feature.label_asym_id                      D 
_pdbx_modification_feature.label_seq_id                       . 
_pdbx_modification_feature.label_alt_id                       ? 
_pdbx_modification_feature.modified_residue_label_comp_id     CYS 
_pdbx_modification_feature.modified_residue_label_asym_id     A 
_pdbx_modification_feature.modified_residue_label_seq_id      40 
_pdbx_modification_feature.modified_residue_label_alt_id      ? 
_pdbx_modification_feature.auth_comp_id                       2XG 
_pdbx_modification_feature.auth_asym_id                       A 
_pdbx_modification_feature.auth_seq_id                        203 
_pdbx_modification_feature.PDB_ins_code                       ? 
_pdbx_modification_feature.symmetry                           1_555 
_pdbx_modification_feature.modified_residue_auth_comp_id      CYS 
_pdbx_modification_feature.modified_residue_auth_asym_id      A 
_pdbx_modification_feature.modified_residue_auth_seq_id       39 
_pdbx_modification_feature.modified_residue_PDB_ins_code      ? 
_pdbx_modification_feature.modified_residue_symmetry          1_555 
_pdbx_modification_feature.comp_id_linking_atom               SAG 
_pdbx_modification_feature.modified_residue_id_linking_atom   SG 
_pdbx_modification_feature.modified_residue_id                CYS 
_pdbx_modification_feature.ref_pcm_id                         1 
_pdbx_modification_feature.ref_comp_id                        2XG 
_pdbx_modification_feature.type                               None 
_pdbx_modification_feature.category                           'Covalent chemical modification' 
# 
_struct_sheet.id               A 
_struct_sheet.type             ? 
_struct_sheet.number_strands   6 
_struct_sheet.details          ? 
# 
loop_
_struct_sheet_order.sheet_id 
_struct_sheet_order.range_id_1 
_struct_sheet_order.range_id_2 
_struct_sheet_order.offset 
_struct_sheet_order.sense 
A 1 2 ? anti-parallel 
A 2 3 ? parallel      
A 3 4 ? parallel      
A 4 5 ? parallel      
A 5 6 ? parallel      
# 
loop_
_struct_sheet_range.sheet_id 
_struct_sheet_range.id 
_struct_sheet_range.beg_label_comp_id 
_struct_sheet_range.beg_label_asym_id 
_struct_sheet_range.beg_label_seq_id 
_struct_sheet_range.pdbx_beg_PDB_ins_code 
_struct_sheet_range.end_label_comp_id 
_struct_sheet_range.end_label_asym_id 
_struct_sheet_range.end_label_seq_id 
_struct_sheet_range.pdbx_end_PDB_ins_code 
_struct_sheet_range.beg_auth_comp_id 
_struct_sheet_range.beg_auth_asym_id 
_struct_sheet_range.beg_auth_seq_id 
_struct_sheet_range.end_auth_comp_id 
_struct_sheet_range.end_auth_asym_id 
_struct_sheet_range.end_auth_seq_id 
A 1 ASP A 39  ? ILE A 47  ? ASP A 38  ILE A 46  
A 2 GLU A 50  ? ASP A 58  ? GLU A 49  ASP A 57  
A 3 THR A 3   ? VAL A 10  ? THR A 2   VAL A 9   
A 4 GLY A 78  ? ALA A 84  ? GLY A 77  ALA A 83  
A 5 MET A 112 ? ASN A 117 ? MET A 111 ASN A 116 
A 6 PHE A 142 ? GLU A 144 ? PHE A 141 GLU A 143 
# 
loop_
_pdbx_struct_sheet_hbond.sheet_id 
_pdbx_struct_sheet_hbond.range_id_1 
_pdbx_struct_sheet_hbond.range_id_2 
_pdbx_struct_sheet_hbond.range_1_label_atom_id 
_pdbx_struct_sheet_hbond.range_1_label_comp_id 
_pdbx_struct_sheet_hbond.range_1_label_asym_id 
_pdbx_struct_sheet_hbond.range_1_label_seq_id 
_pdbx_struct_sheet_hbond.range_1_PDB_ins_code 
_pdbx_struct_sheet_hbond.range_1_auth_atom_id 
_pdbx_struct_sheet_hbond.range_1_auth_comp_id 
_pdbx_struct_sheet_hbond.range_1_auth_asym_id 
_pdbx_struct_sheet_hbond.range_1_auth_seq_id 
_pdbx_struct_sheet_hbond.range_2_label_atom_id 
_pdbx_struct_sheet_hbond.range_2_label_comp_id 
_pdbx_struct_sheet_hbond.range_2_label_asym_id 
_pdbx_struct_sheet_hbond.range_2_label_seq_id 
_pdbx_struct_sheet_hbond.range_2_PDB_ins_code 
_pdbx_struct_sheet_hbond.range_2_auth_atom_id 
_pdbx_struct_sheet_hbond.range_2_auth_comp_id 
_pdbx_struct_sheet_hbond.range_2_auth_asym_id 
_pdbx_struct_sheet_hbond.range_2_auth_seq_id 
A 1 2 N TYR A 41  ? N TYR A 40  O ILE A 56  ? O ILE A 55  
A 2 3 O ASP A 55  ? O ASP A 54  N LEU A 7   ? N LEU A 6   
A 3 4 N VAL A 10  ? N VAL A 9   O LEU A 80  ? O LEU A 79  
A 4 5 N PHE A 83  ? N PHE A 82  O ASN A 117 ? O ASN A 116 
A 5 6 N LEU A 114 ? N LEU A 113 O ILE A 143 ? O ILE A 142 
# 
loop_
_struct_site.id 
_struct_site.pdbx_evidence_code 
_struct_site.pdbx_auth_asym_id 
_struct_site.pdbx_auth_comp_id 
_struct_site.pdbx_auth_seq_id 
_struct_site.pdbx_auth_ins_code 
_struct_site.pdbx_num_residues 
_struct_site.details 
AC1 Software A GDP 201 ? 25 'BINDING SITE FOR RESIDUE GDP A 201' 
AC2 Software A MG  202 ? 6  'BINDING SITE FOR RESIDUE MG A 202'  
AC3 Software A 2XG 203 ? 10 'BINDING SITE FOR RESIDUE 2XG A 203' 
# 
loop_
_struct_site_gen.id 
_struct_site_gen.site_id 
_struct_site_gen.pdbx_num_res 
_struct_site_gen.label_comp_id 
_struct_site_gen.label_asym_id 
_struct_site_gen.label_seq_id 
_struct_site_gen.pdbx_auth_ins_code 
_struct_site_gen.auth_comp_id 
_struct_site_gen.auth_asym_id 
_struct_site_gen.auth_seq_id 
_struct_site_gen.label_atom_id 
_struct_site_gen.label_alt_id 
_struct_site_gen.symmetry 
_struct_site_gen.details 
1  AC1 25 GLY A 14  ? GLY A 13  . ? 1_555 ? 
2  AC1 25 VAL A 15  ? VAL A 14  . ? 1_555 ? 
3  AC1 25 GLY A 16  ? GLY A 15  . ? 1_555 ? 
4  AC1 25 LYS A 17  ? LYS A 16  . ? 1_555 ? 
5  AC1 25 SER A 18  ? SER A 17  . ? 1_555 ? 
6  AC1 25 ALA A 19  ? ALA A 18  . ? 1_555 ? 
7  AC1 25 PHE A 29  ? PHE A 28  . ? 1_555 ? 
8  AC1 25 VAL A 30  ? VAL A 29  . ? 1_555 ? 
9  AC1 25 ASP A 31  ? ASP A 30  . ? 1_555 ? 
10 AC1 25 ASN A 117 ? ASN A 116 . ? 1_555 ? 
11 AC1 25 LYS A 118 ? LYS A 117 . ? 1_555 ? 
12 AC1 25 ASP A 120 ? ASP A 119 . ? 1_555 ? 
13 AC1 25 LEU A 121 ? LEU A 120 . ? 1_555 ? 
14 AC1 25 SER A 146 ? SER A 145 . ? 1_555 ? 
15 AC1 25 ALA A 147 ? ALA A 146 . ? 1_555 ? 
16 AC1 25 LYS A 148 ? LYS A 147 . ? 1_555 ? 
17 AC1 25 MG  C .   ? MG  A 202 . ? 1_555 ? 
18 AC1 25 HOH E .   ? HOH A 302 . ? 1_555 ? 
19 AC1 25 HOH E .   ? HOH A 304 . ? 1_555 ? 
20 AC1 25 HOH E .   ? HOH A 306 . ? 1_555 ? 
21 AC1 25 HOH E .   ? HOH A 324 . ? 1_555 ? 
22 AC1 25 HOH E .   ? HOH A 359 . ? 1_555 ? 
23 AC1 25 HOH E .   ? HOH A 371 . ? 1_555 ? 
24 AC1 25 HOH E .   ? HOH A 411 . ? 1_555 ? 
25 AC1 25 HOH E .   ? HOH A 439 . ? 1_555 ? 
26 AC2 6  SER A 18  ? SER A 17  . ? 1_555 ? 
27 AC2 6  GDP B .   ? GDP A 201 . ? 1_555 ? 
28 AC2 6  HOH E .   ? HOH A 302 . ? 1_555 ? 
29 AC2 6  HOH E .   ? HOH A 304 . ? 1_555 ? 
30 AC2 6  HOH E .   ? HOH A 306 . ? 1_555 ? 
31 AC2 6  HOH E .   ? HOH A 307 . ? 1_555 ? 
32 AC3 10 LYS A 6   ? LYS A 5   . ? 1_555 ? 
33 AC3 10 LEU A 7   ? LEU A 6   . ? 1_555 ? 
34 AC3 10 VAL A 8   ? VAL A 7   . ? 1_555 ? 
35 AC3 10 CYS A 40  ? CYS A 39  . ? 1_555 ? 
36 AC3 10 ASP A 55  ? ASP A 54  . ? 1_555 ? 
37 AC3 10 ILE A 56  ? ILE A 55  . ? 1_555 ? 
38 AC3 10 LEU A 57  ? LEU A 56  . ? 1_555 ? 
39 AC3 10 TYR A 72  ? TYR A 71  . ? 1_555 ? 
40 AC3 10 THR A 75  ? THR A 74  . ? 1_555 ? 
41 AC3 10 GLY A 76  ? GLY A 75  . ? 1_555 ? 
# 
_pdbx_entry_details.entry_id                   4Q02 
_pdbx_entry_details.compound_details           ? 
_pdbx_entry_details.source_details             ? 
_pdbx_entry_details.nonpolymer_details         ? 
_pdbx_entry_details.sequence_details           ? 
_pdbx_entry_details.has_ligand_of_interest     ? 
_pdbx_entry_details.has_protein_modification   Y 
# 
loop_
_pdbx_validate_close_contact.id 
_pdbx_validate_close_contact.PDB_model_num 
_pdbx_validate_close_contact.auth_atom_id_1 
_pdbx_validate_close_contact.auth_asym_id_1 
_pdbx_validate_close_contact.auth_comp_id_1 
_pdbx_validate_close_contact.auth_seq_id_1 
_pdbx_validate_close_contact.PDB_ins_code_1 
_pdbx_validate_close_contact.label_alt_id_1 
_pdbx_validate_close_contact.auth_atom_id_2 
_pdbx_validate_close_contact.auth_asym_id_2 
_pdbx_validate_close_contact.auth_comp_id_2 
_pdbx_validate_close_contact.auth_seq_id_2 
_pdbx_validate_close_contact.PDB_ins_code_2 
_pdbx_validate_close_contact.label_alt_id_2 
_pdbx_validate_close_contact.dist 
1 1 O A HOH 418 ? ? O A HOH 471 ? ? 2.04 
2 1 O A HOH 444 ? ? O A HOH 500 ? ? 2.12 
3 1 O A HOH 367 ? ? O A HOH 446 ? ? 2.16 
4 1 O A LYS 169 ? ? O A HOH 495 ? ? 2.16 
5 1 O A HOH 501 ? ? O A HOH 522 ? ? 2.19 
# 
loop_
_pdbx_validate_torsion.id 
_pdbx_validate_torsion.PDB_model_num 
_pdbx_validate_torsion.auth_comp_id 
_pdbx_validate_torsion.auth_asym_id 
_pdbx_validate_torsion.auth_seq_id 
_pdbx_validate_torsion.PDB_ins_code 
_pdbx_validate_torsion.label_alt_id 
_pdbx_validate_torsion.phi 
_pdbx_validate_torsion.psi 
1 1 LYS A 117 ? ? 74.97 36.51 
2 1 ARG A 149 ? ? 86.94 -6.38 
# 
loop_
_chem_comp_atom.comp_id 
_chem_comp_atom.atom_id 
_chem_comp_atom.type_symbol 
_chem_comp_atom.pdbx_aromatic_flag 
_chem_comp_atom.pdbx_stereo_config 
_chem_comp_atom.pdbx_ordinal 
2XG SAG    S  N N 1   
2XG CAH    C  Y N 2   
2XG FAI    F  N N 3   
2XG CAJ    C  Y N 4   
2XG FAK    F  N N 5   
2XG CAL    C  Y N 6   
2XG CAM    C  Y N 7   
2XG CAN    C  Y N 8   
2XG CAO    C  Y N 9   
2XG H1     H  N N 10  
2XG H2     H  N N 11  
2XG H3     H  N N 12  
2XG H4     H  N N 13  
ALA N      N  N N 14  
ALA CA     C  N S 15  
ALA C      C  N N 16  
ALA O      O  N N 17  
ALA CB     C  N N 18  
ALA OXT    O  N N 19  
ALA H      H  N N 20  
ALA H2     H  N N 21  
ALA HA     H  N N 22  
ALA HB1    H  N N 23  
ALA HB2    H  N N 24  
ALA HB3    H  N N 25  
ALA HXT    H  N N 26  
ARG N      N  N N 27  
ARG CA     C  N S 28  
ARG C      C  N N 29  
ARG O      O  N N 30  
ARG CB     C  N N 31  
ARG CG     C  N N 32  
ARG CD     C  N N 33  
ARG NE     N  N N 34  
ARG CZ     C  N N 35  
ARG NH1    N  N N 36  
ARG NH2    N  N N 37  
ARG OXT    O  N N 38  
ARG H      H  N N 39  
ARG H2     H  N N 40  
ARG HA     H  N N 41  
ARG HB2    H  N N 42  
ARG HB3    H  N N 43  
ARG HG2    H  N N 44  
ARG HG3    H  N N 45  
ARG HD2    H  N N 46  
ARG HD3    H  N N 47  
ARG HE     H  N N 48  
ARG HH11   H  N N 49  
ARG HH12   H  N N 50  
ARG HH21   H  N N 51  
ARG HH22   H  N N 52  
ARG HXT    H  N N 53  
ASN N      N  N N 54  
ASN CA     C  N S 55  
ASN C      C  N N 56  
ASN O      O  N N 57  
ASN CB     C  N N 58  
ASN CG     C  N N 59  
ASN OD1    O  N N 60  
ASN ND2    N  N N 61  
ASN OXT    O  N N 62  
ASN H      H  N N 63  
ASN H2     H  N N 64  
ASN HA     H  N N 65  
ASN HB2    H  N N 66  
ASN HB3    H  N N 67  
ASN HD21   H  N N 68  
ASN HD22   H  N N 69  
ASN HXT    H  N N 70  
ASP N      N  N N 71  
ASP CA     C  N S 72  
ASP C      C  N N 73  
ASP O      O  N N 74  
ASP CB     C  N N 75  
ASP CG     C  N N 76  
ASP OD1    O  N N 77  
ASP OD2    O  N N 78  
ASP OXT    O  N N 79  
ASP H      H  N N 80  
ASP H2     H  N N 81  
ASP HA     H  N N 82  
ASP HB2    H  N N 83  
ASP HB3    H  N N 84  
ASP HD2    H  N N 85  
ASP HXT    H  N N 86  
CYS N      N  N N 87  
CYS CA     C  N R 88  
CYS C      C  N N 89  
CYS O      O  N N 90  
CYS CB     C  N N 91  
CYS SG     S  N N 92  
CYS OXT    O  N N 93  
CYS H      H  N N 94  
CYS H2     H  N N 95  
CYS HA     H  N N 96  
CYS HB2    H  N N 97  
CYS HB3    H  N N 98  
CYS HG     H  N N 99  
CYS HXT    H  N N 100 
GDP PB     P  N N 101 
GDP O1B    O  N N 102 
GDP O2B    O  N N 103 
GDP O3B    O  N N 104 
GDP O3A    O  N N 105 
GDP PA     P  N N 106 
GDP O1A    O  N N 107 
GDP O2A    O  N N 108 
GDP "O5'"  O  N N 109 
GDP "C5'"  C  N N 110 
GDP "C4'"  C  N R 111 
GDP "O4'"  O  N N 112 
GDP "C3'"  C  N S 113 
GDP "O3'"  O  N N 114 
GDP "C2'"  C  N R 115 
GDP "O2'"  O  N N 116 
GDP "C1'"  C  N R 117 
GDP N9     N  Y N 118 
GDP C8     C  Y N 119 
GDP N7     N  Y N 120 
GDP C5     C  Y N 121 
GDP C6     C  N N 122 
GDP O6     O  N N 123 
GDP N1     N  N N 124 
GDP C2     C  N N 125 
GDP N2     N  N N 126 
GDP N3     N  N N 127 
GDP C4     C  Y N 128 
GDP HOB2   H  N N 129 
GDP HOB3   H  N N 130 
GDP HOA2   H  N N 131 
GDP "H5'"  H  N N 132 
GDP "H5''" H  N N 133 
GDP "H4'"  H  N N 134 
GDP "H3'"  H  N N 135 
GDP "HO3'" H  N N 136 
GDP "H2'"  H  N N 137 
GDP "HO2'" H  N N 138 
GDP "H1'"  H  N N 139 
GDP H8     H  N N 140 
GDP HN1    H  N N 141 
GDP HN21   H  N N 142 
GDP HN22   H  N N 143 
GLN N      N  N N 144 
GLN CA     C  N S 145 
GLN C      C  N N 146 
GLN O      O  N N 147 
GLN CB     C  N N 148 
GLN CG     C  N N 149 
GLN CD     C  N N 150 
GLN OE1    O  N N 151 
GLN NE2    N  N N 152 
GLN OXT    O  N N 153 
GLN H      H  N N 154 
GLN H2     H  N N 155 
GLN HA     H  N N 156 
GLN HB2    H  N N 157 
GLN HB3    H  N N 158 
GLN HG2    H  N N 159 
GLN HG3    H  N N 160 
GLN HE21   H  N N 161 
GLN HE22   H  N N 162 
GLN HXT    H  N N 163 
GLU N      N  N N 164 
GLU CA     C  N S 165 
GLU C      C  N N 166 
GLU O      O  N N 167 
GLU CB     C  N N 168 
GLU CG     C  N N 169 
GLU CD     C  N N 170 
GLU OE1    O  N N 171 
GLU OE2    O  N N 172 
GLU OXT    O  N N 173 
GLU H      H  N N 174 
GLU H2     H  N N 175 
GLU HA     H  N N 176 
GLU HB2    H  N N 177 
GLU HB3    H  N N 178 
GLU HG2    H  N N 179 
GLU HG3    H  N N 180 
GLU HE2    H  N N 181 
GLU HXT    H  N N 182 
GLY N      N  N N 183 
GLY CA     C  N N 184 
GLY C      C  N N 185 
GLY O      O  N N 186 
GLY OXT    O  N N 187 
GLY H      H  N N 188 
GLY H2     H  N N 189 
GLY HA2    H  N N 190 
GLY HA3    H  N N 191 
GLY HXT    H  N N 192 
HIS N      N  N N 193 
HIS CA     C  N S 194 
HIS C      C  N N 195 
HIS O      O  N N 196 
HIS CB     C  N N 197 
HIS CG     C  Y N 198 
HIS ND1    N  Y N 199 
HIS CD2    C  Y N 200 
HIS CE1    C  Y N 201 
HIS NE2    N  Y N 202 
HIS OXT    O  N N 203 
HIS H      H  N N 204 
HIS H2     H  N N 205 
HIS HA     H  N N 206 
HIS HB2    H  N N 207 
HIS HB3    H  N N 208 
HIS HD1    H  N N 209 
HIS HD2    H  N N 210 
HIS HE1    H  N N 211 
HIS HE2    H  N N 212 
HIS HXT    H  N N 213 
HOH O      O  N N 214 
HOH H1     H  N N 215 
HOH H2     H  N N 216 
ILE N      N  N N 217 
ILE CA     C  N S 218 
ILE C      C  N N 219 
ILE O      O  N N 220 
ILE CB     C  N S 221 
ILE CG1    C  N N 222 
ILE CG2    C  N N 223 
ILE CD1    C  N N 224 
ILE OXT    O  N N 225 
ILE H      H  N N 226 
ILE H2     H  N N 227 
ILE HA     H  N N 228 
ILE HB     H  N N 229 
ILE HG12   H  N N 230 
ILE HG13   H  N N 231 
ILE HG21   H  N N 232 
ILE HG22   H  N N 233 
ILE HG23   H  N N 234 
ILE HD11   H  N N 235 
ILE HD12   H  N N 236 
ILE HD13   H  N N 237 
ILE HXT    H  N N 238 
LEU N      N  N N 239 
LEU CA     C  N S 240 
LEU C      C  N N 241 
LEU O      O  N N 242 
LEU CB     C  N N 243 
LEU CG     C  N N 244 
LEU CD1    C  N N 245 
LEU CD2    C  N N 246 
LEU OXT    O  N N 247 
LEU H      H  N N 248 
LEU H2     H  N N 249 
LEU HA     H  N N 250 
LEU HB2    H  N N 251 
LEU HB3    H  N N 252 
LEU HG     H  N N 253 
LEU HD11   H  N N 254 
LEU HD12   H  N N 255 
LEU HD13   H  N N 256 
LEU HD21   H  N N 257 
LEU HD22   H  N N 258 
LEU HD23   H  N N 259 
LEU HXT    H  N N 260 
LYS N      N  N N 261 
LYS CA     C  N S 262 
LYS C      C  N N 263 
LYS O      O  N N 264 
LYS CB     C  N N 265 
LYS CG     C  N N 266 
LYS CD     C  N N 267 
LYS CE     C  N N 268 
LYS NZ     N  N N 269 
LYS OXT    O  N N 270 
LYS H      H  N N 271 
LYS H2     H  N N 272 
LYS HA     H  N N 273 
LYS HB2    H  N N 274 
LYS HB3    H  N N 275 
LYS HG2    H  N N 276 
LYS HG3    H  N N 277 
LYS HD2    H  N N 278 
LYS HD3    H  N N 279 
LYS HE2    H  N N 280 
LYS HE3    H  N N 281 
LYS HZ1    H  N N 282 
LYS HZ2    H  N N 283 
LYS HZ3    H  N N 284 
LYS HXT    H  N N 285 
MET N      N  N N 286 
MET CA     C  N S 287 
MET C      C  N N 288 
MET O      O  N N 289 
MET CB     C  N N 290 
MET CG     C  N N 291 
MET SD     S  N N 292 
MET CE     C  N N 293 
MET OXT    O  N N 294 
MET H      H  N N 295 
MET H2     H  N N 296 
MET HA     H  N N 297 
MET HB2    H  N N 298 
MET HB3    H  N N 299 
MET HG2    H  N N 300 
MET HG3    H  N N 301 
MET HE1    H  N N 302 
MET HE2    H  N N 303 
MET HE3    H  N N 304 
MET HXT    H  N N 305 
MG  MG     MG N N 306 
PHE N      N  N N 307 
PHE CA     C  N S 308 
PHE C      C  N N 309 
PHE O      O  N N 310 
PHE CB     C  N N 311 
PHE CG     C  Y N 312 
PHE CD1    C  Y N 313 
PHE CD2    C  Y N 314 
PHE CE1    C  Y N 315 
PHE CE2    C  Y N 316 
PHE CZ     C  Y N 317 
PHE OXT    O  N N 318 
PHE H      H  N N 319 
PHE H2     H  N N 320 
PHE HA     H  N N 321 
PHE HB2    H  N N 322 
PHE HB3    H  N N 323 
PHE HD1    H  N N 324 
PHE HD2    H  N N 325 
PHE HE1    H  N N 326 
PHE HE2    H  N N 327 
PHE HZ     H  N N 328 
PHE HXT    H  N N 329 
PRO N      N  N N 330 
PRO CA     C  N S 331 
PRO C      C  N N 332 
PRO O      O  N N 333 
PRO CB     C  N N 334 
PRO CG     C  N N 335 
PRO CD     C  N N 336 
PRO OXT    O  N N 337 
PRO H      H  N N 338 
PRO HA     H  N N 339 
PRO HB2    H  N N 340 
PRO HB3    H  N N 341 
PRO HG2    H  N N 342 
PRO HG3    H  N N 343 
PRO HD2    H  N N 344 
PRO HD3    H  N N 345 
PRO HXT    H  N N 346 
SER N      N  N N 347 
SER CA     C  N S 348 
SER C      C  N N 349 
SER O      O  N N 350 
SER CB     C  N N 351 
SER OG     O  N N 352 
SER OXT    O  N N 353 
SER H      H  N N 354 
SER H2     H  N N 355 
SER HA     H  N N 356 
SER HB2    H  N N 357 
SER HB3    H  N N 358 
SER HG     H  N N 359 
SER HXT    H  N N 360 
THR N      N  N N 361 
THR CA     C  N S 362 
THR C      C  N N 363 
THR O      O  N N 364 
THR CB     C  N R 365 
THR OG1    O  N N 366 
THR CG2    C  N N 367 
THR OXT    O  N N 368 
THR H      H  N N 369 
THR H2     H  N N 370 
THR HA     H  N N 371 
THR HB     H  N N 372 
THR HG1    H  N N 373 
THR HG21   H  N N 374 
THR HG22   H  N N 375 
THR HG23   H  N N 376 
THR HXT    H  N N 377 
TYR N      N  N N 378 
TYR CA     C  N S 379 
TYR C      C  N N 380 
TYR O      O  N N 381 
TYR CB     C  N N 382 
TYR CG     C  Y N 383 
TYR CD1    C  Y N 384 
TYR CD2    C  Y N 385 
TYR CE1    C  Y N 386 
TYR CE2    C  Y N 387 
TYR CZ     C  Y N 388 
TYR OH     O  N N 389 
TYR OXT    O  N N 390 
TYR H      H  N N 391 
TYR H2     H  N N 392 
TYR HA     H  N N 393 
TYR HB2    H  N N 394 
TYR HB3    H  N N 395 
TYR HD1    H  N N 396 
TYR HD2    H  N N 397 
TYR HE1    H  N N 398 
TYR HE2    H  N N 399 
TYR HH     H  N N 400 
TYR HXT    H  N N 401 
VAL N      N  N N 402 
VAL CA     C  N S 403 
VAL C      C  N N 404 
VAL O      O  N N 405 
VAL CB     C  N N 406 
VAL CG1    C  N N 407 
VAL CG2    C  N N 408 
VAL OXT    O  N N 409 
VAL H      H  N N 410 
VAL H2     H  N N 411 
VAL HA     H  N N 412 
VAL HB     H  N N 413 
VAL HG11   H  N N 414 
VAL HG12   H  N N 415 
VAL HG13   H  N N 416 
VAL HG21   H  N N 417 
VAL HG22   H  N N 418 
VAL HG23   H  N N 419 
VAL HXT    H  N N 420 
# 
loop_
_chem_comp_bond.comp_id 
_chem_comp_bond.atom_id_1 
_chem_comp_bond.atom_id_2 
_chem_comp_bond.value_order 
_chem_comp_bond.pdbx_aromatic_flag 
_chem_comp_bond.pdbx_stereo_config 
_chem_comp_bond.pdbx_ordinal 
2XG FAI   CAH    sing N N 1   
2XG CAO   CAH    doub Y N 2   
2XG CAO   CAN    sing Y N 3   
2XG CAH   CAJ    sing Y N 4   
2XG CAN   CAM    doub Y N 5   
2XG CAJ   FAK    sing N N 6   
2XG CAJ   CAL    doub Y N 7   
2XG CAM   CAL    sing Y N 8   
2XG CAM   SAG    sing N N 9   
2XG SAG   H1     sing N N 10  
2XG CAL   H2     sing N N 11  
2XG CAN   H3     sing N N 12  
2XG CAO   H4     sing N N 13  
ALA N     CA     sing N N 14  
ALA N     H      sing N N 15  
ALA N     H2     sing N N 16  
ALA CA    C      sing N N 17  
ALA CA    CB     sing N N 18  
ALA CA    HA     sing N N 19  
ALA C     O      doub N N 20  
ALA C     OXT    sing N N 21  
ALA CB    HB1    sing N N 22  
ALA CB    HB2    sing N N 23  
ALA CB    HB3    sing N N 24  
ALA OXT   HXT    sing N N 25  
ARG N     CA     sing N N 26  
ARG N     H      sing N N 27  
ARG N     H2     sing N N 28  
ARG CA    C      sing N N 29  
ARG CA    CB     sing N N 30  
ARG CA    HA     sing N N 31  
ARG C     O      doub N N 32  
ARG C     OXT    sing N N 33  
ARG CB    CG     sing N N 34  
ARG CB    HB2    sing N N 35  
ARG CB    HB3    sing N N 36  
ARG CG    CD     sing N N 37  
ARG CG    HG2    sing N N 38  
ARG CG    HG3    sing N N 39  
ARG CD    NE     sing N N 40  
ARG CD    HD2    sing N N 41  
ARG CD    HD3    sing N N 42  
ARG NE    CZ     sing N N 43  
ARG NE    HE     sing N N 44  
ARG CZ    NH1    sing N N 45  
ARG CZ    NH2    doub N N 46  
ARG NH1   HH11   sing N N 47  
ARG NH1   HH12   sing N N 48  
ARG NH2   HH21   sing N N 49  
ARG NH2   HH22   sing N N 50  
ARG OXT   HXT    sing N N 51  
ASN N     CA     sing N N 52  
ASN N     H      sing N N 53  
ASN N     H2     sing N N 54  
ASN CA    C      sing N N 55  
ASN CA    CB     sing N N 56  
ASN CA    HA     sing N N 57  
ASN C     O      doub N N 58  
ASN C     OXT    sing N N 59  
ASN CB    CG     sing N N 60  
ASN CB    HB2    sing N N 61  
ASN CB    HB3    sing N N 62  
ASN CG    OD1    doub N N 63  
ASN CG    ND2    sing N N 64  
ASN ND2   HD21   sing N N 65  
ASN ND2   HD22   sing N N 66  
ASN OXT   HXT    sing N N 67  
ASP N     CA     sing N N 68  
ASP N     H      sing N N 69  
ASP N     H2     sing N N 70  
ASP CA    C      sing N N 71  
ASP CA    CB     sing N N 72  
ASP CA    HA     sing N N 73  
ASP C     O      doub N N 74  
ASP C     OXT    sing N N 75  
ASP CB    CG     sing N N 76  
ASP CB    HB2    sing N N 77  
ASP CB    HB3    sing N N 78  
ASP CG    OD1    doub N N 79  
ASP CG    OD2    sing N N 80  
ASP OD2   HD2    sing N N 81  
ASP OXT   HXT    sing N N 82  
CYS N     CA     sing N N 83  
CYS N     H      sing N N 84  
CYS N     H2     sing N N 85  
CYS CA    C      sing N N 86  
CYS CA    CB     sing N N 87  
CYS CA    HA     sing N N 88  
CYS C     O      doub N N 89  
CYS C     OXT    sing N N 90  
CYS CB    SG     sing N N 91  
CYS CB    HB2    sing N N 92  
CYS CB    HB3    sing N N 93  
CYS SG    HG     sing N N 94  
CYS OXT   HXT    sing N N 95  
GDP PB    O1B    doub N N 96  
GDP PB    O2B    sing N N 97  
GDP PB    O3B    sing N N 98  
GDP PB    O3A    sing N N 99  
GDP O2B   HOB2   sing N N 100 
GDP O3B   HOB3   sing N N 101 
GDP O3A   PA     sing N N 102 
GDP PA    O1A    doub N N 103 
GDP PA    O2A    sing N N 104 
GDP PA    "O5'"  sing N N 105 
GDP O2A   HOA2   sing N N 106 
GDP "O5'" "C5'"  sing N N 107 
GDP "C5'" "C4'"  sing N N 108 
GDP "C5'" "H5'"  sing N N 109 
GDP "C5'" "H5''" sing N N 110 
GDP "C4'" "O4'"  sing N N 111 
GDP "C4'" "C3'"  sing N N 112 
GDP "C4'" "H4'"  sing N N 113 
GDP "O4'" "C1'"  sing N N 114 
GDP "C3'" "O3'"  sing N N 115 
GDP "C3'" "C2'"  sing N N 116 
GDP "C3'" "H3'"  sing N N 117 
GDP "O3'" "HO3'" sing N N 118 
GDP "C2'" "O2'"  sing N N 119 
GDP "C2'" "C1'"  sing N N 120 
GDP "C2'" "H2'"  sing N N 121 
GDP "O2'" "HO2'" sing N N 122 
GDP "C1'" N9     sing N N 123 
GDP "C1'" "H1'"  sing N N 124 
GDP N9    C8     sing Y N 125 
GDP N9    C4     sing Y N 126 
GDP C8    N7     doub Y N 127 
GDP C8    H8     sing N N 128 
GDP N7    C5     sing Y N 129 
GDP C5    C6     sing N N 130 
GDP C5    C4     doub Y N 131 
GDP C6    O6     doub N N 132 
GDP C6    N1     sing N N 133 
GDP N1    C2     sing N N 134 
GDP N1    HN1    sing N N 135 
GDP C2    N2     sing N N 136 
GDP C2    N3     doub N N 137 
GDP N2    HN21   sing N N 138 
GDP N2    HN22   sing N N 139 
GDP N3    C4     sing N N 140 
GLN N     CA     sing N N 141 
GLN N     H      sing N N 142 
GLN N     H2     sing N N 143 
GLN CA    C      sing N N 144 
GLN CA    CB     sing N N 145 
GLN CA    HA     sing N N 146 
GLN C     O      doub N N 147 
GLN C     OXT    sing N N 148 
GLN CB    CG     sing N N 149 
GLN CB    HB2    sing N N 150 
GLN CB    HB3    sing N N 151 
GLN CG    CD     sing N N 152 
GLN CG    HG2    sing N N 153 
GLN CG    HG3    sing N N 154 
GLN CD    OE1    doub N N 155 
GLN CD    NE2    sing N N 156 
GLN NE2   HE21   sing N N 157 
GLN NE2   HE22   sing N N 158 
GLN OXT   HXT    sing N N 159 
GLU N     CA     sing N N 160 
GLU N     H      sing N N 161 
GLU N     H2     sing N N 162 
GLU CA    C      sing N N 163 
GLU CA    CB     sing N N 164 
GLU CA    HA     sing N N 165 
GLU C     O      doub N N 166 
GLU C     OXT    sing N N 167 
GLU CB    CG     sing N N 168 
GLU CB    HB2    sing N N 169 
GLU CB    HB3    sing N N 170 
GLU CG    CD     sing N N 171 
GLU CG    HG2    sing N N 172 
GLU CG    HG3    sing N N 173 
GLU CD    OE1    doub N N 174 
GLU CD    OE2    sing N N 175 
GLU OE2   HE2    sing N N 176 
GLU OXT   HXT    sing N N 177 
GLY N     CA     sing N N 178 
GLY N     H      sing N N 179 
GLY N     H2     sing N N 180 
GLY CA    C      sing N N 181 
GLY CA    HA2    sing N N 182 
GLY CA    HA3    sing N N 183 
GLY C     O      doub N N 184 
GLY C     OXT    sing N N 185 
GLY OXT   HXT    sing N N 186 
HIS N     CA     sing N N 187 
HIS N     H      sing N N 188 
HIS N     H2     sing N N 189 
HIS CA    C      sing N N 190 
HIS CA    CB     sing N N 191 
HIS CA    HA     sing N N 192 
HIS C     O      doub N N 193 
HIS C     OXT    sing N N 194 
HIS CB    CG     sing N N 195 
HIS CB    HB2    sing N N 196 
HIS CB    HB3    sing N N 197 
HIS CG    ND1    sing Y N 198 
HIS CG    CD2    doub Y N 199 
HIS ND1   CE1    doub Y N 200 
HIS ND1   HD1    sing N N 201 
HIS CD2   NE2    sing Y N 202 
HIS CD2   HD2    sing N N 203 
HIS CE1   NE2    sing Y N 204 
HIS CE1   HE1    sing N N 205 
HIS NE2   HE2    sing N N 206 
HIS OXT   HXT    sing N N 207 
HOH O     H1     sing N N 208 
HOH O     H2     sing N N 209 
ILE N     CA     sing N N 210 
ILE N     H      sing N N 211 
ILE N     H2     sing N N 212 
ILE CA    C      sing N N 213 
ILE CA    CB     sing N N 214 
ILE CA    HA     sing N N 215 
ILE C     O      doub N N 216 
ILE C     OXT    sing N N 217 
ILE CB    CG1    sing N N 218 
ILE CB    CG2    sing N N 219 
ILE CB    HB     sing N N 220 
ILE CG1   CD1    sing N N 221 
ILE CG1   HG12   sing N N 222 
ILE CG1   HG13   sing N N 223 
ILE CG2   HG21   sing N N 224 
ILE CG2   HG22   sing N N 225 
ILE CG2   HG23   sing N N 226 
ILE CD1   HD11   sing N N 227 
ILE CD1   HD12   sing N N 228 
ILE CD1   HD13   sing N N 229 
ILE OXT   HXT    sing N N 230 
LEU N     CA     sing N N 231 
LEU N     H      sing N N 232 
LEU N     H2     sing N N 233 
LEU CA    C      sing N N 234 
LEU CA    CB     sing N N 235 
LEU CA    HA     sing N N 236 
LEU C     O      doub N N 237 
LEU C     OXT    sing N N 238 
LEU CB    CG     sing N N 239 
LEU CB    HB2    sing N N 240 
LEU CB    HB3    sing N N 241 
LEU CG    CD1    sing N N 242 
LEU CG    CD2    sing N N 243 
LEU CG    HG     sing N N 244 
LEU CD1   HD11   sing N N 245 
LEU CD1   HD12   sing N N 246 
LEU CD1   HD13   sing N N 247 
LEU CD2   HD21   sing N N 248 
LEU CD2   HD22   sing N N 249 
LEU CD2   HD23   sing N N 250 
LEU OXT   HXT    sing N N 251 
LYS N     CA     sing N N 252 
LYS N     H      sing N N 253 
LYS N     H2     sing N N 254 
LYS CA    C      sing N N 255 
LYS CA    CB     sing N N 256 
LYS CA    HA     sing N N 257 
LYS C     O      doub N N 258 
LYS C     OXT    sing N N 259 
LYS CB    CG     sing N N 260 
LYS CB    HB2    sing N N 261 
LYS CB    HB3    sing N N 262 
LYS CG    CD     sing N N 263 
LYS CG    HG2    sing N N 264 
LYS CG    HG3    sing N N 265 
LYS CD    CE     sing N N 266 
LYS CD    HD2    sing N N 267 
LYS CD    HD3    sing N N 268 
LYS CE    NZ     sing N N 269 
LYS CE    HE2    sing N N 270 
LYS CE    HE3    sing N N 271 
LYS NZ    HZ1    sing N N 272 
LYS NZ    HZ2    sing N N 273 
LYS NZ    HZ3    sing N N 274 
LYS OXT   HXT    sing N N 275 
MET N     CA     sing N N 276 
MET N     H      sing N N 277 
MET N     H2     sing N N 278 
MET CA    C      sing N N 279 
MET CA    CB     sing N N 280 
MET CA    HA     sing N N 281 
MET C     O      doub N N 282 
MET C     OXT    sing N N 283 
MET CB    CG     sing N N 284 
MET CB    HB2    sing N N 285 
MET CB    HB3    sing N N 286 
MET CG    SD     sing N N 287 
MET CG    HG2    sing N N 288 
MET CG    HG3    sing N N 289 
MET SD    CE     sing N N 290 
MET CE    HE1    sing N N 291 
MET CE    HE2    sing N N 292 
MET CE    HE3    sing N N 293 
MET OXT   HXT    sing N N 294 
PHE N     CA     sing N N 295 
PHE N     H      sing N N 296 
PHE N     H2     sing N N 297 
PHE CA    C      sing N N 298 
PHE CA    CB     sing N N 299 
PHE CA    HA     sing N N 300 
PHE C     O      doub N N 301 
PHE C     OXT    sing N N 302 
PHE CB    CG     sing N N 303 
PHE CB    HB2    sing N N 304 
PHE CB    HB3    sing N N 305 
PHE CG    CD1    doub Y N 306 
PHE CG    CD2    sing Y N 307 
PHE CD1   CE1    sing Y N 308 
PHE CD1   HD1    sing N N 309 
PHE CD2   CE2    doub Y N 310 
PHE CD2   HD2    sing N N 311 
PHE CE1   CZ     doub Y N 312 
PHE CE1   HE1    sing N N 313 
PHE CE2   CZ     sing Y N 314 
PHE CE2   HE2    sing N N 315 
PHE CZ    HZ     sing N N 316 
PHE OXT   HXT    sing N N 317 
PRO N     CA     sing N N 318 
PRO N     CD     sing N N 319 
PRO N     H      sing N N 320 
PRO CA    C      sing N N 321 
PRO CA    CB     sing N N 322 
PRO CA    HA     sing N N 323 
PRO C     O      doub N N 324 
PRO C     OXT    sing N N 325 
PRO CB    CG     sing N N 326 
PRO CB    HB2    sing N N 327 
PRO CB    HB3    sing N N 328 
PRO CG    CD     sing N N 329 
PRO CG    HG2    sing N N 330 
PRO CG    HG3    sing N N 331 
PRO CD    HD2    sing N N 332 
PRO CD    HD3    sing N N 333 
PRO OXT   HXT    sing N N 334 
SER N     CA     sing N N 335 
SER N     H      sing N N 336 
SER N     H2     sing N N 337 
SER CA    C      sing N N 338 
SER CA    CB     sing N N 339 
SER CA    HA     sing N N 340 
SER C     O      doub N N 341 
SER C     OXT    sing N N 342 
SER CB    OG     sing N N 343 
SER CB    HB2    sing N N 344 
SER CB    HB3    sing N N 345 
SER OG    HG     sing N N 346 
SER OXT   HXT    sing N N 347 
THR N     CA     sing N N 348 
THR N     H      sing N N 349 
THR N     H2     sing N N 350 
THR CA    C      sing N N 351 
THR CA    CB     sing N N 352 
THR CA    HA     sing N N 353 
THR C     O      doub N N 354 
THR C     OXT    sing N N 355 
THR CB    OG1    sing N N 356 
THR CB    CG2    sing N N 357 
THR CB    HB     sing N N 358 
THR OG1   HG1    sing N N 359 
THR CG2   HG21   sing N N 360 
THR CG2   HG22   sing N N 361 
THR CG2   HG23   sing N N 362 
THR OXT   HXT    sing N N 363 
TYR N     CA     sing N N 364 
TYR N     H      sing N N 365 
TYR N     H2     sing N N 366 
TYR CA    C      sing N N 367 
TYR CA    CB     sing N N 368 
TYR CA    HA     sing N N 369 
TYR C     O      doub N N 370 
TYR C     OXT    sing N N 371 
TYR CB    CG     sing N N 372 
TYR CB    HB2    sing N N 373 
TYR CB    HB3    sing N N 374 
TYR CG    CD1    doub Y N 375 
TYR CG    CD2    sing Y N 376 
TYR CD1   CE1    sing Y N 377 
TYR CD1   HD1    sing N N 378 
TYR CD2   CE2    doub Y N 379 
TYR CD2   HD2    sing N N 380 
TYR CE1   CZ     doub Y N 381 
TYR CE1   HE1    sing N N 382 
TYR CE2   CZ     sing Y N 383 
TYR CE2   HE2    sing N N 384 
TYR CZ    OH     sing N N 385 
TYR OH    HH     sing N N 386 
TYR OXT   HXT    sing N N 387 
VAL N     CA     sing N N 388 
VAL N     H      sing N N 389 
VAL N     H2     sing N N 390 
VAL CA    C      sing N N 391 
VAL CA    CB     sing N N 392 
VAL CA    HA     sing N N 393 
VAL C     O      doub N N 394 
VAL C     OXT    sing N N 395 
VAL CB    CG1    sing N N 396 
VAL CB    CG2    sing N N 397 
VAL CB    HB     sing N N 398 
VAL CG1   HG11   sing N N 399 
VAL CG1   HG12   sing N N 400 
VAL CG1   HG13   sing N N 401 
VAL CG2   HG21   sing N N 402 
VAL CG2   HG22   sing N N 403 
VAL CG2   HG23   sing N N 404 
VAL OXT   HXT    sing N N 405 
# 
_atom_sites.entry_id                    4Q02 
_atom_sites.fract_transf_matrix[1][1]   -0.00027224 
_atom_sites.fract_transf_matrix[1][2]   -0.02546877 
_atom_sites.fract_transf_matrix[1][3]   -0.00151095 
_atom_sites.fract_transf_matrix[2][1]   -0.02383766 
_atom_sites.fract_transf_matrix[2][2]   -0.00006266 
_atom_sites.fract_transf_matrix[2][3]   0.00535124 
_atom_sites.fract_transf_matrix[3][1]   -0.00236030 
_atom_sites.fract_transf_matrix[3][2]   0.00064854 
_atom_sites.fract_transf_matrix[3][3]   -0.01050663 
_atom_sites.fract_transf_vector[1]      -0.285555 
_atom_sites.fract_transf_vector[2]      0.058049 
_atom_sites.fract_transf_vector[3]      -0.118461 
# 
loop_
_atom_type.symbol 
C  
F  
MG 
N  
O  
P  
S  
# 
loop_
_atom_site.group_PDB 
_atom_site.id 
_atom_site.type_symbol 
_atom_site.label_atom_id 
_atom_site.label_alt_id 
_atom_site.label_comp_id 
_atom_site.label_asym_id 
_atom_site.label_entity_id 
_atom_site.label_seq_id 
_atom_site.pdbx_PDB_ins_code 
_atom_site.Cartn_x 
_atom_site.Cartn_y 
_atom_site.Cartn_z 
_atom_site.occupancy 
_atom_site.B_iso_or_equiv 
_atom_site.pdbx_formal_charge 
_atom_site.auth_seq_id 
_atom_site.auth_comp_id 
_atom_site.auth_asym_id 
_atom_site.auth_atom_id 
_atom_site.pdbx_PDB_model_num 
ATOM   1    N  N     . GLY A 1 1   ? -5.547  18.407  -16.843 1.00 12.89 1  0   GLY A N     1 
ATOM   2    C  CA    . GLY A 1 1   ? -4.636  17.289  -16.637 1.00 13.47 ?  0   GLY A CA    1 
ATOM   3    C  C     . GLY A 1 1   ? -5.376  15.970  -16.561 1.00 13.33 ?  0   GLY A C     1 
ATOM   4    O  O     . GLY A 1 1   ? -6.577  15.945  -16.306 1.00 12.09 ?  0   GLY A O     1 
ATOM   5    N  N     . MET A 1 2   ? -4.666  14.872  -16.795 1.00 10.50 ?  1   MET A N     1 
ATOM   6    C  CA    . MET A 1 2   ? -5.281  13.558  -16.724 1.00 13.11 ?  1   MET A CA    1 
ATOM   7    C  C     . MET A 1 2   ? -5.736  13.270  -15.301 1.00 16.08 ?  1   MET A C     1 
ATOM   8    O  O     . MET A 1 2   ? -5.253  13.893  -14.352 1.00 15.49 ?  1   MET A O     1 
ATOM   9    C  CB    . MET A 1 2   ? -4.309  12.476  -17.190 1.00 15.59 ?  1   MET A CB    1 
ATOM   10   C  CG    . MET A 1 2   ? -3.117  12.323  -16.278 1.00 15.78 ?  1   MET A CG    1 
ATOM   11   S  SD    . MET A 1 2   ? -1.973  11.099  -16.939 1.00 15.54 ?  1   MET A SD    1 
ATOM   12   C  CE    . MET A 1 2   ? -1.635  11.834  -18.541 1.00 16.76 ?  1   MET A CE    1 
ATOM   13   N  N     . THR A 1 3   ? -6.664  12.331  -15.159 1.00 14.19 ?  2   THR A N     1 
ATOM   14   C  CA    . THR A 1 3   ? -7.148  11.986  -13.834 1.00 17.58 ?  2   THR A CA    1 
ATOM   15   C  C     . THR A 1 3   ? -5.977  11.475  -12.997 1.00 18.29 ?  2   THR A C     1 
ATOM   16   O  O     . THR A 1 3   ? -5.053  10.811  -13.490 1.00 14.60 ?  2   THR A O     1 
ATOM   17   C  CB    . THR A 1 3   ? -8.304  10.960  -13.874 1.00 24.35 ?  2   THR A CB    1 
ATOM   18   O  OG1   . THR A 1 3   ? -8.596  10.590  -15.225 1.00 29.92 ?  2   THR A OG1   1 
ATOM   19   C  CG2   . THR A 1 3   ? -9.548  11.606  -13.313 1.00 29.76 ?  2   THR A CG2   1 
ATOM   20   N  N     . GLU A 1 4   ? -6.013  11.856  -11.730 1.00 19.92 ?  3   GLU A N     1 
ATOM   21   C  CA    . GLU A 1 4   ? -4.886  11.699  -10.844 1.00 16.84 ?  3   GLU A CA    1 
ATOM   22   C  C     . GLU A 1 4   ? -5.335  10.999  -9.572  1.00 14.81 ?  3   GLU A C     1 
ATOM   23   O  O     . GLU A 1 4   ? -6.360  11.367  -9.003  1.00 17.14 ?  3   GLU A O     1 
ATOM   24   C  CB    . GLU A 1 4   ? -4.305  13.060  -10.532 1.00 22.14 ?  3   GLU A CB    1 
ATOM   25   C  CG    . GLU A 1 4   ? -3.063  13.052  -9.703  1.00 19.69 ?  3   GLU A CG    1 
ATOM   26   C  CD    . GLU A 1 4   ? -2.315  14.354  -9.827  1.00 28.06 ?  3   GLU A CD    1 
ATOM   27   O  OE1   . GLU A 1 4   ? -2.643  15.129  -10.759 1.00 29.48 ?  3   GLU A OE1   1 
ATOM   28   O  OE2   . GLU A 1 4   ? -1.408  14.604  -9.003  1.00 21.91 -1 3   GLU A OE2   1 
ATOM   29   N  N     . TYR A 1 5   ? -4.578  9.991   -9.142  1.00 11.27 ?  4   TYR A N     1 
ATOM   30   C  CA    . TYR A 1 5   ? -4.895  9.262   -7.912  1.00 12.65 ?  4   TYR A CA    1 
ATOM   31   C  C     . TYR A 1 5   ? -3.753  9.374   -6.924  1.00 13.57 ?  4   TYR A C     1 
ATOM   32   O  O     . TYR A 1 5   ? -2.610  9.123   -7.291  1.00 13.14 ?  4   TYR A O     1 
ATOM   33   C  CB    . TYR A 1 5   ? -5.166  7.787   -8.222  1.00 12.09 ?  4   TYR A CB    1 
ATOM   34   C  CG    . TYR A 1 5   ? -6.326  7.574   -9.161  1.00 10.33 ?  4   TYR A CG    1 
ATOM   35   C  CD1   . TYR A 1 5   ? -7.645  7.572   -8.699  1.00 12.22 ?  4   TYR A CD1   1 
ATOM   36   C  CD2   . TYR A 1 5   ? -6.108  7.366   -10.514 1.00 10.80 ?  4   TYR A CD2   1 
ATOM   37   C  CE1   . TYR A 1 5   ? -8.716  7.364   -9.575  1.00 11.96 ?  4   TYR A CE1   1 
ATOM   38   C  CE2   . TYR A 1 5   ? -7.157  7.164   -11.385 1.00 9.51  ?  4   TYR A CE2   1 
ATOM   39   C  CZ    . TYR A 1 5   ? -8.458  7.153   -10.921 1.00 15.53 ?  4   TYR A CZ    1 
ATOM   40   O  OH    . TYR A 1 5   ? -9.502  6.954   -11.817 1.00 12.97 ?  4   TYR A OH    1 
ATOM   41   N  N     . LYS A 1 6   ? -4.046  9.741   -5.675  1.00 12.41 ?  5   LYS A N     1 
ATOM   42   C  CA    . LYS A 1 6   ? -2.989  9.845   -4.671  1.00 11.70 ?  5   LYS A CA    1 
ATOM   43   C  C     . LYS A 1 6   ? -2.951  8.629   -3.752  1.00 11.49 ?  5   LYS A C     1 
ATOM   44   O  O     . LYS A 1 6   ? -3.873  8.397   -2.960  1.00 10.84 ?  5   LYS A O     1 
ATOM   45   C  CB    . LYS A 1 6   ? -3.161  11.132  -3.864  1.00 13.47 ?  5   LYS A CB    1 
ATOM   46   C  CG    . LYS A 1 6   ? -3.208  12.352  -4.770  1.00 14.59 ?  5   LYS A CG    1 
ATOM   47   C  CD    . LYS A 1 6   ? -3.296  13.651  -3.987  1.00 17.67 ?  5   LYS A CD    1 
ATOM   48   C  CE    . LYS A 1 6   ? -3.369  14.815  -4.968  1.00 25.06 ?  5   LYS A CE    1 
ATOM   49   N  NZ    . LYS A 1 6   ? -2.976  16.112  -4.362  1.00 29.26 1  5   LYS A NZ    1 
ATOM   50   N  N     . LEU A 1 7   ? -1.894  7.832   -3.894  1.00 10.66 ?  6   LEU A N     1 
ATOM   51   C  CA    . LEU A 1 7   ? -1.766  6.573   -3.155  1.00 8.95  ?  6   LEU A CA    1 
ATOM   52   C  C     . LEU A 1 7   ? -0.657  6.649   -2.125  1.00 10.50 ?  6   LEU A C     1 
ATOM   53   O  O     . LEU A 1 7   ? 0.386   7.248   -2.367  1.00 10.36 ?  6   LEU A O     1 
ATOM   54   C  CB    . LEU A 1 7   ? -1.464  5.417   -4.095  1.00 9.72  ?  6   LEU A CB    1 
ATOM   55   C  CG    . LEU A 1 7   ? -2.242  5.362   -5.409  1.00 12.19 ?  6   LEU A CG    1 
ATOM   56   C  CD1   . LEU A 1 7   ? -1.855  4.120   -6.220  1.00 10.57 ?  6   LEU A CD1   1 
ATOM   57   C  CD2   . LEU A 1 7   ? -3.700  5.331   -5.121  1.00 11.89 ?  6   LEU A CD2   1 
ATOM   58   N  N     . VAL A 1 8   ? -0.863  6.010   -0.983  1.00 7.16  ?  7   VAL A N     1 
ATOM   59   C  CA    . VAL A 1 8   ? 0.135   6.024   0.069   1.00 8.93  ?  7   VAL A CA    1 
ATOM   60   C  C     . VAL A 1 8   ? 0.401   4.576   0.475   1.00 9.15  ?  7   VAL A C     1 
ATOM   61   O  O     . VAL A 1 8   ? -0.536  3.826   0.733   1.00 9.43  ?  7   VAL A O     1 
ATOM   62   C  CB    . VAL A 1 8   ? -0.328  6.859   1.286   1.00 9.21  ?  7   VAL A CB    1 
ATOM   63   C  CG1   . VAL A 1 8   ? 0.707   6.823   2.403   1.00 9.83  ?  7   VAL A CG1   1 
ATOM   64   C  CG2   . VAL A 1 8   ? -0.611  8.310   0.885   1.00 9.52  ?  7   VAL A CG2   1 
ATOM   65   N  N     . VAL A 1 9   ? 1.673   4.189   0.490   1.00 7.79  ?  8   VAL A N     1 
ATOM   66   C  CA    . VAL A 1 9   ? 2.060   2.829   0.868   1.00 8.33  ?  8   VAL A CA    1 
ATOM   67   C  C     . VAL A 1 9   ? 2.582   2.826   2.303   1.00 9.74  ?  8   VAL A C     1 
ATOM   68   O  O     . VAL A 1 9   ? 3.577   3.487   2.606   1.00 10.01 ?  8   VAL A O     1 
ATOM   69   C  CB    . VAL A 1 9   ? 3.131   2.279   -0.080  1.00 8.60  ?  8   VAL A CB    1 
ATOM   70   C  CG1   . VAL A 1 9   ? 3.417   0.799   0.227   1.00 9.84  ?  8   VAL A CG1   1 
ATOM   71   C  CG2   . VAL A 1 9   ? 2.698   2.479   -1.552  1.00 9.10  ?  8   VAL A CG2   1 
ATOM   72   N  N     . VAL A 1 10  ? 1.893   2.115   3.195   1.00 9.05  ?  9   VAL A N     1 
ATOM   73   C  CA    . VAL A 1 10  ? 2.285   2.099   4.609   1.00 9.03  ?  9   VAL A CA    1 
ATOM   74   C  C     . VAL A 1 10  ? 2.536   0.671   5.091   1.00 10.41 ?  9   VAL A C     1 
ATOM   75   O  O     . VAL A 1 10  ? 2.142   -0.299  4.440   1.00 10.41 ?  9   VAL A O     1 
ATOM   76   C  CB    . VAL A 1 10  ? 1.208   2.761   5.509   1.00 9.93  ?  9   VAL A CB    1 
ATOM   77   C  CG1   . VAL A 1 10  ? 0.871   4.162   5.004   1.00 7.71  ?  9   VAL A CG1   1 
ATOM   78   C  CG2   . VAL A 1 10  ? -0.043  1.909   5.547   1.00 13.00 ?  9   VAL A CG2   1 
ATOM   79   N  N     . GLY A 1 11  ? 3.171   0.542   6.251   1.00 12.06 ?  10  GLY A N     1 
ATOM   80   C  CA    . GLY A 1 11  ? 3.464   -0.774  6.796   1.00 9.49  ?  10  GLY A CA    1 
ATOM   81   C  C     . GLY A 1 11  ? 4.796   -0.765  7.506   1.00 11.89 ?  10  GLY A C     1 
ATOM   82   O  O     . GLY A 1 11  ? 5.574   0.178   7.339   1.00 11.30 ?  10  GLY A O     1 
ATOM   83   N  N     . ALA A 1 12  ? 5.053   -1.803  8.298   1.00 11.19 ?  11  ALA A N     1 
ATOM   84   C  CA    . ALA A 1 12  ? 6.287   -1.899  9.065   1.00 11.28 ?  11  ALA A CA    1 
ATOM   85   C  C     . ALA A 1 12  ? 7.531   -1.800  8.186   1.00 12.84 ?  11  ALA A C     1 
ATOM   86   O  O     . ALA A 1 12  ? 7.522   -2.144  7.003   1.00 12.17 ?  11  ALA A O     1 
ATOM   87   C  CB    . ALA A 1 12  ? 6.317   -3.182  9.855   1.00 10.43 ?  11  ALA A CB    1 
ATOM   88   N  N     . VAL A 1 13  ? 8.611   -1.303  8.769   1.00 14.66 ?  12  VAL A N     1 
ATOM   89   C  CA    . VAL A 1 13  ? 9.884   -1.305  8.059   1.00 14.81 ?  12  VAL A CA    1 
ATOM   90   C  C     . VAL A 1 13  ? 10.266  -2.740  7.664   1.00 14.24 ?  12  VAL A C     1 
ATOM   91   O  O     . VAL A 1 13  ? 10.101  -3.685  8.446   1.00 13.79 ?  12  VAL A O     1 
ATOM   92   C  CB    . VAL A 1 13  ? 11.011  -0.656  8.912   1.00 15.65 ?  12  VAL A CB    1 
ATOM   93   C  CG1   . VAL A 1 13  ? 11.295  -1.471  10.154  1.00 17.84 ?  12  VAL A CG1   1 
ATOM   94   C  CG2   . VAL A 1 13  ? 12.288  -0.492  8.080   1.00 17.34 ?  12  VAL A CG2   1 
ATOM   95   N  N     . GLY A 1 14  ? 10.746  -2.901  6.437   1.00 10.86 ?  13  GLY A N     1 
ATOM   96   C  CA    . GLY A 1 14  ? 11.240  -4.183  5.981   1.00 10.88 ?  13  GLY A CA    1 
ATOM   97   C  C     . GLY A 1 14  ? 10.238  -5.047  5.231   1.00 12.51 ?  13  GLY A C     1 
ATOM   98   O  O     . GLY A 1 14  ? 10.605  -6.122  4.753   1.00 12.89 ?  13  GLY A O     1 
ATOM   99   N  N     . VAL A 1 15  ? 8.994   -4.588  5.091   1.00 10.86 ?  14  VAL A N     1 
ATOM   100  C  CA    . VAL A 1 15  ? 7.951   -5.443  4.504   1.00 9.77  ?  14  VAL A CA    1 
ATOM   101  C  C     . VAL A 1 15  ? 7.996   -5.436  2.985   1.00 10.28 ?  14  VAL A C     1 
ATOM   102  O  O     . VAL A 1 15  ? 7.499   -6.368  2.349   1.00 13.47 ?  14  VAL A O     1 
ATOM   103  C  CB    . VAL A 1 15  ? 6.519   -5.029  4.943   1.00 8.93  ?  14  VAL A CB    1 
ATOM   104  C  CG1   . VAL A 1 15  ? 6.336   -5.192  6.434   1.00 11.01 ?  14  VAL A CG1   1 
ATOM   105  C  CG2   . VAL A 1 15  ? 6.219   -3.593  4.513   1.00 10.68 ?  14  VAL A CG2   1 
ATOM   106  N  N     . GLY A 1 16  ? 8.605   -4.407  2.401   1.00 10.09 ?  15  GLY A N     1 
ATOM   107  C  CA    . GLY A 1 16  ? 8.724   -4.331  0.953   1.00 9.88  ?  15  GLY A CA    1 
ATOM   108  C  C     . GLY A 1 16  ? 8.035   -3.138  0.302   1.00 10.35 ?  15  GLY A C     1 
ATOM   109  O  O     . GLY A 1 16  ? 7.795   -3.147  -0.915  1.00 11.62 ?  15  GLY A O     1 
ATOM   110  N  N     . LYS A 1 17  ? 7.727   -2.111  1.090   1.00 9.08  ?  16  LYS A N     1 
ATOM   111  C  CA    . LYS A 1 17  ? 7.059   -0.917  0.549   1.00 9.38  ?  16  LYS A CA    1 
ATOM   112  C  C     . LYS A 1 17  ? 7.848   -0.285  -0.598  1.00 11.23 ?  16  LYS A C     1 
ATOM   113  O  O     . LYS A 1 17  ? 7.293   0.039   -1.649  1.00 9.97  ?  16  LYS A O     1 
ATOM   114  C  CB    . LYS A 1 17  ? 6.833   0.126   1.647   1.00 10.69 ?  16  LYS A CB    1 
ATOM   115  C  CG    . LYS A 1 17  ? 5.955   -0.368  2.781   1.00 9.24  ?  16  LYS A CG    1 
ATOM   116  C  CD    . LYS A 1 17  ? 5.707   0.712   3.844   1.00 9.79  ?  16  LYS A CD    1 
ATOM   117  C  CE    . LYS A 1 17  ? 6.990   1.219   4.490   1.00 9.96  ?  16  LYS A CE    1 
ATOM   118  N  NZ    . LYS A 1 17  ? 7.691   0.174   5.321   1.00 11.50 1  16  LYS A NZ    1 
ATOM   119  N  N     . SER A 1 18  ? 9.152   -0.118  -0.398  1.00 11.35 ?  17  SER A N     1 
ATOM   120  C  CA    . SER A 1 18  ? 9.995   0.475   -1.422  1.00 10.45 ?  17  SER A CA    1 
ATOM   121  C  C     . SER A 1 18  ? 10.135  -0.428  -2.637  1.00 9.96  ?  17  SER A C     1 
ATOM   122  O  O     . SER A 1 18  ? 10.032  0.025   -3.776  1.00 10.66 ?  17  SER A O     1 
ATOM   123  C  CB    . SER A 1 18  ? 11.376  0.795   -0.849  1.00 7.91  ?  17  SER A CB    1 
ATOM   124  O  OG    . SER A 1 18  ? 11.294  1.799   0.166   1.00 9.45  ?  17  SER A OG    1 
ATOM   125  N  N     . ALA A 1 19  ? 10.401  -1.706  -2.390  1.00 10.49 ?  18  ALA A N     1 
ATOM   126  C  CA    . ALA A 1 19  ? 10.512  -2.679  -3.463  1.00 9.68  ?  18  ALA A CA    1 
ATOM   127  C  C     . ALA A 1 19  ? 9.231   -2.753  -4.298  1.00 10.87 ?  18  ALA A C     1 
ATOM   128  O  O     . ALA A 1 19  ? 9.295   -2.788  -5.526  1.00 11.61 ?  18  ALA A O     1 
ATOM   129  C  CB    . ALA A 1 19  ? 10.862  -4.062  -2.882  1.00 11.25 ?  18  ALA A CB    1 
ATOM   130  N  N     . LEU A 1 20  ? 8.073   -2.781  -3.650  1.00 8.93  ?  19  LEU A N     1 
ATOM   131  C  CA    . LEU A 1 20  ? 6.813   -2.717  -4.392  1.00 10.58 ?  19  LEU A CA    1 
ATOM   132  C  C     . LEU A 1 20  ? 6.707   -1.452  -5.254  1.00 10.99 ?  19  LEU A C     1 
ATOM   133  O  O     . LEU A 1 20  ? 6.374   -1.511  -6.444  1.00 13.22 ?  19  LEU A O     1 
ATOM   134  C  CB    . LEU A 1 20  ? 5.627   -2.797  -3.433  1.00 10.01 ?  19  LEU A CB    1 
ATOM   135  C  CG    . LEU A 1 20  ? 5.365   -4.192  -2.849  1.00 8.95  ?  19  LEU A CG    1 
ATOM   136  C  CD1   . LEU A 1 20  ? 4.372   -4.065  -1.714  1.00 9.94  ?  19  LEU A CD1   1 
ATOM   137  C  CD2   . LEU A 1 20  ? 4.857   -5.161  -3.923  1.00 9.22  ?  19  LEU A CD2   1 
ATOM   138  N  N     . THR A 1 21  ? 6.993   -0.306  -4.654  1.00 10.36 ?  20  THR A N     1 
ATOM   139  C  CA    . THR A 1 21  ? 6.861   0.954   -5.369  1.00 11.79 ?  20  THR A CA    1 
ATOM   140  C  C     . THR A 1 21  ? 7.815   1.025   -6.556  1.00 12.83 ?  20  THR A C     1 
ATOM   141  O  O     . THR A 1 21  ? 7.407   1.381   -7.658  1.00 13.42 ?  20  THR A O     1 
ATOM   142  C  CB    . THR A 1 21  ? 7.099   2.150   -4.436  1.00 11.08 ?  20  THR A CB    1 
ATOM   143  O  OG1   . THR A 1 21  ? 6.190   2.065   -3.330  1.00 11.99 ?  20  THR A OG1   1 
ATOM   144  C  CG2   . THR A 1 21  ? 6.869   3.459   -5.180  1.00 11.78 ?  20  THR A CG2   1 
ATOM   145  N  N     . ILE A 1 22  ? 9.080   0.677   -6.343  1.00 12.83 ?  21  ILE A N     1 
ATOM   146  C  CA    . ILE A 1 22  ? 10.046  0.732   -7.437  1.00 13.33 ?  21  ILE A CA    1 
ATOM   147  C  C     . ILE A 1 22  ? 9.726   -0.299  -8.532  1.00 14.88 ?  21  ILE A C     1 
ATOM   148  O  O     . ILE A 1 22  ? 9.942   -0.042  -9.714  1.00 16.79 ?  21  ILE A O     1 
ATOM   149  C  CB    . ILE A 1 22  ? 11.477  0.557   -6.895  1.00 13.94 ?  21  ILE A CB    1 
ATOM   150  C  CG1   . ILE A 1 22  ? 11.824  1.760   -6.013  1.00 14.31 ?  21  ILE A CG1   1 
ATOM   151  C  CG2   . ILE A 1 22  ? 12.490  0.441   -8.030  1.00 16.98 ?  21  ILE A CG2   1 
ATOM   152  C  CD1   . ILE A 1 22  ? 13.050  1.568   -5.151  1.00 19.29 ?  21  ILE A CD1   1 
ATOM   153  N  N     . GLN A 1 23  ? 9.171   -1.442  -8.152  1.00 13.87 ?  22  GLN A N     1 
ATOM   154  C  CA    . GLN A 1 23  ? 8.738   -2.439  -9.141  1.00 18.25 ?  22  GLN A CA    1 
ATOM   155  C  C     . GLN A 1 23  ? 7.601   -1.858  -10.011 1.00 17.27 ?  22  GLN A C     1 
ATOM   156  O  O     . GLN A 1 23  ? 7.627   -1.965  -11.237 1.00 16.33 ?  22  GLN A O     1 
ATOM   157  C  CB    . GLN A 1 23  ? 8.314   -3.731  -8.416  1.00 15.15 ?  22  GLN A CB    1 
ATOM   158  C  CG    . GLN A 1 23  ? 8.122   -5.003  -9.237  1.00 21.10 ?  22  GLN A CG    1 
ATOM   159  C  CD    . GLN A 1 23  ? 9.289   -5.380  -10.143 1.00 17.98 ?  22  GLN A CD    1 
ATOM   160  O  OE1   . GLN A 1 23  ? 9.440   -4.825  -11.221 1.00 19.64 ?  22  GLN A OE1   1 
ATOM   161  N  NE2   . GLN A 1 23  ? 10.078  -6.372  -9.734  1.00 15.94 ?  22  GLN A NE2   1 
ATOM   162  N  N     . LEU A 1 24  ? 6.608   -1.241  -9.376  1.00 15.17 ?  23  LEU A N     1 
ATOM   163  C  CA    . LEU A 1 24  ? 5.526   -0.570  -10.096 1.00 15.82 ?  23  LEU A CA    1 
ATOM   164  C  C     . LEU A 1 24  ? 6.070   0.496   -11.049 1.00 19.88 ?  23  LEU A C     1 
ATOM   165  O  O     . LEU A 1 24  ? 5.724   0.508   -12.230 1.00 18.83 ?  23  LEU A O     1 
ATOM   166  C  CB    . LEU A 1 24  ? 4.539   0.077   -9.103  1.00 16.36 ?  23  LEU A CB    1 
ATOM   167  C  CG    . LEU A 1 24  ? 3.125   0.592   -9.454  1.00 17.26 ?  23  LEU A CG    1 
ATOM   168  C  CD1   . LEU A 1 24  ? 3.125   1.942   -10.131 1.00 21.29 ?  23  LEU A CD1   1 
ATOM   169  C  CD2   . LEU A 1 24  ? 2.338   -0.413  -10.295 1.00 15.10 ?  23  LEU A CD2   1 
ATOM   170  N  N     . ILE A 1 25  ? 6.913   1.385   -10.529 1.00 18.49 ?  24  ILE A N     1 
ATOM   171  C  CA    . ILE A 1 25  ? 7.403   2.528   -11.300 1.00 22.27 ?  24  ILE A CA    1 
ATOM   172  C  C     . ILE A 1 25  ? 8.435   2.155   -12.362 1.00 23.56 ?  24  ILE A C     1 
ATOM   173  O  O     . ILE A 1 25  ? 8.303   2.536   -13.527 1.00 24.44 ?  24  ILE A O     1 
ATOM   174  C  CB    . ILE A 1 25  ? 8.063   3.599   -10.400 1.00 23.18 ?  24  ILE A CB    1 
ATOM   175  C  CG1   . ILE A 1 25  ? 7.158   3.994   -9.233  1.00 21.89 ?  24  ILE A CG1   1 
ATOM   176  C  CG2   . ILE A 1 25  ? 8.465   4.820   -11.224 1.00 21.61 ?  24  ILE A CG2   1 
ATOM   177  C  CD1   . ILE A 1 25  ? 5.821   4.497   -9.630  1.00 24.37 ?  24  ILE A CD1   1 
ATOM   178  N  N     . GLN A 1 26  ? 9.481   1.450   -11.947 1.00 18.21 ?  25  GLN A N     1 
ATOM   179  C  CA    . GLN A 1 26  ? 10.655  1.255   -12.798 1.00 21.97 ?  25  GLN A CA    1 
ATOM   180  C  C     . GLN A 1 26  ? 10.847  -0.188  -13.260 1.00 23.61 ?  25  GLN A C     1 
ATOM   181  O  O     . GLN A 1 26  ? 11.800  -0.493  -13.978 1.00 23.07 ?  25  GLN A O     1 
ATOM   182  C  CB    . GLN A 1 26  ? 11.910  1.739   -12.062 1.00 20.15 ?  25  GLN A CB    1 
ATOM   183  C  CG    . GLN A 1 26  ? 11.838  3.202   -11.631 1.00 23.02 ?  25  GLN A CG    1 
ATOM   184  C  CD    . GLN A 1 26  ? 12.943  3.589   -10.660 1.00 26.46 ?  25  GLN A CD    1 
ATOM   185  O  OE1   . GLN A 1 26  ? 13.718  2.747   -10.222 1.00 32.77 ?  25  GLN A OE1   1 
ATOM   186  N  NE2   . GLN A 1 26  ? 13.011  4.869   -10.316 1.00 34.30 ?  25  GLN A NE2   1 
ATOM   187  N  N     . ASN A 1 27  ? 9.943   -1.069  -12.847 1.00 18.67 ?  26  ASN A N     1 
ATOM   188  C  CA    . ASN A 1 27  ? 9.921   -2.440  -13.338 1.00 20.90 ?  26  ASN A CA    1 
ATOM   189  C  C     . ASN A 1 27  ? 11.212  -3.186  -13.089 1.00 22.38 ?  26  ASN A C     1 
ATOM   190  O  O     . ASN A 1 27  ? 11.644  -3.981  -13.918 1.00 28.40 ?  26  ASN A O     1 
ATOM   191  C  CB    . ASN A 1 27  ? 9.590   -2.464  -14.832 1.00 24.73 ?  26  ASN A CB    1 
ATOM   192  C  CG    . ASN A 1 27  ? 8.135   -2.170  -15.097 1.00 29.62 ?  26  ASN A CG    1 
ATOM   193  O  OD1   . ASN A 1 27  ? 7.329   -3.087  -15.248 1.00 34.84 ?  26  ASN A OD1   1 
ATOM   194  N  ND2   . ASN A 1 27  ? 7.782   -0.887  -15.137 1.00 27.35 ?  26  ASN A ND2   1 
ATOM   195  N  N     . HIS A 1 28  ? 11.841  -2.916  -11.950 1.00 20.31 ?  27  HIS A N     1 
ATOM   196  C  CA    . HIS A 1 28  ? 12.941  -3.764  -11.496 1.00 21.61 ?  27  HIS A CA    1 
ATOM   197  C  C     . HIS A 1 28  ? 12.893  -3.902  -9.988  1.00 20.77 ?  27  HIS A C     1 
ATOM   198  O  O     . HIS A 1 28  ? 12.256  -3.108  -9.302  1.00 19.76 ?  27  HIS A O     1 
ATOM   199  C  CB    . HIS A 1 28  ? 14.304  -3.229  -11.958 1.00 25.50 ?  27  HIS A CB    1 
ATOM   200  C  CG    . HIS A 1 28  ? 14.640  -1.864  -11.449 1.00 29.45 ?  27  HIS A CG    1 
ATOM   201  N  ND1   . HIS A 1 28  ? 15.491  -1.651  -10.386 1.00 31.85 ?  27  HIS A ND1   1 
ATOM   202  C  CD2   . HIS A 1 28  ? 14.259  -0.635  -11.875 1.00 28.45 ?  27  HIS A CD2   1 
ATOM   203  C  CE1   . HIS A 1 28  ? 15.610  -0.353  -10.169 1.00 30.36 ?  27  HIS A CE1   1 
ATOM   204  N  NE2   . HIS A 1 28  ? 14.870  0.286   -11.061 1.00 31.80 ?  27  HIS A NE2   1 
ATOM   205  N  N     . PHE A 1 29  ? 13.557  -4.936  -9.491  1.00 18.94 ?  28  PHE A N     1 
ATOM   206  C  CA    . PHE A 1 29  ? 13.522  -5.287  -8.091  1.00 17.44 ?  28  PHE A CA    1 
ATOM   207  C  C     . PHE A 1 29  ? 14.764  -4.764  -7.392  1.00 24.21 ?  28  PHE A C     1 
ATOM   208  O  O     . PHE A 1 29  ? 15.883  -5.044  -7.815  1.00 22.43 ?  28  PHE A O     1 
ATOM   209  C  CB    . PHE A 1 29  ? 13.410  -6.808  -7.931  1.00 16.02 ?  28  PHE A CB    1 
ATOM   210  C  CG    . PHE A 1 29  ? 13.545  -7.281  -6.513  1.00 18.28 ?  28  PHE A CG    1 
ATOM   211  C  CD1   . PHE A 1 29  ? 12.622  -6.899  -5.550  1.00 18.11 ?  28  PHE A CD1   1 
ATOM   212  C  CD2   . PHE A 1 29  ? 14.597  -8.104  -6.138  1.00 21.49 ?  28  PHE A CD2   1 
ATOM   213  C  CE1   . PHE A 1 29  ? 12.738  -7.332  -4.235  1.00 17.55 ?  28  PHE A CE1   1 
ATOM   214  C  CE2   . PHE A 1 29  ? 14.724  -8.541  -4.826  1.00 22.24 ?  28  PHE A CE2   1 
ATOM   215  C  CZ    . PHE A 1 29  ? 13.792  -8.151  -3.869  1.00 20.34 ?  28  PHE A CZ    1 
ATOM   216  N  N     . VAL A 1 30  ? 14.564  -4.001  -6.323  1.00 21.02 ?  29  VAL A N     1 
ATOM   217  C  CA    . VAL A 1 30  ? 15.691  -3.449  -5.586  1.00 27.15 ?  29  VAL A CA    1 
ATOM   218  C  C     . VAL A 1 30  ? 15.955  -4.222  -4.298  1.00 31.66 ?  29  VAL A C     1 
ATOM   219  O  O     . VAL A 1 30  ? 15.125  -4.224  -3.381  1.00 33.14 ?  29  VAL A O     1 
ATOM   220  C  CB    . VAL A 1 30  ? 15.473  -1.958  -5.257  1.00 28.24 ?  29  VAL A CB    1 
ATOM   221  C  CG1   . VAL A 1 30  ? 16.604  -1.441  -4.378  1.00 32.59 ?  29  VAL A CG1   1 
ATOM   222  C  CG2   . VAL A 1 30  ? 15.392  -1.151  -6.530  1.00 26.95 ?  29  VAL A CG2   1 
ATOM   223  N  N     . ASP A 1 31  ? 17.111  -4.887  -4.252  1.00 32.09 ?  30  ASP A N     1 
ATOM   224  C  CA    . ASP A 1 31  ? 17.558  -5.659  -3.090  1.00 33.72 ?  30  ASP A CA    1 
ATOM   225  C  C     . ASP A 1 31  ? 17.732  -4.785  -1.859  1.00 32.81 ?  30  ASP A C     1 
ATOM   226  O  O     . ASP A 1 31  ? 17.416  -5.183  -0.740  1.00 28.53 ?  30  ASP A O     1 
ATOM   227  C  CB    . ASP A 1 31  ? 18.892  -6.352  -3.386  1.00 29.65 ?  30  ASP A CB    1 
ATOM   228  C  CG    . ASP A 1 31  ? 18.739  -7.577  -4.260  1.00 37.29 ?  30  ASP A CG    1 
ATOM   229  O  OD1   . ASP A 1 31  ? 18.025  -8.517  -3.849  1.00 42.38 ?  30  ASP A OD1   1 
ATOM   230  O  OD2   . ASP A 1 31  ? 19.334  -7.604  -5.362  1.00 39.06 -1 30  ASP A OD2   1 
ATOM   231  N  N     . GLU A 1 32  ? 18.283  -3.601  -2.069  1.00 33.03 ?  31  GLU A N     1 
ATOM   232  C  CA    . GLU A 1 32  ? 18.647  -2.750  -0.955  1.00 33.08 ?  31  GLU A CA    1 
ATOM   233  C  C     . GLU A 1 32  ? 18.339  -1.300  -1.264  1.00 38.10 ?  31  GLU A C     1 
ATOM   234  O  O     . GLU A 1 32  ? 18.953  -0.677  -2.137  1.00 42.62 ?  31  GLU A O     1 
ATOM   235  C  CB    . GLU A 1 32  ? 20.128  -2.919  -0.609  1.00 37.51 ?  31  GLU A CB    1 
ATOM   236  C  CG    . GLU A 1 32  ? 20.531  -2.260  0.698   1.00 41.78 ?  31  GLU A CG    1 
ATOM   237  C  CD    . GLU A 1 32  ? 21.839  -2.805  1.242   1.00 49.16 ?  31  GLU A CD    1 
ATOM   238  O  OE1   . GLU A 1 32  ? 22.384  -3.752  0.630   1.00 49.20 ?  31  GLU A OE1   1 
ATOM   239  O  OE2   . GLU A 1 32  ? 22.319  -2.290  2.281   1.00 50.59 -1 31  GLU A OE2   1 
ATOM   240  N  N     . TYR A 1 33  ? 17.362  -0.775  -0.544  1.00 27.98 ?  32  TYR A N     1 
ATOM   241  C  CA    . TYR A 1 33  ? 16.987  0.614   -0.654  1.00 23.75 ?  32  TYR A CA    1 
ATOM   242  C  C     . TYR A 1 33  ? 16.859  1.078   0.780   1.00 20.47 ?  32  TYR A C     1 
ATOM   243  O  O     . TYR A 1 33  ? 16.174  0.441   1.579   1.00 19.20 ?  32  TYR A O     1 
ATOM   244  C  CB    . TYR A 1 33  ? 15.690  0.759   -1.448  1.00 21.69 ?  32  TYR A CB    1 
ATOM   245  C  CG    . TYR A 1 33  ? 15.162  2.164   -1.640  1.00 20.20 ?  32  TYR A CG    1 
ATOM   246  C  CD1   . TYR A 1 33  ? 15.533  2.935   -2.740  1.00 26.28 ?  32  TYR A CD1   1 
ATOM   247  C  CD2   . TYR A 1 33  ? 14.248  2.699   -0.747  1.00 19.43 ?  32  TYR A CD2   1 
ATOM   248  C  CE1   . TYR A 1 33  ? 15.012  4.230   -2.923  1.00 30.78 ?  32  TYR A CE1   1 
ATOM   249  C  CE2   . TYR A 1 33  ? 13.729  3.977   -0.918  1.00 22.27 ?  32  TYR A CE2   1 
ATOM   250  C  CZ    . TYR A 1 33  ? 14.106  4.739   -2.001  1.00 22.71 ?  32  TYR A CZ    1 
ATOM   251  O  OH    . TYR A 1 33  ? 13.560  6.008   -2.146  1.00 29.70 ?  32  TYR A OH    1 
ATOM   252  N  N     . ASP A 1 34  ? 17.573  2.147   1.112   1.00 19.07 ?  33  ASP A N     1 
ATOM   253  C  CA    . ASP A 1 34  ? 17.660  2.629   2.489   1.00 16.99 ?  33  ASP A CA    1 
ATOM   254  C  C     . ASP A 1 34  ? 16.284  2.677   3.147   1.00 13.90 ?  33  ASP A C     1 
ATOM   255  O  O     . ASP A 1 34  ? 15.370  3.333   2.651   1.00 15.76 ?  33  ASP A O     1 
ATOM   256  C  CB    . ASP A 1 34  ? 18.331  4.011   2.502   1.00 23.34 ?  33  ASP A CB    1 
ATOM   257  C  CG    . ASP A 1 34  ? 18.689  4.496   3.904   1.00 24.32 ?  33  ASP A CG    1 
ATOM   258  O  OD1   . ASP A 1 34  ? 17.916  4.256   4.859   1.00 17.78 ?  33  ASP A OD1   1 
ATOM   259  O  OD2   . ASP A 1 34  ? 19.747  5.158   4.042   1.00 25.47 -1 33  ASP A OD2   1 
ATOM   260  N  N     . PRO A 1 35  ? 16.127  1.950   4.261   1.00 15.43 ?  34  PRO A N     1 
ATOM   261  C  CA    . PRO A 1 35  ? 14.855  1.868   4.986   1.00 15.46 ?  34  PRO A CA    1 
ATOM   262  C  C     . PRO A 1 35  ? 14.352  3.211   5.493   1.00 15.78 ?  34  PRO A C     1 
ATOM   263  O  O     . PRO A 1 35  ? 13.180  3.285   5.860   1.00 11.84 ?  34  PRO A O     1 
ATOM   264  C  CB    . PRO A 1 35  ? 15.179  0.973   6.185   1.00 14.76 ?  34  PRO A CB    1 
ATOM   265  C  CG    . PRO A 1 35  ? 16.445  0.298   5.854   1.00 19.57 ?  34  PRO A CG    1 
ATOM   266  C  CD    . PRO A 1 35  ? 17.189  1.159   4.902   1.00 17.14 ?  34  PRO A CD    1 
ATOM   267  N  N     . THR A 1 36  ? 15.213  4.230   5.547   1.00 13.68 ?  35  THR A N     1 
ATOM   268  C  CA    . THR A 1 36  ? 14.837  5.496   6.164   1.00 16.06 ?  35  THR A CA    1 
ATOM   269  C  C     . THR A 1 36  ? 14.479  6.569   5.141   1.00 13.42 ?  35  THR A C     1 
ATOM   270  O  O     . THR A 1 36  ? 14.228  7.703   5.506   1.00 15.89 ?  35  THR A O     1 
ATOM   271  C  CB    . THR A 1 36  ? 15.969  6.041   7.093   1.00 14.84 ?  35  THR A CB    1 
ATOM   272  O  OG1   . THR A 1 36  ? 17.141  6.350   6.330   1.00 13.59 ?  35  THR A OG1   1 
ATOM   273  C  CG2   . THR A 1 36  ? 16.321  5.008   8.143   1.00 14.45 ?  35  THR A CG2   1 
ATOM   274  N  N     . ILE A 1 37  ? 14.456  6.213   3.860   1.00 14.64 ?  36  ILE A N     1 
ATOM   275  C  CA    . ILE A 1 37  ? 14.133  7.203   2.839   1.00 14.49 ?  36  ILE A CA    1 
ATOM   276  C  C     . ILE A 1 37  ? 12.651  7.178   2.481   1.00 12.62 ?  36  ILE A C     1 
ATOM   277  O  O     . ILE A 1 37  ? 12.092  6.124   2.169   1.00 14.28 ?  36  ILE A O     1 
ATOM   278  C  CB    . ILE A 1 37  ? 14.961  6.998   1.565   1.00 19.57 ?  36  ILE A CB    1 
ATOM   279  C  CG1   . ILE A 1 37  ? 16.448  7.247   1.848   1.00 18.82 ?  36  ILE A CG1   1 
ATOM   280  C  CG2   . ILE A 1 37  ? 14.487  7.941   0.466   1.00 17.60 ?  36  ILE A CG2   1 
ATOM   281  C  CD1   . ILE A 1 37  ? 17.357  6.812   0.707   1.00 20.53 ?  36  ILE A CD1   1 
ATOM   282  N  N     . GLU A 1 38  ? 12.020  8.345   2.533   1.00 12.68 ?  37  GLU A N     1 
ATOM   283  C  CA    . GLU A 1 38  ? 10.604  8.479   2.184   1.00 15.64 ?  37  GLU A CA    1 
ATOM   284  C  C     . GLU A 1 38  ? 10.465  9.407   0.997   1.00 19.08 ?  37  GLU A C     1 
ATOM   285  O  O     . GLU A 1 38  ? 10.940  10.546  1.035   1.00 18.93 ?  37  GLU A O     1 
ATOM   286  C  CB    . GLU A 1 38  ? 9.801   9.010   3.365   1.00 14.95 ?  37  GLU A CB    1 
ATOM   287  C  CG    . GLU A 1 38  ? 8.357   9.416   3.079   1.00 13.27 ?  37  GLU A CG    1 
ATOM   288  C  CD    . GLU A 1 38  ? 7.589   9.696   4.364   1.00 15.47 ?  37  GLU A CD    1 
ATOM   289  O  OE1   . GLU A 1 38  ? 7.455   8.773   5.191   1.00 15.19 ?  37  GLU A OE1   1 
ATOM   290  O  OE2   . GLU A 1 38  ? 7.140   10.845  4.570   1.00 18.45 -1 37  GLU A OE2   1 
ATOM   291  N  N     A ASP A 1 39  ? 9.813   8.926   -0.055  0.85 13.96 ?  38  ASP A N     1 
ATOM   292  C  CA    A ASP A 1 39  ? 9.729   9.707   -1.277  0.85 17.61 ?  38  ASP A CA    1 
ATOM   293  C  C     A ASP A 1 39  ? 8.390   9.547   -1.984  0.85 14.28 ?  38  ASP A C     1 
ATOM   294  O  O     A ASP A 1 39  ? 7.740   8.505   -1.894  0.85 9.69  ?  38  ASP A O     1 
ATOM   295  C  CB    A ASP A 1 39  ? 10.858  9.318   -2.221  0.85 21.79 ?  38  ASP A CB    1 
ATOM   296  C  CG    A ASP A 1 39  ? 11.193  10.419  -3.201  0.85 30.56 ?  38  ASP A CG    1 
ATOM   297  O  OD1   A ASP A 1 39  ? 11.005  11.606  -2.848  0.85 28.89 ?  38  ASP A OD1   1 
ATOM   298  O  OD2   A ASP A 1 39  ? 11.641  10.101  -4.324  0.85 38.29 -1 38  ASP A OD2   1 
ATOM   299  N  N     . CYS A 1 40  ? 8.000   10.609  -2.684  1.00 15.50 ?  39  CYS A N     1 
ATOM   300  C  CA    . CYS A 1 40  ? 6.735   10.675  -3.500  1.00 12.97 ?  39  CYS A CA    1 
ATOM   301  C  C     . CYS A 1 40  ? 7.106   10.427  -4.956  1.00 17.49 ?  39  CYS A C     1 
ATOM   302  O  O     . CYS A 1 40  ? 7.853   11.190  -5.528  1.00 16.59 ?  39  CYS A O     1 
ATOM   303  C  CB    . CYS A 1 40  ? 6.189   12.043  -3.302  1.00 14.57 ?  39  CYS A CB    1 
ATOM   304  S  SG    . CYS A 1 40  ? 4.779   12.445  -4.309  1.00 16.72 ?  39  CYS A SG    1 
ATOM   305  N  N     . TYR A 1 41  ? 6.585   9.348   -5.540  1.00 15.35 ?  40  TYR A N     1 
ATOM   306  C  CA    . TYR A 1 41  ? 6.832   9.014   -6.941  1.00 18.06 ?  40  TYR A CA    1 
ATOM   307  C  C     . TYR A 1 41  ? 5.632   9.346   -7.813  1.00 20.38 ?  40  TYR A C     1 
ATOM   308  O  O     . TYR A 1 41  ? 4.496   9.374   -7.331  1.00 20.13 ?  40  TYR A O     1 
ATOM   309  C  CB    . TYR A 1 41  ? 7.150   7.532   -7.106  1.00 19.78 ?  40  TYR A CB    1 
ATOM   310  C  CG    . TYR A 1 41  ? 8.443   7.077   -6.487  1.00 21.60 ?  40  TYR A CG    1 
ATOM   311  C  CD1   . TYR A 1 41  ? 8.509   6.716   -5.142  1.00 21.06 ?  40  TYR A CD1   1 
ATOM   312  C  CD2   . TYR A 1 41  ? 9.592   6.975   -7.249  1.00 22.95 ?  40  TYR A CD2   1 
ATOM   313  C  CE1   . TYR A 1 41  ? 9.695   6.275   -4.575  1.00 20.64 ?  40  TYR A CE1   1 
ATOM   314  C  CE2   . TYR A 1 41  ? 10.784  6.539   -6.694  1.00 29.00 ?  40  TYR A CE2   1 
ATOM   315  C  CZ    . TYR A 1 41  ? 10.832  6.189   -5.360  1.00 28.96 ?  40  TYR A CZ    1 
ATOM   316  O  OH    . TYR A 1 41  ? 12.030  5.755   -4.829  1.00 28.05 ?  40  TYR A OH    1 
ATOM   317  N  N     . ARG A 1 42  ? 5.884   9.584   -9.097  1.00 19.54 ?  41  ARG A N     1 
ATOM   318  C  CA    . ARG A 1 42  ? 4.811   9.764   -10.074 1.00 20.73 ?  41  ARG A CA    1 
ATOM   319  C  C     . ARG A 1 42  ? 4.964   8.813   -11.246 1.00 25.16 ?  41  ARG A C     1 
ATOM   320  O  O     . ARG A 1 42  ? 6.074   8.543   -11.699 1.00 21.28 ?  41  ARG A O     1 
ATOM   321  C  CB    . ARG A 1 42  ? 4.771   11.199  -10.579 1.00 27.13 ?  41  ARG A CB    1 
ATOM   322  C  CG    . ARG A 1 42  ? 4.113   12.147  -9.612  1.00 27.83 ?  41  ARG A CG    1 
ATOM   323  C  CD    . ARG A 1 42  ? 4.714   13.534  -9.699  1.00 37.85 ?  41  ARG A CD    1 
ATOM   324  N  NE    . ARG A 1 42  ? 4.266   14.382  -8.594  1.00 44.92 ?  41  ARG A NE    1 
ATOM   325  C  CZ    . ARG A 1 42  ? 4.989   14.642  -7.507  1.00 42.13 ?  41  ARG A CZ    1 
ATOM   326  N  NH1   . ARG A 1 42  ? 6.207   14.125  -7.375  1.00 44.75 ?  41  ARG A NH1   1 
ATOM   327  N  NH2   . ARG A 1 42  ? 4.497   15.425  -6.554  1.00 40.85 1  41  ARG A NH2   1 
ATOM   328  N  N     . LYS A 1 43  ? 3.837   8.302   -11.735 1.00 17.42 ?  42  LYS A N     1 
ATOM   329  C  CA    . LYS A 1 43  ? 3.862   7.343   -12.826 1.00 17.03 ?  42  LYS A CA    1 
ATOM   330  C  C     . LYS A 1 43  ? 2.554   7.391   -13.600 1.00 16.51 ?  42  LYS A C     1 
ATOM   331  O  O     . LYS A 1 43  ? 1.476   7.236   -13.026 1.00 16.80 ?  42  LYS A O     1 
ATOM   332  C  CB    . LYS A 1 43  ? 4.113   5.928   -12.288 1.00 21.97 ?  42  LYS A CB    1 
ATOM   333  C  CG    . LYS A 1 43  ? 4.124   4.816   -13.329 1.00 26.62 ?  42  LYS A CG    1 
ATOM   334  C  CD    . LYS A 1 43  ? 5.228   5.007   -14.356 1.00 26.35 ?  42  LYS A CD    1 
ATOM   335  C  CE    . LYS A 1 43  ? 5.224   3.897   -15.414 1.00 28.86 ?  42  LYS A CE    1 
ATOM   336  N  NZ    . LYS A 1 43  ? 5.891   2.641   -14.989 1.00 30.35 1  42  LYS A NZ    1 
ATOM   337  N  N     . GLN A 1 44  ? 2.664   7.618   -14.900 1.00 16.25 ?  43  GLN A N     1 
ATOM   338  C  CA    . GLN A 1 44  ? 1.523   7.571   -15.795 1.00 17.21 ?  43  GLN A CA    1 
ATOM   339  C  C     . GLN A 1 44  ? 1.248   6.134   -16.212 1.00 18.90 ?  43  GLN A C     1 
ATOM   340  O  O     . GLN A 1 44  ? 2.166   5.413   -16.629 1.00 17.01 ?  43  GLN A O     1 
ATOM   341  C  CB    . GLN A 1 44  ? 1.789   8.447   -17.011 1.00 18.37 ?  43  GLN A CB    1 
ATOM   342  C  CG    . GLN A 1 44  ? 0.751   8.352   -18.085 1.00 23.34 ?  43  GLN A CG    1 
ATOM   343  C  CD    . GLN A 1 44  ? 1.072   9.276   -19.250 1.00 41.73 ?  43  GLN A CD    1 
ATOM   344  O  OE1   . GLN A 1 44  ? 1.489   10.425  -19.057 1.00 37.02 ?  43  GLN A OE1   1 
ATOM   345  N  NE2   . GLN A 1 44  ? 0.899   8.770   -20.468 1.00 41.57 ?  43  GLN A NE2   1 
ATOM   346  N  N     . VAL A 1 45  ? -0.007  5.705   -16.075 1.00 16.50 ?  44  VAL A N     1 
ATOM   347  C  CA    . VAL A 1 45  ? -0.406  4.332   -16.410 1.00 15.83 ?  44  VAL A CA    1 
ATOM   348  C  C     . VAL A 1 45  ? -1.759  4.329   -17.115 1.00 15.92 ?  44  VAL A C     1 
ATOM   349  O  O     . VAL A 1 45  ? -2.379  5.366   -17.276 1.00 17.12 ?  44  VAL A O     1 
ATOM   350  C  CB    . VAL A 1 45  ? -0.514  3.426   -15.163 1.00 17.71 ?  44  VAL A CB    1 
ATOM   351  C  CG1   . VAL A 1 45  ? 0.843   3.257   -14.483 1.00 18.40 ?  44  VAL A CG1   1 
ATOM   352  C  CG2   . VAL A 1 45  ? -1.565  3.991   -14.175 1.00 17.51 ?  44  VAL A CG2   1 
ATOM   353  N  N     . VAL A 1 46  ? -2.202  3.157   -17.540 1.00 14.40 ?  45  VAL A N     1 
ATOM   354  C  CA    . VAL A 1 46  ? -3.545  3.000   -18.073 1.00 14.55 ?  45  VAL A CA    1 
ATOM   355  C  C     . VAL A 1 46  ? -4.234  1.916   -17.244 1.00 13.83 ?  45  VAL A C     1 
ATOM   356  O  O     . VAL A 1 46  ? -3.726  0.803   -17.106 1.00 15.53 ?  45  VAL A O     1 
ATOM   357  C  CB    . VAL A 1 46  ? -3.535  2.630   -19.578 1.00 20.78 ?  45  VAL A CB    1 
ATOM   358  C  CG1   . VAL A 1 46  ? -4.946  2.407   -20.086 1.00 18.73 ?  45  VAL A CG1   1 
ATOM   359  C  CG2   . VAL A 1 46  ? -2.854  3.724   -20.383 1.00 18.19 ?  45  VAL A CG2   1 
ATOM   360  N  N     . ILE A 1 47  ? -5.373  2.260   -16.653 1.00 13.35 ?  46  ILE A N     1 
ATOM   361  C  CA    . ILE A 1 47  ? -6.104  1.329   -15.812 1.00 14.37 ?  46  ILE A CA    1 
ATOM   362  C  C     . ILE A 1 47  ? -7.538  1.263   -16.303 1.00 13.13 ?  46  ILE A C     1 
ATOM   363  O  O     . ILE A 1 47  ? -8.248  2.270   -16.272 1.00 14.86 ?  46  ILE A O     1 
ATOM   364  C  CB    . ILE A 1 47  ? -6.078  1.748   -14.325 1.00 12.40 ?  46  ILE A CB    1 
ATOM   365  C  CG1   . ILE A 1 47  ? -4.637  1.836   -13.817 1.00 12.11 ?  46  ILE A CG1   1 
ATOM   366  C  CG2   . ILE A 1 47  ? -6.891  0.753   -13.488 1.00 11.46 ?  46  ILE A CG2   1 
ATOM   367  C  CD1   . ILE A 1 47  ? -4.504  2.342   -12.380 1.00 9.64  ?  46  ILE A CD1   1 
ATOM   368  N  N     . ASP A 1 48  ? -7.952  0.081   -16.756 1.00 16.97 ?  47  ASP A N     1 
ATOM   369  C  CA    . ASP A 1 48  ? -9.281  -0.122  -17.341 1.00 17.71 ?  47  ASP A CA    1 
ATOM   370  C  C     . ASP A 1 48  ? -9.534  0.880   -18.456 1.00 15.60 ?  47  ASP A C     1 
ATOM   371  O  O     . ASP A 1 48  ? -10.616 1.458   -18.581 1.00 16.25 ?  47  ASP A O     1 
ATOM   372  C  CB    . ASP A 1 48  ? -10.363 -0.028  -16.264 1.00 14.83 ?  47  ASP A CB    1 
ATOM   373  C  CG    . ASP A 1 48  ? -10.156 -1.027  -15.152 1.00 19.43 ?  47  ASP A CG    1 
ATOM   374  O  OD1   . ASP A 1 48  ? -9.917  -2.230  -15.436 1.00 16.49 ?  47  ASP A OD1   1 
ATOM   375  O  OD2   . ASP A 1 48  ? -10.229 -0.603  -13.985 1.00 16.12 -1 47  ASP A OD2   1 
ATOM   376  N  N     . GLY A 1 49  ? -8.502  1.104   -19.259 1.00 17.29 ?  48  GLY A N     1 
ATOM   377  C  CA    . GLY A 1 49  ? -8.612  1.967   -20.419 1.00 17.10 ?  48  GLY A CA    1 
ATOM   378  C  C     . GLY A 1 49  ? -8.412  3.432   -20.109 1.00 16.38 ?  48  GLY A C     1 
ATOM   379  O  O     . GLY A 1 49  ? -8.388  4.264   -21.008 1.00 19.71 ?  48  GLY A O     1 
ATOM   380  N  N     . GLU A 1 50  ? -8.274  3.753   -18.828 1.00 14.93 ?  49  GLU A N     1 
ATOM   381  C  CA    . GLU A 1 50  ? -8.145  5.132   -18.404 1.00 15.41 ?  49  GLU A CA    1 
ATOM   382  C  C     . GLU A 1 50  ? -6.683  5.509   -18.226 1.00 15.20 ?  49  GLU A C     1 
ATOM   383  O  O     . GLU A 1 50  ? -5.985  4.933   -17.385 1.00 14.78 ?  49  GLU A O     1 
ATOM   384  C  CB    . GLU A 1 50  ? -8.898  5.362   -17.090 1.00 17.24 ?  49  GLU A CB    1 
ATOM   385  C  CG    . GLU A 1 50  ? -8.757  6.761   -16.516 1.00 15.00 ?  49  GLU A CG    1 
ATOM   386  C  CD    . GLU A 1 50  ? -9.432  6.876   -15.173 1.00 21.73 ?  49  GLU A CD    1 
ATOM   387  O  OE1   . GLU A 1 50  ? -8.762  6.644   -14.135 1.00 16.37 ?  49  GLU A OE1   1 
ATOM   388  O  OE2   . GLU A 1 50  ? -10.643 7.178   -15.158 1.00 23.46 -1 49  GLU A OE2   1 
ATOM   389  N  N     . THR A 1 51  ? -6.224  6.470   -19.019 1.00 15.54 ?  50  THR A N     1 
ATOM   390  C  CA    . THR A 1 51  ? -4.898  7.037   -18.820 1.00 15.89 ?  50  THR A CA    1 
ATOM   391  C  C     . THR A 1 51  ? -4.952  7.921   -17.583 1.00 15.25 ?  50  THR A C     1 
ATOM   392  O  O     . THR A 1 51  ? -5.802  8.813   -17.470 1.00 17.09 ?  50  THR A O     1 
ATOM   393  C  CB    . THR A 1 51  ? -4.425  7.820   -20.042 1.00 15.72 ?  50  THR A CB    1 
ATOM   394  O  OG1   . THR A 1 51  ? -4.114  6.884   -21.089 1.00 14.95 ?  50  THR A OG1   1 
ATOM   395  C  CG2   . THR A 1 51  ? -3.190  8.631   -19.698 1.00 16.74 ?  50  THR A CG2   1 
ATOM   396  N  N     . CYS A 1 52  ? -4.058  7.651   -16.640 1.00 12.53 ?  51  CYS A N     1 
ATOM   397  C  CA    . CYS A 1 52  ? -4.061  8.380   -15.383 1.00 13.55 ?  51  CYS A CA    1 
ATOM   398  C  C     . CYS A 1 52  ? -2.679  8.491   -14.756 1.00 13.40 ?  51  CYS A C     1 
ATOM   399  O  O     . CYS A 1 52  ? -1.740  7.779   -15.118 1.00 12.73 ?  51  CYS A O     1 
ATOM   400  C  CB    . CYS A 1 52  ? -5.025  7.729   -14.385 1.00 12.17 ?  51  CYS A CB    1 
ATOM   401  S  SG    . CYS A 1 52  ? -4.655  6.003   -13.955 1.00 14.30 ?  51  CYS A SG    1 
ATOM   402  N  N     . LEU A 1 53  ? -2.577  9.416   -13.811 1.00 11.38 ?  52  LEU A N     1 
ATOM   403  C  CA    . LEU A 1 53  ? -1.343  9.659   -13.097 1.00 11.04 ?  52  LEU A CA    1 
ATOM   404  C  C     . LEU A 1 53  ? -1.444  9.112   -11.674 1.00 12.17 ?  52  LEU A C     1 
ATOM   405  O  O     . LEU A 1 53  ? -2.374  9.455   -10.953 1.00 14.02 ?  52  LEU A O     1 
ATOM   406  C  CB    . LEU A 1 53  ? -1.042  11.156  -13.068 1.00 14.12 ?  52  LEU A CB    1 
ATOM   407  C  CG    . LEU A 1 53  ? 0.213   11.602  -12.326 1.00 20.01 ?  52  LEU A CG    1 
ATOM   408  C  CD1   . LEU A 1 53  ? 1.437   11.108  -13.056 1.00 16.68 ?  52  LEU A CD1   1 
ATOM   409  C  CD2   . LEU A 1 53  ? 0.205   13.119  -12.239 1.00 19.99 ?  52  LEU A CD2   1 
ATOM   410  N  N     . LEU A 1 54  ? -0.498  8.262   -11.286 1.00 10.40 ?  53  LEU A N     1 
ATOM   411  C  CA    . LEU A 1 54  ? -0.402  7.791   -9.916  1.00 11.82 ?  53  LEU A CA    1 
ATOM   412  C  C     . LEU A 1 54  ? 0.655   8.580   -9.148  1.00 13.92 ?  53  LEU A C     1 
ATOM   413  O  O     . LEU A 1 54  ? 1.820   8.598   -9.541  1.00 13.72 ?  53  LEU A O     1 
ATOM   414  C  CB    . LEU A 1 54  ? -0.064  6.293   -9.879  1.00 9.70  ?  53  LEU A CB    1 
ATOM   415  C  CG    . LEU A 1 54  ? -0.979  5.336   -10.652 1.00 11.91 ?  53  LEU A CG    1 
ATOM   416  C  CD1   . LEU A 1 54  ? -0.661  3.876   -10.284 1.00 11.36 ?  53  LEU A CD1   1 
ATOM   417  C  CD2   . LEU A 1 54  ? -2.450  5.644   -10.375 1.00 12.31 ?  53  LEU A CD2   1 
ATOM   418  N  N     . ASP A 1 55  ? 0.241   9.232   -8.066  1.00 11.66 ?  54  ASP A N     1 
ATOM   419  C  CA    . ASP A 1 55  ? 1.177   9.860   -7.127  1.00 13.64 ?  54  ASP A CA    1 
ATOM   420  C  C     . ASP A 1 55  ? 1.341   8.877   -6.000  1.00 12.54 ?  54  ASP A C     1 
ATOM   421  O  O     . ASP A 1 55  ? 0.401   8.681   -5.235  1.00 14.45 ?  54  ASP A O     1 
ATOM   422  C  CB    . ASP A 1 55  ? 0.662   11.187  -6.564  1.00 13.26 ?  54  ASP A CB    1 
ATOM   423  C  CG    . ASP A 1 55  ? 0.279   12.175  -7.634  1.00 20.31 ?  54  ASP A CG    1 
ATOM   424  O  OD1   . ASP A 1 55  ? 1.065   12.337  -8.582  1.00 25.91 ?  54  ASP A OD1   1 
ATOM   425  O  OD2   . ASP A 1 55  ? -0.808  12.798  -7.516  1.00 21.24 -1 54  ASP A OD2   1 
ATOM   426  N  N     . ILE A 1 56  ? 2.492   8.223   -5.912  1.00 11.18 ?  55  ILE A N     1 
ATOM   427  C  CA    . ILE A 1 56  ? 2.656   7.195   -4.897  1.00 11.98 ?  55  ILE A CA    1 
ATOM   428  C  C     . ILE A 1 56  ? 3.658   7.603   -3.827  1.00 10.28 ?  55  ILE A C     1 
ATOM   429  O  O     . ILE A 1 56  ? 4.833   7.843   -4.123  1.00 12.82 ?  55  ILE A O     1 
ATOM   430  C  CB    . ILE A 1 56  ? 3.104   5.863   -5.525  1.00 11.29 ?  55  ILE A CB    1 
ATOM   431  C  CG1   . ILE A 1 56  ? 2.109   5.423   -6.599  1.00 14.23 ?  55  ILE A CG1   1 
ATOM   432  C  CG2   . ILE A 1 56  ? 3.236   4.809   -4.440  1.00 13.25 ?  55  ILE A CG2   1 
ATOM   433  C  CD1   . ILE A 1 56  ? 2.441   4.105   -7.220  1.00 13.65 ?  55  ILE A CD1   1 
ATOM   434  N  N     . LEU A 1 57  ? 3.184   7.697   -2.588  1.00 8.85  ?  56  LEU A N     1 
ATOM   435  C  CA    . LEU A 1 57  ? 4.050   8.036   -1.459  1.00 9.03  ?  56  LEU A CA    1 
ATOM   436  C  C     . LEU A 1 57  ? 4.577   6.778   -0.800  1.00 9.68  ?  56  LEU A C     1 
ATOM   437  O  O     . LEU A 1 57  ? 3.825   5.995   -0.216  1.00 10.31 ?  56  LEU A O     1 
ATOM   438  C  CB    . LEU A 1 57  ? 3.319   8.899   -0.423  1.00 9.30  ?  56  LEU A CB    1 
ATOM   439  C  CG    . LEU A 1 57  ? 4.247   9.254   0.755   1.00 9.88  ?  56  LEU A CG    1 
ATOM   440  C  CD1   . LEU A 1 57  ? 5.409   10.099  0.265   1.00 11.15 ?  56  LEU A CD1   1 
ATOM   441  C  CD2   . LEU A 1 57  ? 3.528   9.958   1.887   1.00 9.57  ?  56  LEU A CD2   1 
ATOM   442  N  N     . ASP A 1 58  ? 5.883   6.591   -0.908  1.00 9.68  ?  57  ASP A N     1 
ATOM   443  C  CA    . ASP A 1 58  ? 6.566   5.463   -0.303  1.00 9.93  ?  57  ASP A CA    1 
ATOM   444  C  C     . ASP A 1 58  ? 7.023   5.888   1.085   1.00 12.17 ?  57  ASP A C     1 
ATOM   445  O  O     . ASP A 1 58  ? 8.028   6.596   1.218   1.00 11.63 ?  57  ASP A O     1 
ATOM   446  C  CB    . ASP A 1 58  ? 7.744   5.028   -1.169  1.00 11.28 ?  57  ASP A CB    1 
ATOM   447  C  CG    . ASP A 1 58  ? 8.532   3.899   -0.556  1.00 12.62 ?  57  ASP A CG    1 
ATOM   448  O  OD1   . ASP A 1 58  ? 7.930   3.088   0.188   1.00 10.64 ?  57  ASP A OD1   1 
ATOM   449  O  OD2   . ASP A 1 58  ? 9.756   3.809   -0.824  1.00 12.56 -1 57  ASP A OD2   1 
ATOM   450  N  N     . THR A 1 59  ? 6.268   5.495   2.113   1.00 9.20  ?  58  THR A N     1 
ATOM   451  C  CA    . THR A 1 59  ? 6.503   6.008   3.462   1.00 12.01 ?  58  THR A CA    1 
ATOM   452  C  C     . THR A 1 59  ? 7.630   5.282   4.193   1.00 14.32 ?  58  THR A C     1 
ATOM   453  O  O     . THR A 1 59  ? 8.003   4.158   3.849   1.00 14.03 ?  58  THR A O     1 
ATOM   454  C  CB    . THR A 1 59  ? 5.218   5.939   4.337   1.00 11.36 ?  58  THR A CB    1 
ATOM   455  O  OG1   . THR A 1 59  ? 4.908   4.570   4.644   1.00 10.00 ?  58  THR A OG1   1 
ATOM   456  C  CG2   . THR A 1 59  ? 4.031   6.604   3.618   1.00 9.67  ?  58  THR A CG2   1 
ATOM   457  N  N     . ALA A 1 60  ? 8.171   5.930   5.220   1.00 13.24 ?  59  ALA A N     1 
ATOM   458  C  CA    . ALA A 1 60  ? 9.283   5.329   5.963   1.00 13.62 ?  59  ALA A CA    1 
ATOM   459  C  C     . ALA A 1 60  ? 9.065   5.383   7.473   1.00 14.72 ?  59  ALA A C     1 
ATOM   460  O  O     . ALA A 1 60  ? 9.969   5.088   8.244   1.00 14.91 ?  59  ALA A O     1 
ATOM   461  C  CB    . ALA A 1 60  ? 10.589  6.001   5.586   1.00 15.76 ?  59  ALA A CB    1 
ATOM   462  N  N     . GLY A 1 61  ? 7.863   5.747   7.902   1.00 12.19 ?  60  GLY A N     1 
ATOM   463  C  CA    . GLY A 1 61  ? 7.520   5.663   9.314   1.00 14.97 ?  60  GLY A CA    1 
ATOM   464  C  C     . GLY A 1 61  ? 7.469   7.013   10.001  1.00 16.73 ?  60  GLY A C     1 
ATOM   465  O  O     . GLY A 1 61  ? 6.820   7.935   9.515   1.00 15.17 ?  60  GLY A O     1 
ATOM   466  N  N     . GLN A 1 62  ? 8.160   7.131   11.132  1.00 15.11 ?  61  GLN A N     1 
ATOM   467  C  CA    . GLN A 1 62  ? 8.160   8.386   11.887  1.00 13.74 ?  61  GLN A CA    1 
ATOM   468  C  C     . GLN A 1 62  ? 8.620   9.551   11.028  1.00 13.77 ?  61  GLN A C     1 
ATOM   469  O  O     . GLN A 1 62  ? 9.471   9.396   10.155  1.00 14.43 ?  61  GLN A O     1 
ATOM   470  C  CB    . GLN A 1 62  ? 9.063   8.287   13.114  1.00 13.52 ?  61  GLN A CB    1 
ATOM   471  C  CG    . GLN A 1 62  ? 8.679   7.195   14.083  1.00 14.95 ?  61  GLN A CG    1 
ATOM   472  C  CD    . GLN A 1 62  ? 7.452   7.549   14.884  1.00 20.24 ?  61  GLN A CD    1 
ATOM   473  O  OE1   . GLN A 1 62  ? 7.140   8.724   15.069  1.00 24.24 ?  61  GLN A OE1   1 
ATOM   474  N  NE2   . GLN A 1 62  ? 6.748   6.532   15.371  1.00 24.62 ?  61  GLN A NE2   1 
ATOM   475  N  N     . GLU A 1 63  ? 8.045   10.717  11.281  1.00 13.78 ?  62  GLU A N     1 
ATOM   476  C  CA    . GLU A 1 63  ? 8.448   11.934  10.583  1.00 13.99 ?  62  GLU A CA    1 
ATOM   477  C  C     . GLU A 1 63  ? 9.152   12.870  11.548  1.00 13.35 ?  62  GLU A C     1 
ATOM   478  O  O     . GLU A 1 63  ? 9.050   12.705  12.766  1.00 13.42 ?  62  GLU A O     1 
ATOM   479  C  CB    . GLU A 1 63  ? 7.236   12.655  9.980   1.00 14.61 ?  62  GLU A CB    1 
ATOM   480  C  CG    . GLU A 1 63  ? 6.374   11.822  9.070   1.00 14.22 ?  62  GLU A CG    1 
ATOM   481  C  CD    . GLU A 1 63  ? 6.942   11.691  7.685   1.00 15.95 ?  62  GLU A CD    1 
ATOM   482  O  OE1   . GLU A 1 63  ? 8.070   12.184  7.430   1.00 17.80 ?  62  GLU A OE1   1 
ATOM   483  O  OE2   . GLU A 1 63  ? 6.257   11.093  6.836   1.00 16.10 -1 62  GLU A OE2   1 
ATOM   484  N  N     . GLU A 1 64  ? 9.851   13.859  10.994  1.00 12.40 ?  63  GLU A N     1 
ATOM   485  C  CA    . GLU A 1 64  ? 10.446  14.916  11.812  1.00 13.50 ?  63  GLU A CA    1 
ATOM   486  C  C     . GLU A 1 64  ? 9.400   15.464  12.774  1.00 13.59 ?  63  GLU A C     1 
ATOM   487  O  O     . GLU A 1 64  ? 9.635   15.583  13.976  1.00 12.99 ?  63  GLU A O     1 
ATOM   488  C  CB    . GLU A 1 64  ? 10.985  16.037  10.933  1.00 13.19 ?  63  GLU A CB    1 
ATOM   489  C  CG    . GLU A 1 64  ? 11.813  17.014  11.709  1.00 13.95 ?  63  GLU A CG    1 
ATOM   490  C  CD    . GLU A 1 64  ? 12.136  18.264  10.930  1.00 16.88 ?  63  GLU A CD    1 
ATOM   491  O  OE1   . GLU A 1 64  ? 12.740  19.156  11.550  1.00 14.15 ?  63  GLU A OE1   1 
ATOM   492  O  OE2   . GLU A 1 64  ? 11.783  18.365  9.726   1.00 15.68 -1 63  GLU A OE2   1 
ATOM   493  N  N     . TYR A 1 65  ? 8.227   15.775  12.231  1.00 11.32 ?  64  TYR A N     1 
ATOM   494  C  CA    . TYR A 1 65  ? 7.087   16.204  13.038  1.00 11.64 ?  64  TYR A CA    1 
ATOM   495  C  C     . TYR A 1 65  ? 5.853   15.376  12.704  1.00 14.16 ?  64  TYR A C     1 
ATOM   496  O  O     . TYR A 1 65  ? 5.605   15.096  11.534  1.00 14.36 ?  64  TYR A O     1 
ATOM   497  C  CB    . TYR A 1 65  ? 6.756   17.673  12.782  1.00 12.25 ?  64  TYR A CB    1 
ATOM   498  C  CG    . TYR A 1 65  ? 7.869   18.677  12.968  1.00 10.34 ?  64  TYR A CG    1 
ATOM   499  C  CD1   . TYR A 1 65  ? 8.204   19.148  14.235  1.00 12.25 ?  64  TYR A CD1   1 
ATOM   500  C  CD2   . TYR A 1 65  ? 8.531   19.213  11.869  1.00 12.32 ?  64  TYR A CD2   1 
ATOM   501  C  CE1   . TYR A 1 65  ? 9.200   20.107  14.404  1.00 9.98  ?  64  TYR A CE1   1 
ATOM   502  C  CE2   . TYR A 1 65  ? 9.513   20.180  12.025  1.00 13.15 ?  64  TYR A CE2   1 
ATOM   503  C  CZ    . TYR A 1 65  ? 9.849   20.618  13.295  1.00 11.39 ?  64  TYR A CZ    1 
ATOM   504  O  OH    . TYR A 1 65  ? 10.834  21.585  13.446  1.00 10.39 ?  64  TYR A OH    1 
ATOM   505  N  N     . SER A 1 66  ? 5.051   15.024  13.705  1.00 16.77 ?  65  SER A N     1 
ATOM   506  C  CA    . SER A 1 66  ? 3.863   14.204  13.435  1.00 15.10 ?  65  SER A CA    1 
ATOM   507  C  C     . SER A 1 66  ? 2.897   14.930  12.495  1.00 16.31 ?  65  SER A C     1 
ATOM   508  O  O     . SER A 1 66  ? 2.105   14.284  11.804  1.00 12.74 ?  65  SER A O     1 
ATOM   509  C  CB    . SER A 1 66  ? 3.147   13.802  14.739  1.00 18.91 ?  65  SER A CB    1 
ATOM   510  O  OG    . SER A 1 66  ? 2.514   14.906  15.359  1.00 22.79 ?  65  SER A OG    1 
ATOM   511  N  N     . ALA A 1 67  ? 2.971   16.264  12.457  1.00 15.38 ?  66  ALA A N     1 
ATOM   512  C  CA    . ALA A 1 67  ? 2.183   17.042  11.499  1.00 14.74 ?  66  ALA A CA    1 
ATOM   513  C  C     . ALA A 1 67  ? 2.394   16.561  10.057  1.00 13.70 ?  66  ALA A C     1 
ATOM   514  O  O     . ALA A 1 67  ? 1.501   16.654  9.220   1.00 11.62 ?  66  ALA A O     1 
ATOM   515  C  CB    . ALA A 1 67  ? 2.533   18.535  11.599  1.00 15.09 ?  66  ALA A CB    1 
ATOM   516  N  N     . MET A 1 68  ? 3.586   16.063  9.763   1.00 8.97  ?  67  MET A N     1 
ATOM   517  C  CA    . MET A 1 68  ? 3.894   15.648  8.408   1.00 9.48  ?  67  MET A CA    1 
ATOM   518  C  C     . MET A 1 68  ? 3.186   14.349  8.062   1.00 10.42 ?  67  MET A C     1 
ATOM   519  O  O     . MET A 1 68  ? 2.730   14.169  6.927   1.00 10.11 ?  67  MET A O     1 
ATOM   520  C  CB    . MET A 1 68  ? 5.402   15.504  8.241   1.00 11.68 ?  67  MET A CB    1 
ATOM   521  C  CG    . MET A 1 68  ? 6.115   16.833  8.438   1.00 10.79 ?  67  MET A CG    1 
ATOM   522  S  SD    . MET A 1 68  ? 7.880   16.621  8.764   1.00 12.43 ?  67  MET A SD    1 
ATOM   523  C  CE    . MET A 1 68  ? 8.442   15.871  7.243   1.00 16.95 ?  67  MET A CE    1 
ATOM   524  N  N     . ARG A 1 69  ? 3.110   13.443  9.032   1.00 12.07 ?  68  ARG A N     1 
ATOM   525  C  CA    . ARG A 1 69  ? 2.349   12.204  8.848   1.00 11.36 ?  68  ARG A CA    1 
ATOM   526  C  C     . ARG A 1 69  ? 0.872   12.528  8.624   1.00 10.86 ?  68  ARG A C     1 
ATOM   527  O  O     . ARG A 1 69  ? 0.242   12.020  7.686   1.00 10.31 ?  68  ARG A O     1 
ATOM   528  C  CB    . ARG A 1 69  ? 2.518   11.284  10.067  1.00 11.77 ?  68  ARG A CB    1 
ATOM   529  C  CG    . ARG A 1 69  ? 1.603   10.069  10.086  1.00 13.11 ?  68  ARG A CG    1 
ATOM   530  C  CD    . ARG A 1 69  ? 1.408   9.582   11.517  1.00 12.47 ?  68  ARG A CD    1 
ATOM   531  N  NE    . ARG A 1 69  ? 0.632   10.554  12.293  1.00 13.76 ?  68  ARG A NE    1 
ATOM   532  C  CZ    . ARG A 1 69  ? 0.759   10.744  13.604  1.00 16.85 ?  68  ARG A CZ    1 
ATOM   533  N  NH1   . ARG A 1 69  ? 1.639   10.036  14.304  1.00 19.30 ?  68  ARG A NH1   1 
ATOM   534  N  NH2   . ARG A 1 69  ? 0.008   11.650  14.216  1.00 13.55 1  68  ARG A NH2   1 
ATOM   535  N  N     . ASP A 1 70  ? 0.323   13.394  9.474   1.00 11.07 ?  69  ASP A N     1 
ATOM   536  C  CA    . ASP A 1 70  ? -1.095  13.745  9.366   1.00 11.11 ?  69  ASP A CA    1 
ATOM   537  C  C     . ASP A 1 70  ? -1.407  14.367  8.013   1.00 13.60 ?  69  ASP A C     1 
ATOM   538  O  O     . ASP A 1 70  ? -2.454  14.111  7.419   1.00 11.29 ?  69  ASP A O     1 
ATOM   539  C  CB    . ASP A 1 70  ? -1.515  14.715  10.475  1.00 15.94 ?  69  ASP A CB    1 
ATOM   540  C  CG    . ASP A 1 70  ? -1.479  14.086  11.842  1.00 16.11 ?  69  ASP A CG    1 
ATOM   541  O  OD1   . ASP A 1 70  ? -1.183  12.875  11.936  1.00 15.66 ?  69  ASP A OD1   1 
ATOM   542  O  OD2   . ASP A 1 70  ? -1.763  14.799  12.825  1.00 19.36 -1 69  ASP A OD2   1 
ATOM   543  N  N     . GLN A 1 71  ? -0.479  15.182  7.526   1.00 10.43 ?  70  GLN A N     1 
ATOM   544  C  CA    . GLN A 1 71  ? -0.646  15.855  6.248   1.00 10.17 ?  70  GLN A CA    1 
ATOM   545  C  C     . GLN A 1 71  ? -0.772  14.840  5.114   1.00 12.29 ?  70  GLN A C     1 
ATOM   546  O  O     . GLN A 1 71  ? -1.673  14.946  4.280   1.00 9.65  ?  70  GLN A O     1 
ATOM   547  C  CB    . GLN A 1 71  ? 0.531   16.802  5.987   1.00 11.11 ?  70  GLN A CB    1 
ATOM   548  C  CG    . GLN A 1 71  ? 0.455   17.566  4.682   1.00 11.27 ?  70  GLN A CG    1 
ATOM   549  C  CD    . GLN A 1 71  ? -0.485  18.750  4.742   1.00 13.91 ?  70  GLN A CD    1 
ATOM   550  O  OE1   . GLN A 1 71  ? -1.010  19.104  5.798   1.00 13.81 ?  70  GLN A OE1   1 
ATOM   551  N  NE2   . GLN A 1 71  ? -0.709  19.366  3.593   1.00 17.55 ?  70  GLN A NE2   1 
ATOM   552  N  N     . TYR A 1 72  ? 0.102   13.832  5.084   1.00 10.51 ?  71  TYR A N     1 
ATOM   553  C  CA    . TYR A 1 72  ? 0.006   12.926  3.948   1.00 11.10 ?  71  TYR A CA    1 
ATOM   554  C  C     . TYR A 1 72  ? -1.171  11.979  4.100   1.00 10.82 ?  71  TYR A C     1 
ATOM   555  O  O     . TYR A 1 72  ? -1.691  11.478  3.106   1.00 11.14 ?  71  TYR A O     1 
ATOM   556  C  CB    . TYR A 1 72  ? 1.316   12.161  3.695   1.00 9.78  ?  71  TYR A CB    1 
ATOM   557  C  CG    . TYR A 1 72  ? 1.725   11.010  4.603   1.00 9.86  ?  71  TYR A CG    1 
ATOM   558  C  CD1   . TYR A 1 72  ? 0.963   9.853   4.716   1.00 9.38  ?  71  TYR A CD1   1 
ATOM   559  C  CD2   . TYR A 1 72  ? 2.942   11.059  5.281   1.00 10.14 ?  71  TYR A CD2   1 
ATOM   560  C  CE1   . TYR A 1 72  ? 1.383   8.790   5.523   1.00 11.35 ?  71  TYR A CE1   1 
ATOM   561  C  CE2   . TYR A 1 72  ? 3.364   10.022  6.091   1.00 9.59  ?  71  TYR A CE2   1 
ATOM   562  C  CZ    . TYR A 1 72  ? 2.585   8.884   6.204   1.00 12.91 ?  71  TYR A CZ    1 
ATOM   563  O  OH    . TYR A 1 72  ? 3.022   7.847   7.006   1.00 13.01 ?  71  TYR A OH    1 
ATOM   564  N  N     . MET A 1 73  ? -1.616  11.732  5.325   1.00 9.08  ?  72  MET A N     1 
ATOM   565  C  CA    . MET A 1 73  ? -2.779  10.875  5.481   1.00 10.06 ?  72  MET A CA    1 
ATOM   566  C  C     . MET A 1 73  ? -4.049  11.597  5.035   1.00 10.65 ?  72  MET A C     1 
ATOM   567  O  O     . MET A 1 73  ? -4.966  10.974  4.483   1.00 10.37 ?  72  MET A O     1 
ATOM   568  C  CB    . MET A 1 73  ? -2.892  10.380  6.922   1.00 9.98  ?  72  MET A CB    1 
ATOM   569  C  CG    . MET A 1 73  ? -1.869  9.286   7.223   1.00 9.50  ?  72  MET A CG    1 
ATOM   570  S  SD    . MET A 1 73  ? -1.993  8.641   8.893   1.00 11.51 ?  72  MET A SD    1 
ATOM   571  C  CE    . MET A 1 73  ? -0.760  7.330   8.826   1.00 9.32  ?  72  MET A CE    1 
ATOM   572  N  N     . ARG A 1 74  ? -4.112  12.909  5.252   1.00 9.45  ?  73  ARG A N     1 
ATOM   573  C  CA    . ARG A 1 74  ? -5.270  13.657  4.773   1.00 11.16 ?  73  ARG A CA    1 
ATOM   574  C  C     . ARG A 1 74  ? -5.240  13.831  3.249   1.00 11.37 ?  73  ARG A C     1 
ATOM   575  O  O     . ARG A 1 74  ? -6.273  13.757  2.595   1.00 12.80 ?  73  ARG A O     1 
ATOM   576  C  CB    . ARG A 1 74  ? -5.365  15.022  5.463   1.00 13.12 ?  73  ARG A CB    1 
ATOM   577  C  CG    . ARG A 1 74  ? -5.681  14.933  6.946   1.00 13.52 ?  73  ARG A CG    1 
ATOM   578  C  CD    . ARG A 1 74  ? -6.258  16.250  7.510   1.00 20.85 ?  73  ARG A CD    1 
ATOM   579  N  NE    . ARG A 1 74  ? -6.224  16.221  8.973   1.00 17.71 ?  73  ARG A NE    1 
ATOM   580  C  CZ    . ARG A 1 74  ? -5.179  16.609  9.693   1.00 19.82 ?  73  ARG A CZ    1 
ATOM   581  N  NH1   . ARG A 1 74  ? -4.097  17.085  9.086   1.00 22.14 ?  73  ARG A NH1   1 
ATOM   582  N  NH2   . ARG A 1 74  ? -5.209  16.521  11.011  1.00 20.95 1  73  ARG A NH2   1 
ATOM   583  N  N     . THR A 1 75  ? -4.057  14.036  2.681   1.00 10.72 ?  74  THR A N     1 
ATOM   584  C  CA    . THR A 1 75  ? -3.927  14.198  1.234   1.00 10.98 ?  74  THR A CA    1 
ATOM   585  C  C     . THR A 1 75  ? -4.196  12.901  0.476   1.00 13.83 ?  74  THR A C     1 
ATOM   586  O  O     . THR A 1 75  ? -4.855  12.887  -0.570  1.00 14.07 ?  74  THR A O     1 
ATOM   587  C  CB    . THR A 1 75  ? -2.516  14.714  0.881   1.00 14.08 ?  74  THR A CB    1 
ATOM   588  O  OG1   . THR A 1 75  ? -2.366  16.030  1.417   1.00 14.81 ?  74  THR A OG1   1 
ATOM   589  C  CG2   . THR A 1 75  ? -2.307  14.762  -0.627  1.00 16.30 ?  74  THR A CG2   1 
ATOM   590  N  N     . GLY A 1 76  ? -3.670  11.811  1.013   1.00 12.12 ?  75  GLY A N     1 
ATOM   591  C  CA    . GLY A 1 76  ? -3.821  10.499  0.408   1.00 11.18 ?  75  GLY A CA    1 
ATOM   592  C  C     . GLY A 1 76  ? -5.262  10.078  0.230   1.00 11.56 ?  75  GLY A C     1 
ATOM   593  O  O     . GLY A 1 76  ? -6.089  10.245  1.130   1.00 11.98 ?  75  GLY A O     1 
ATOM   594  N  N     . GLU A 1 77  ? -5.565  9.541   -0.944  1.00 9.29  ?  76  GLU A N     1 
ATOM   595  C  CA    . GLU A 1 77  ? -6.901  9.063   -1.239  1.00 10.69 ?  76  GLU A CA    1 
ATOM   596  C  C     . GLU A 1 77  ? -7.068  7.570   -0.942  1.00 9.92  ?  76  GLU A C     1 
ATOM   597  O  O     . GLU A 1 77  ? -8.158  7.120   -0.617  1.00 8.95  ?  76  GLU A O     1 
ATOM   598  C  CB    . GLU A 1 77  ? -7.238  9.333   -2.698  1.00 12.31 ?  76  GLU A CB    1 
ATOM   599  C  CG    . GLU A 1 77  ? -7.328  10.806  -3.044  1.00 14.29 ?  76  GLU A CG    1 
ATOM   600  C  CD    . GLU A 1 77  ? -7.477  11.015  -4.535  1.00 20.44 ?  76  GLU A CD    1 
ATOM   601  O  OE1   . GLU A 1 77  ? -6.562  10.632  -5.276  1.00 17.67 ?  76  GLU A OE1   1 
ATOM   602  O  OE2   . GLU A 1 77  ? -8.520  11.547  -4.966  1.00 26.33 -1 76  GLU A OE2   1 
ATOM   603  N  N     . GLY A 1 78  ? -5.995  6.804   -1.090  1.00 9.02  ?  77  GLY A N     1 
ATOM   604  C  CA    . GLY A 1 78  ? -6.066  5.371   -0.846  1.00 9.02  ?  77  GLY A CA    1 
ATOM   605  C  C     . GLY A 1 78  ? -4.770  4.872   -0.261  1.00 10.06 ?  77  GLY A C     1 
ATOM   606  O  O     . GLY A 1 78  ? -3.702  5.443   -0.516  1.00 8.12  ?  77  GLY A O     1 
ATOM   607  N  N     . PHE A 1 79  ? -4.848  3.795   0.514   1.00 10.13 ?  78  PHE A N     1 
ATOM   608  C  CA    . PHE A 1 79  ? -3.678  3.330   1.237   1.00 8.19  ?  78  PHE A CA    1 
ATOM   609  C  C     . PHE A 1 79  ? -3.459  1.856   1.016   1.00 8.35  ?  78  PHE A C     1 
ATOM   610  O  O     . PHE A 1 79  ? -4.367  1.073   1.210   1.00 8.93  ?  78  PHE A O     1 
ATOM   611  C  CB    . PHE A 1 79  ? -3.834  3.628   2.730   1.00 9.74  ?  78  PHE A CB    1 
ATOM   612  C  CG    . PHE A 1 79  ? -3.963  5.092   3.023   1.00 7.63  ?  78  PHE A CG    1 
ATOM   613  C  CD1   . PHE A 1 79  ? -5.172  5.750   2.811   1.00 9.00  ?  78  PHE A CD1   1 
ATOM   614  C  CD2   . PHE A 1 79  ? -2.876  5.815   3.457   1.00 9.42  ?  78  PHE A CD2   1 
ATOM   615  C  CE1   . PHE A 1 79  ? -5.299  7.101   3.046   1.00 10.06 ?  78  PHE A CE1   1 
ATOM   616  C  CE2   . PHE A 1 79  ? -2.988  7.177   3.698   1.00 9.54  ?  78  PHE A CE2   1 
ATOM   617  C  CZ    . PHE A 1 79  ? -4.203  7.824   3.487   1.00 10.44 ?  78  PHE A CZ    1 
ATOM   618  N  N     . LEU A 1 80  ? -2.250  1.507   0.592   1.00 7.17  ?  79  LEU A N     1 
ATOM   619  C  CA    . LEU A 1 80  ? -1.780  0.130   0.557   1.00 6.80  ?  79  LEU A CA    1 
ATOM   620  C  C     . LEU A 1 80  ? -1.195  -0.199  1.909   1.00 10.01 ?  79  LEU A C     1 
ATOM   621  O  O     . LEU A 1 80  ? -0.185  0.376   2.317   1.00 10.04 ?  79  LEU A O     1 
ATOM   622  C  CB    . LEU A 1 80  ? -0.702  -0.082  -0.506  1.00 11.86 ?  79  LEU A CB    1 
ATOM   623  C  CG    . LEU A 1 80  ? -0.944  -0.353  -1.985  1.00 16.34 ?  79  LEU A CG    1 
ATOM   624  C  CD1   . LEU A 1 80  ? 0.320   -1.025  -2.543  1.00 15.65 ?  79  LEU A CD1   1 
ATOM   625  C  CD2   . LEU A 1 80  ? -2.176  -1.208  -2.253  1.00 12.92 ?  79  LEU A CD2   1 
ATOM   626  N  N     . CYS A 1 81  ? -1.851  -1.111  2.605   1.00 6.69  ?  80  CYS A N     1 
ATOM   627  C  CA    . CYS A 1 81  ? -1.429  -1.545  3.929   1.00 7.82  ?  80  CYS A CA    1 
ATOM   628  C  C     . CYS A 1 81  ? -0.659  -2.834  3.745   1.00 8.56  ?  80  CYS A C     1 
ATOM   629  O  O     . CYS A 1 81  ? -1.242  -3.890  3.508   1.00 9.07  ?  80  CYS A O     1 
ATOM   630  C  CB    . CYS A 1 81  ? -2.642  -1.750  4.835   1.00 9.09  ?  80  CYS A CB    1 
ATOM   631  S  SG    . CYS A 1 81  ? -3.534  -0.228  5.183   1.00 11.83 ?  80  CYS A SG    1 
ATOM   632  N  N     . VAL A 1 82  ? 0.660   -2.739  3.851   1.00 8.48  ?  81  VAL A N     1 
ATOM   633  C  CA    . VAL A 1 82  ? 1.543   -3.836  3.497   1.00 8.40  ?  81  VAL A CA    1 
ATOM   634  C  C     . VAL A 1 82  ? 2.124   -4.554  4.710   1.00 8.80  ?  81  VAL A C     1 
ATOM   635  O  O     . VAL A 1 82  ? 2.668   -3.929  5.602   1.00 9.22  ?  81  VAL A O     1 
ATOM   636  C  CB    . VAL A 1 82  ? 2.721   -3.330  2.641   1.00 10.45 ?  81  VAL A CB    1 
ATOM   637  C  CG1   . VAL A 1 82  ? 3.590   -4.489  2.217   1.00 8.74  ?  81  VAL A CG1   1 
ATOM   638  C  CG2   . VAL A 1 82  ? 2.205   -2.564  1.416   1.00 9.33  ?  81  VAL A CG2   1 
ATOM   639  N  N     . PHE A 1 83  ? 2.005   -5.873  4.731   1.00 10.15 ?  82  PHE A N     1 
ATOM   640  C  CA    . PHE A 1 83  ? 2.804   -6.678  5.647   1.00 10.25 ?  82  PHE A CA    1 
ATOM   641  C  C     . PHE A 1 83  ? 3.599   -7.703  4.832   1.00 11.46 ?  82  PHE A C     1 
ATOM   642  O  O     . PHE A 1 83  ? 3.383   -7.859  3.635   1.00 10.62 ?  82  PHE A O     1 
ATOM   643  C  CB    . PHE A 1 83  ? 1.914   -7.364  6.693   1.00 10.22 ?  82  PHE A CB    1 
ATOM   644  C  CG    . PHE A 1 83  ? 1.035   -8.433  6.126   1.00 11.02 ?  82  PHE A CG    1 
ATOM   645  C  CD1   . PHE A 1 83  ? -0.185  -8.108  5.552   1.00 9.92  ?  82  PHE A CD1   1 
ATOM   646  C  CD2   . PHE A 1 83  ? 1.424   -9.762  6.162   1.00 10.69 ?  82  PHE A CD2   1 
ATOM   647  C  CE1   . PHE A 1 83  ? -1.008  -9.090  5.003   1.00 10.81 ?  82  PHE A CE1   1 
ATOM   648  C  CE2   . PHE A 1 83  ? 0.612   -10.743 5.624   1.00 11.38 ?  82  PHE A CE2   1 
ATOM   649  C  CZ    . PHE A 1 83  ? -0.615  -10.406 5.051   1.00 12.04 ?  82  PHE A CZ    1 
ATOM   650  N  N     . ALA A 1 84  ? 4.532   -8.389  5.480   1.00 11.10 ?  83  ALA A N     1 
ATOM   651  C  CA    . ALA A 1 84  ? 5.273   -9.470  4.848   1.00 10.36 ?  83  ALA A CA    1 
ATOM   652  C  C     . ALA A 1 84  ? 4.782   -10.801 5.387   1.00 9.39  ?  83  ALA A C     1 
ATOM   653  O  O     . ALA A 1 84  ? 4.613   -10.970 6.599   1.00 8.80  ?  83  ALA A O     1 
ATOM   654  C  CB    . ALA A 1 84  ? 6.777   -9.315  5.090   1.00 12.92 ?  83  ALA A CB    1 
ATOM   655  N  N     . ILE A 1 85  ? 4.580   -11.764 4.491   1.00 9.39  ?  84  ILE A N     1 
ATOM   656  C  CA    . ILE A 1 85  ? 3.978   -13.026 4.897   1.00 8.21  ?  84  ILE A CA    1 
ATOM   657  C  C     . ILE A 1 85  ? 4.872   -13.858 5.824   1.00 13.78 ?  84  ILE A C     1 
ATOM   658  O  O     . ILE A 1 85  ? 4.399   -14.802 6.439   1.00 12.82 ?  84  ILE A O     1 
ATOM   659  C  CB    . ILE A 1 85  ? 3.597   -13.891 3.672   1.00 13.02 ?  84  ILE A CB    1 
ATOM   660  C  CG1   . ILE A 1 85  ? 4.847   -14.301 2.896   1.00 16.02 ?  84  ILE A CG1   1 
ATOM   661  C  CG2   . ILE A 1 85  ? 2.582   -13.160 2.799   1.00 10.51 ?  84  ILE A CG2   1 
ATOM   662  C  CD1   . ILE A 1 85  ? 4.717   -15.662 2.208   1.00 21.73 ?  84  ILE A CD1   1 
ATOM   663  N  N     . ASN A 1 86  ? 6.151   -13.497 5.934   1.00 12.93 ?  85  ASN A N     1 
ATOM   664  C  CA    . ASN A 1 86  ? 7.050   -14.208 6.847   1.00 12.76 ?  85  ASN A CA    1 
ATOM   665  C  C     . ASN A 1 86  ? 7.336   -13.392 8.097   1.00 14.76 ?  85  ASN A C     1 
ATOM   666  O  O     . ASN A 1 86  ? 8.299   -13.668 8.826   1.00 13.71 ?  85  ASN A O     1 
ATOM   667  C  CB    . ASN A 1 86  ? 8.364   -14.565 6.145   1.00 14.24 ?  85  ASN A CB    1 
ATOM   668  C  CG    . ASN A 1 86  ? 9.140   -13.336 5.694   1.00 13.81 ?  85  ASN A CG    1 
ATOM   669  O  OD1   . ASN A 1 86  ? 8.604   -12.233 5.656   1.00 16.38 ?  85  ASN A OD1   1 
ATOM   670  N  ND2   . ASN A 1 86  ? 10.401  -13.528 5.323   1.00 15.35 ?  85  ASN A ND2   1 
ATOM   671  N  N     B ASN A 1 87  ? 6.514   -12.369 8.340   0.91 9.55  ?  86  ASN A N     1 
ATOM   672  C  CA    B ASN A 1 87  ? 6.723   -11.525 9.501   0.91 11.01 ?  86  ASN A CA    1 
ATOM   673  C  C     B ASN A 1 87  ? 5.421   -11.236 10.233  0.91 13.81 ?  86  ASN A C     1 
ATOM   674  O  O     B ASN A 1 87  ? 4.666   -10.345 9.852   0.91 12.54 ?  86  ASN A O     1 
ATOM   675  C  CB    B ASN A 1 87  ? 7.414   -10.216 9.114   0.91 12.74 ?  86  ASN A CB    1 
ATOM   676  C  CG    B ASN A 1 87  ? 7.992   -9.515  10.318  0.91 16.92 ?  86  ASN A CG    1 
ATOM   677  O  OD1   B ASN A 1 87  ? 7.267   -8.868  11.069  0.91 13.12 ?  86  ASN A OD1   1 
ATOM   678  N  ND2   B ASN A 1 87  ? 9.291   -9.714  10.559  0.91 19.98 ?  86  ASN A ND2   1 
ATOM   679  N  N     . THR A 1 88  ? 5.174   -12.005 11.293  1.00 10.60 ?  87  THR A N     1 
ATOM   680  C  CA    . THR A 1 88  ? 3.960   -11.876 12.098  1.00 12.11 ?  87  THR A CA    1 
ATOM   681  C  C     . THR A 1 88  ? 3.747   -10.484 12.697  1.00 11.08 ?  87  THR A C     1 
ATOM   682  O  O     . THR A 1 88  ? 2.638   -9.959  12.674  1.00 10.57 ?  87  THR A O     1 
ATOM   683  C  CB    . THR A 1 88  ? 3.966   -12.897 13.233  1.00 13.50 ?  87  THR A CB    1 
ATOM   684  O  OG1   . THR A 1 88  ? 3.988   -14.206 12.660  1.00 13.71 ?  87  THR A OG1   1 
ATOM   685  C  CG2   . THR A 1 88  ? 2.724   -12.750 14.097  1.00 15.38 ?  87  THR A CG2   1 
ATOM   686  N  N     . LYS A 1 89  ? 4.811   -9.892  13.226  1.00 10.92 ?  88  LYS A N     1 
ATOM   687  C  CA    . LYS A 1 89  ? 4.721   -8.558  13.830  1.00 11.77 ?  88  LYS A CA    1 
ATOM   688  C  C     . LYS A 1 89  ? 4.204   -7.529  12.811  1.00 13.29 ?  88  LYS A C     1 
ATOM   689  O  O     . LYS A 1 89  ? 3.396   -6.668  13.147  1.00 11.93 ?  88  LYS A O     1 
ATOM   690  C  CB    . LYS A 1 89  ? 6.086   -8.136  14.383  1.00 14.27 ?  88  LYS A CB    1 
ATOM   691  C  CG    . LYS A 1 89  ? 6.122   -6.753  15.014  1.00 17.37 ?  88  LYS A CG    1 
ATOM   692  C  CD    . LYS A 1 89  ? 5.109   -6.624  16.135  1.00 18.22 ?  88  LYS A CD    1 
ATOM   693  C  CE    . LYS A 1 89  ? 5.399   -5.376  16.999  1.00 21.59 ?  88  LYS A CE    1 
ATOM   694  N  NZ    . LYS A 1 89  ? 5.520   -4.125  16.189  1.00 25.58 1  88  LYS A NZ    1 
ATOM   695  N  N     . SER A 1 90  ? 4.658   -7.647  11.567  1.00 12.40 ?  89  SER A N     1 
ATOM   696  C  CA    . SER A 1 90  ? 4.266   -6.710  10.522  1.00 10.10 ?  89  SER A CA    1 
ATOM   697  C  C     . SER A 1 90  ? 2.775   -6.853  10.203  1.00 12.49 ?  89  SER A C     1 
ATOM   698  O  O     . SER A 1 90  ? 2.113   -5.879  9.850   1.00 10.58 ?  89  SER A O     1 
ATOM   699  C  CB    . SER A 1 90  ? 5.131   -6.908  9.266   1.00 11.43 ?  89  SER A CB    1 
ATOM   700  O  OG    . SER A 1 90  ? 4.717   -8.017  8.474   1.00 10.79 ?  89  SER A OG    1 
ATOM   701  N  N     . PHE A 1 91  ? 2.246   -8.063  10.364  1.00 12.31 ?  90  PHE A N     1 
ATOM   702  C  CA    . PHE A 1 91  ? 0.818   -8.326  10.192  1.00 10.83 ?  90  PHE A CA    1 
ATOM   703  C  C     . PHE A 1 91  ? 0.034   -7.734  11.358  1.00 13.14 ?  90  PHE A C     1 
ATOM   704  O  O     . PHE A 1 91  ? -1.007  -7.094  11.178  1.00 12.62 ?  90  PHE A O     1 
ATOM   705  C  CB    . PHE A 1 91  ? 0.565   -9.836  10.086  1.00 10.08 ?  90  PHE A CB    1 
ATOM   706  C  CG    . PHE A 1 91  ? -0.869  -10.202 9.868   1.00 10.66 ?  90  PHE A CG    1 
ATOM   707  C  CD1   . PHE A 1 91  ? -1.497  -9.924  8.654   1.00 9.95  ?  90  PHE A CD1   1 
ATOM   708  C  CD2   . PHE A 1 91  ? -1.592  -10.847 10.865  1.00 13.50 ?  90  PHE A CD2   1 
ATOM   709  C  CE1   . PHE A 1 91  ? -2.837  -10.275 8.445   1.00 9.58  ?  90  PHE A CE1   1 
ATOM   710  C  CE2   . PHE A 1 91  ? -2.919  -11.195 10.669  1.00 17.36 ?  90  PHE A CE2   1 
ATOM   711  C  CZ    . PHE A 1 91  ? -3.544  -10.915 9.445   1.00 11.52 ?  90  PHE A CZ    1 
ATOM   712  N  N     . GLU A 1 92  ? 0.542   -7.953  12.568  1.00 11.63 ?  91  GLU A N     1 
ATOM   713  C  CA    . GLU A 1 92  ? -0.068  -7.365  13.752  1.00 11.72 ?  91  GLU A CA    1 
ATOM   714  C  C     . GLU A 1 92  ? -0.062  -5.833  13.679  1.00 11.54 ?  91  GLU A C     1 
ATOM   715  O  O     . GLU A 1 92  ? -1.013  -5.192  14.135  1.00 12.95 ?  91  GLU A O     1 
ATOM   716  C  CB    . GLU A 1 92  ? 0.647   -7.861  15.012  1.00 14.42 ?  91  GLU A CB    1 
ATOM   717  C  CG    . GLU A 1 92  ? 0.332   -9.327  15.327  1.00 18.89 ?  91  GLU A CG    1 
ATOM   718  C  CD    . GLU A 1 92  ? 1.303   -9.967  16.326  1.00 26.92 ?  91  GLU A CD    1 
ATOM   719  O  OE1   . GLU A 1 92  ? 2.348   -9.360  16.644  1.00 22.42 ?  91  GLU A OE1   1 
ATOM   720  O  OE2   . GLU A 1 92  ? 1.019   -11.097 16.783  1.00 24.35 -1 91  GLU A OE2   1 
ATOM   721  N  N     . ASP A 1 93  ? 0.982   -5.254  13.083  1.00 11.48 ?  92  ASP A N     1 
ATOM   722  C  CA    . ASP A 1 93  ? 1.091   -3.792  12.959  1.00 13.73 ?  92  ASP A CA    1 
ATOM   723  C  C     . ASP A 1 93  ? -0.005  -3.187  12.087  1.00 11.69 ?  92  ASP A C     1 
ATOM   724  O  O     . ASP A 1 93  ? -0.289  -1.993  12.194  1.00 11.51 ?  92  ASP A O     1 
ATOM   725  C  CB    . ASP A 1 93  ? 2.456   -3.376  12.374  1.00 11.82 ?  92  ASP A CB    1 
ATOM   726  C  CG    . ASP A 1 93  ? 3.593   -3.557  13.346  1.00 15.25 ?  92  ASP A CG    1 
ATOM   727  O  OD1   . ASP A 1 93  ? 3.314   -3.816  14.541  1.00 17.29 ?  92  ASP A OD1   1 
ATOM   728  O  OD2   . ASP A 1 93  ? 4.771   -3.431  12.917  1.00 15.12 -1 92  ASP A OD2   1 
ATOM   729  N  N     . ILE A 1 94  ? -0.590  -3.994  11.201  1.00 11.13 ?  93  ILE A N     1 
ATOM   730  C  CA    . ILE A 1 94  ? -1.640  -3.500  10.318  1.00 10.92 ?  93  ILE A CA    1 
ATOM   731  C  C     . ILE A 1 94  ? -2.753  -2.831  11.107  1.00 13.21 ?  93  ILE A C     1 
ATOM   732  O  O     . ILE A 1 94  ? -3.285  -1.821  10.679  1.00 12.82 ?  93  ILE A O     1 
ATOM   733  C  CB    . ILE A 1 94  ? -2.252  -4.615  9.467   1.00 11.93 ?  93  ILE A CB    1 
ATOM   734  C  CG1   . ILE A 1 94  ? -1.196  -5.171  8.516   1.00 10.34 ?  93  ILE A CG1   1 
ATOM   735  C  CG2   . ILE A 1 94  ? -3.518  -4.108  8.728   1.00 11.77 ?  93  ILE A CG2   1 
ATOM   736  C  CD1   . ILE A 1 94  ? -0.751  -4.182  7.458   1.00 13.01 ?  93  ILE A CD1   1 
ATOM   737  N  N     . HIS A 1 95  ? -3.091  -3.383  12.269  1.00 12.67 ?  94  HIS A N     1 
ATOM   738  C  CA    . HIS A 1 95  ? -4.172  -2.827  13.071  1.00 13.74 ?  94  HIS A CA    1 
ATOM   739  C  C     . HIS A 1 95  ? -3.898  -1.354  13.380  1.00 13.44 ?  94  HIS A C     1 
ATOM   740  O  O     . HIS A 1 95  ? -4.797  -0.506  13.292  1.00 16.75 ?  94  HIS A O     1 
ATOM   741  C  CB    . HIS A 1 95  ? -4.346  -3.629  14.364  1.00 14.25 ?  94  HIS A CB    1 
ATOM   742  C  CG    . HIS A 1 95  ? -4.684  -5.073  14.140  1.00 14.01 ?  94  HIS A CG    1 
ATOM   743  N  ND1   . HIS A 1 95  ? -3.753  -6.089  14.242  1.00 20.88 ?  94  HIS A ND1   1 
ATOM   744  C  CD2   . HIS A 1 95  ? -5.849  -5.667  13.802  1.00 11.75 ?  94  HIS A CD2   1 
ATOM   745  C  CE1   . HIS A 1 95  ? -4.343  -7.245  13.996  1.00 19.05 ?  94  HIS A CE1   1 
ATOM   746  N  NE2   . HIS A 1 95  ? -5.615  -7.017  13.728  1.00 18.93 ?  94  HIS A NE2   1 
ATOM   747  N  N     . HIS A 1 96  ? -2.641  -1.055  13.714  1.00 12.43 ?  95  HIS A N     1 
ATOM   748  C  CA    . HIS A 1 96  ? -2.213  0.308   14.022  1.00 14.48 ?  95  HIS A CA    1 
ATOM   749  C  C     . HIS A 1 96  ? -2.387  1.248   12.823  1.00 13.79 ?  95  HIS A C     1 
ATOM   750  O  O     . HIS A 1 96  ? -2.897  2.373   12.963  1.00 12.60 ?  95  HIS A O     1 
ATOM   751  C  CB    . HIS A 1 96  ? -0.747  0.311   14.496  1.00 16.44 ?  95  HIS A CB    1 
ATOM   752  C  CG    . HIS A 1 96  ? -0.141  1.678   14.558  1.00 19.21 ?  95  HIS A CG    1 
ATOM   753  N  ND1   . HIS A 1 96  ? -0.586  2.643   15.435  1.00 20.92 ?  95  HIS A ND1   1 
ATOM   754  C  CD2   . HIS A 1 96  ? 0.841   2.252   13.827  1.00 21.74 ?  95  HIS A CD2   1 
ATOM   755  C  CE1   . HIS A 1 96  ? 0.105   3.753   15.248  1.00 24.30 ?  95  HIS A CE1   1 
ATOM   756  N  NE2   . HIS A 1 96  ? 0.976   3.547   14.277  1.00 23.03 ?  95  HIS A NE2   1 
ATOM   757  N  N     . TYR A 1 97  ? -1.981  0.785   11.643  1.00 12.00 ?  96  TYR A N     1 
ATOM   758  C  CA    . TYR A 1 97  ? -2.066  1.625   10.457  1.00 12.80 ?  96  TYR A CA    1 
ATOM   759  C  C     . TYR A 1 97  ? -3.530  1.874   10.060  1.00 13.18 ?  96  TYR A C     1 
ATOM   760  O  O     . TYR A 1 97  ? -3.917  3.017   9.766   1.00 16.45 ?  96  TYR A O     1 
ATOM   761  C  CB    . TYR A 1 97  ? -1.264  1.002   9.308   1.00 12.01 ?  96  TYR A CB    1 
ATOM   762  C  CG    . TYR A 1 97  ? 0.229   0.993   9.575   1.00 14.97 ?  96  TYR A CG    1 
ATOM   763  C  CD1   . TYR A 1 97  ? 0.958   2.170   9.551   1.00 12.58 ?  96  TYR A CD1   1 
ATOM   764  C  CD2   . TYR A 1 97  ? 0.899   -0.197  9.863   1.00 13.89 ?  96  TYR A CD2   1 
ATOM   765  C  CE1   . TYR A 1 97  ? 2.317   2.183   9.793   1.00 17.09 ?  96  TYR A CE1   1 
ATOM   766  C  CE2   . TYR A 1 97  ? 2.261   -0.202  10.112  1.00 14.13 ?  96  TYR A CE2   1 
ATOM   767  C  CZ    . TYR A 1 97  ? 2.968   0.996   10.078  1.00 15.52 ?  96  TYR A CZ    1 
ATOM   768  O  OH    . TYR A 1 97  ? 4.328   1.016   10.327  1.00 14.46 ?  96  TYR A OH    1 
ATOM   769  N  N     . ARG A 1 98  ? -4.342  0.817   10.052  1.00 12.19 ?  97  ARG A N     1 
ATOM   770  C  CA    . ARG A 1 98  ? -5.778  0.948   9.770   1.00 13.31 ?  97  ARG A CA    1 
ATOM   771  C  C     . ARG A 1 98  ? -6.404  2.006   10.670  1.00 14.53 ?  97  ARG A C     1 
ATOM   772  O  O     . ARG A 1 98  ? -7.099  2.927   10.209  1.00 15.44 ?  97  ARG A O     1 
ATOM   773  C  CB    . ARG A 1 98  ? -6.489  -0.403  9.965   1.00 12.66 ?  97  ARG A CB    1 
ATOM   774  C  CG    . ARG A 1 98  ? -8.021  -0.375  9.872   1.00 14.38 ?  97  ARG A CG    1 
ATOM   775  C  CD    . ARG A 1 98  ? -8.496  -0.171  8.452   1.00 15.06 ?  97  ARG A CD    1 
ATOM   776  N  NE    . ARG A 1 98  ? -9.941  -0.372  8.361   1.00 15.74 ?  97  ARG A NE    1 
ATOM   777  C  CZ    . ARG A 1 98  ? -10.642 -0.333  7.236   1.00 17.83 ?  97  ARG A CZ    1 
ATOM   778  N  NH1   . ARG A 1 98  ? -10.038 -0.097  6.081   1.00 17.75 ?  97  ARG A NH1   1 
ATOM   779  N  NH2   . ARG A 1 98  ? -11.958 -0.542  7.269   1.00 21.27 1  97  ARG A NH2   1 
ATOM   780  N  N     . GLU A 1 99  ? -6.125  1.885   11.959  1.00 14.70 ?  98  GLU A N     1 
ATOM   781  C  CA    . GLU A 1 99  ? -6.690  2.774   12.959  1.00 13.50 ?  98  GLU A CA    1 
ATOM   782  C  C     . GLU A 1 99  ? -6.238  4.210   12.750  1.00 14.22 ?  98  GLU A C     1 
ATOM   783  O  O     . GLU A 1 99  ? -7.044  5.141   12.747  1.00 12.71 ?  98  GLU A O     1 
ATOM   784  C  CB    . GLU A 1 99  ? -6.290  2.294   14.352  1.00 14.68 ?  98  GLU A CB    1 
ATOM   785  C  CG    . GLU A 1 99  ? -6.357  3.349   15.414  1.00 22.70 ?  98  GLU A CG    1 
ATOM   786  C  CD    . GLU A 1 99  ? -5.555  2.948   16.628  1.00 26.98 ?  98  GLU A CD    1 
ATOM   787  O  OE1   . GLU A 1 99  ? -6.077  2.133   17.405  1.00 27.24 ?  98  GLU A OE1   1 
ATOM   788  O  OE2   . GLU A 1 99  ? -4.403  3.424   16.787  1.00 31.31 -1 98  GLU A OE2   1 
ATOM   789  N  N     . GLN A 1 100 ? -4.937  4.380   12.554  1.00 13.23 ?  99  GLN A N     1 
ATOM   790  C  CA    . GLN A 1 100 ? -4.345  5.712   12.511  1.00 12.08 ?  99  GLN A CA    1 
ATOM   791  C  C     . GLN A 1 100 ? -4.814  6.513   11.293  1.00 9.97  ?  99  GLN A C     1 
ATOM   792  O  O     . GLN A 1 100 ? -5.098  7.700   11.394  1.00 13.05 ?  99  GLN A O     1 
ATOM   793  C  CB    . GLN A 1 100 ? -2.828  5.592   12.518  1.00 15.87 ?  99  GLN A CB    1 
ATOM   794  C  CG    . GLN A 1 100 ? -2.112  6.910   12.627  1.00 13.65 ?  99  GLN A CG    1 
ATOM   795  C  CD    . GLN A 1 100 ? -0.624  6.722   12.803  1.00 17.83 ?  99  GLN A CD    1 
ATOM   796  O  OE1   . GLN A 1 100 ? 0.054   6.179   11.928  1.00 14.39 ?  99  GLN A OE1   1 
ATOM   797  N  NE2   . GLN A 1 100 ? -0.104  7.166   13.946  1.00 17.66 ?  99  GLN A NE2   1 
ATOM   798  N  N     . ILE A 1 101 ? -4.894  5.856   10.142  1.00 11.50 ?  100 ILE A N     1 
ATOM   799  C  CA    . ILE A 1 101 ? -5.383  6.523   8.937   1.00 10.75 ?  100 ILE A CA    1 
ATOM   800  C  C     . ILE A 1 101 ? -6.844  6.967   9.100   1.00 11.41 ?  100 ILE A C     1 
ATOM   801  O  O     . ILE A 1 101 ? -7.188  8.117   8.792   1.00 12.18 ?  100 ILE A O     1 
ATOM   802  C  CB    . ILE A 1 101 ? -5.239  5.614   7.715   1.00 12.54 ?  100 ILE A CB    1 
ATOM   803  C  CG1   . ILE A 1 101 ? -3.754  5.346   7.448   1.00 10.27 ?  100 ILE A CG1   1 
ATOM   804  C  CG2   . ILE A 1 101 ? -5.886  6.263   6.496   1.00 11.83 ?  100 ILE A CG2   1 
ATOM   805  C  CD1   . ILE A 1 101 ? -3.510  4.136   6.510   1.00 10.94 ?  100 ILE A CD1   1 
ATOM   806  N  N     . LYS A 1 102 ? -7.703  6.070   9.585   1.00 11.41 ?  101 LYS A N     1 
ATOM   807  C  CA    . LYS A 1 102 ? -9.108  6.425   9.827   1.00 11.19 ?  101 LYS A CA    1 
ATOM   808  C  C     . LYS A 1 102 ? -9.202  7.580   10.810  1.00 11.91 ?  101 LYS A C     1 
ATOM   809  O  O     . LYS A 1 102 ? -10.000 8.512   10.645  1.00 12.85 ?  101 LYS A O     1 
ATOM   810  C  CB    . LYS A 1 102 ? -9.889  5.224   10.358  1.00 12.75 ?  101 LYS A CB    1 
ATOM   811  C  CG    . LYS A 1 102 ? -10.104 4.129   9.324   1.00 12.11 ?  101 LYS A CG    1 
ATOM   812  C  CD    . LYS A 1 102 ? -10.782 2.901   9.948   1.00 12.80 ?  101 LYS A CD    1 
ATOM   813  C  CE    . LYS A 1 102 ? -12.129 3.229   10.585  1.00 17.69 ?  101 LYS A CE    1 
ATOM   814  N  NZ    . LYS A 1 102 ? -12.871 1.994   11.014  1.00 14.51 1  101 LYS A NZ    1 
ATOM   815  N  N     . ARG A 1 103 ? -8.373  7.507   11.840  1.00 11.82 ?  102 ARG A N     1 
ATOM   816  C  CA    . ARG A 1 103 ? -8.341  8.512   12.890  1.00 11.42 ?  102 ARG A CA    1 
ATOM   817  C  C     . ARG A 1 103 ? -7.967  9.908   12.354  1.00 12.07 ?  102 ARG A C     1 
ATOM   818  O  O     . ARG A 1 103 ? -8.637  10.908  12.655  1.00 14.15 ?  102 ARG A O     1 
ATOM   819  C  CB    . ARG A 1 103 ? -7.367  8.042   13.969  1.00 15.93 ?  102 ARG A CB    1 
ATOM   820  C  CG    . ARG A 1 103 ? -7.368  8.812   15.255  1.00 19.25 ?  102 ARG A CG    1 
ATOM   821  C  CD    . ARG A 1 103 ? -6.776  7.938   16.383  1.00 21.17 ?  102 ARG A CD    1 
ATOM   822  N  NE    . ARG A 1 103 ? -7.710  6.914   16.859  1.00 21.76 ?  102 ARG A NE    1 
ATOM   823  C  CZ    . ARG A 1 103 ? -7.419  5.963   17.746  1.00 18.92 ?  102 ARG A CZ    1 
ATOM   824  N  NH1   . ARG A 1 103 ? -6.203  5.869   18.265  1.00 20.93 ?  102 ARG A NH1   1 
ATOM   825  N  NH2   . ARG A 1 103 ? -8.343  5.086   18.109  1.00 22.57 1  102 ARG A NH2   1 
ATOM   826  N  N     . VAL A 1 104 ? -6.918  9.983   11.542  1.00 11.60 ?  103 VAL A N     1 
ATOM   827  C  CA    . VAL A 1 104 ? -6.500  11.269  10.987  1.00 10.26 ?  103 VAL A CA    1 
ATOM   828  C  C     . VAL A 1 104 ? -7.518  11.808  9.976   1.00 12.94 ?  103 VAL A C     1 
ATOM   829  O  O     . VAL A 1 104 ? -7.861  12.988  10.008  1.00 14.36 ?  103 VAL A O     1 
ATOM   830  C  CB    . VAL A 1 104 ? -5.111  11.175  10.332  1.00 12.54 ?  103 VAL A CB    1 
ATOM   831  C  CG1   . VAL A 1 104 ? -4.800  12.457  9.552   1.00 13.77 ?  103 VAL A CG1   1 
ATOM   832  C  CG2   . VAL A 1 104 ? -4.056  10.938  11.390  1.00 11.50 ?  103 VAL A CG2   1 
ATOM   833  N  N     . LYS A 1 105 ? -8.011  10.943  9.098   1.00 12.53 ?  104 LYS A N     1 
ATOM   834  C  CA    . LYS A 1 105 ? -8.986  11.354  8.084   1.00 12.38 ?  104 LYS A CA    1 
ATOM   835  C  C     . LYS A 1 105 ? -10.380 11.539  8.681   1.00 13.71 ?  104 LYS A C     1 
ATOM   836  O  O     . LYS A 1 105 ? -11.290 12.061  8.017   1.00 16.38 ?  104 LYS A O     1 
ATOM   837  C  CB    . LYS A 1 105 ? -9.016  10.330  6.934   1.00 12.04 ?  104 LYS A CB    1 
ATOM   838  C  CG    . LYS A 1 105 ? -7.664  10.234  6.203   1.00 9.23  ?  104 LYS A CG    1 
ATOM   839  C  CD    . LYS A 1 105 ? -7.673  9.285   4.988   1.00 10.53 ?  104 LYS A CD    1 
ATOM   840  C  CE    . LYS A 1 105 ? -8.331  9.904   3.760   1.00 9.87  ?  104 LYS A CE    1 
ATOM   841  N  NZ    . LYS A 1 105 ? -7.656  11.165  3.330   1.00 10.83 1  104 LYS A NZ    1 
ATOM   842  N  N     . ASP A 1 106 ? -10.536 11.113  9.935   1.00 12.85 ?  105 ASP A N     1 
ATOM   843  C  CA    . ASP A 1 106 ? -11.819 11.134  10.628  1.00 13.52 ?  105 ASP A CA    1 
ATOM   844  C  C     . ASP A 1 106 ? -12.918 10.540  9.746   1.00 15.38 ?  105 ASP A C     1 
ATOM   845  O  O     . ASP A 1 106 ? -13.992 11.128  9.555   1.00 16.04 ?  105 ASP A O     1 
ATOM   846  C  CB    . ASP A 1 106 ? -12.165 12.558  11.054  1.00 16.90 ?  105 ASP A CB    1 
ATOM   847  C  CG    . ASP A 1 106 ? -13.279 12.597  12.060  1.00 18.44 ?  105 ASP A CG    1 
ATOM   848  O  OD1   . ASP A 1 106 ? -13.539 11.542  12.675  1.00 18.47 ?  105 ASP A OD1   1 
ATOM   849  O  OD2   . ASP A 1 106 ? -13.892 13.676  12.244  1.00 22.89 -1 105 ASP A OD2   1 
ATOM   850  N  N     . SER A 1 107 ? -12.630 9.371   9.192   1.00 11.96 ?  106 SER A N     1 
ATOM   851  C  CA    . SER A 1 107 ? -13.539 8.750   8.243   1.00 17.40 ?  106 SER A CA    1 
ATOM   852  C  C     . SER A 1 107 ? -13.670 7.251   8.494   1.00 15.55 ?  106 SER A C     1 
ATOM   853  O  O     . SER A 1 107 ? -12.703 6.617   8.903   1.00 16.58 ?  106 SER A O     1 
ATOM   854  C  CB    . SER A 1 107 ? -13.043 8.999   6.820   1.00 18.57 ?  106 SER A CB    1 
ATOM   855  O  OG    . SER A 1 107 ? -13.875 8.353   5.872   1.00 18.90 ?  106 SER A OG    1 
ATOM   856  N  N     . GLU A 1 108 ? -14.849 6.691   8.225   1.00 18.27 ?  107 GLU A N     1 
ATOM   857  C  CA    . GLU A 1 108 ? -15.043 5.243   8.265   1.00 16.81 ?  107 GLU A CA    1 
ATOM   858  C  C     . GLU A 1 108 ? -15.011 4.643   6.869   1.00 22.20 ?  107 GLU A C     1 
ATOM   859  O  O     . GLU A 1 108 ? -15.183 3.432   6.693   1.00 23.39 ?  107 GLU A O     1 
ATOM   860  C  CB    . GLU A 1 108 ? -16.375 4.895   8.923   1.00 24.46 ?  107 GLU A CB    1 
ATOM   861  C  CG    . GLU A 1 108 ? -16.536 5.494   10.301  1.00 31.69 ?  107 GLU A CG    1 
ATOM   862  C  CD    . GLU A 1 108 ? -17.857 5.117   10.938  1.00 39.92 ?  107 GLU A CD    1 
ATOM   863  O  OE1   . GLU A 1 108 ? -18.907 5.338   10.293  1.00 40.52 ?  107 GLU A OE1   1 
ATOM   864  O  OE2   . GLU A 1 108 ? -17.837 4.593   12.075  1.00 39.44 -1 107 GLU A OE2   1 
ATOM   865  N  N     . ASP A 1 109 ? -14.794 5.497   5.877   1.00 16.91 ?  108 ASP A N     1 
ATOM   866  C  CA    . ASP A 1 109 ? -14.825 5.078   4.488   1.00 17.76 ?  108 ASP A CA    1 
ATOM   867  C  C     . ASP A 1 109 ? -13.552 5.538   3.783   1.00 14.67 ?  108 ASP A C     1 
ATOM   868  O  O     . ASP A 1 109 ? -13.557 6.508   3.021   1.00 16.41 ?  108 ASP A O     1 
ATOM   869  C  CB    . ASP A 1 109 ? -16.075 5.631   3.802   1.00 18.20 ?  108 ASP A CB    1 
ATOM   870  C  CG    . ASP A 1 109 ? -16.266 5.082   2.403   1.00 21.97 ?  108 ASP A CG    1 
ATOM   871  O  OD1   . ASP A 1 109 ? -15.654 4.037   2.084   1.00 21.50 ?  108 ASP A OD1   1 
ATOM   872  O  OD2   . ASP A 1 109 ? -17.030 5.699   1.623   1.00 21.63 -1 108 ASP A OD2   1 
ATOM   873  N  N     . VAL A 1 110 ? -12.461 4.829   4.060   1.00 12.88 ?  109 VAL A N     1 
ATOM   874  C  CA    . VAL A 1 110 ? -11.145 5.121   3.496   1.00 10.74 ?  109 VAL A CA    1 
ATOM   875  C  C     . VAL A 1 110 ? -10.664 3.973   2.602   1.00 9.95  ?  109 VAL A C     1 
ATOM   876  O  O     . VAL A 1 110 ? -10.460 2.857   3.083   1.00 11.57 ?  109 VAL A O     1 
ATOM   877  C  CB    . VAL A 1 110 ? -10.094 5.340   4.602   1.00 12.42 ?  109 VAL A CB    1 
ATOM   878  C  CG1   . VAL A 1 110 ? -8.766  5.751   3.993   1.00 11.14 ?  109 VAL A CG1   1 
ATOM   879  C  CG2   . VAL A 1 110 ? -10.563 6.398   5.598   1.00 12.54 ?  109 VAL A CG2   1 
ATOM   880  N  N     . PRO A 1 111 ? -10.492 4.237   1.295   1.00 9.19  ?  110 PRO A N     1 
ATOM   881  C  CA    . PRO A 1 111 ? -10.044 3.175   0.389   1.00 9.58  ?  110 PRO A CA    1 
ATOM   882  C  C     . PRO A 1 111 ? -8.698  2.610   0.824   1.00 10.36 ?  110 PRO A C     1 
ATOM   883  O  O     . PRO A 1 111 ? -7.729  3.351   1.008   1.00 8.27  ?  110 PRO A O     1 
ATOM   884  C  CB    . PRO A 1 111 ? -9.941  3.886   -0.972  1.00 8.54  ?  110 PRO A CB    1 
ATOM   885  C  CG    . PRO A 1 111 ? -10.900 5.026   -0.852  1.00 9.09  ?  110 PRO A CG    1 
ATOM   886  C  CD    . PRO A 1 111 ? -10.790 5.488   0.577   1.00 9.44  ?  110 PRO A CD    1 
ATOM   887  N  N     . MET A 1 112 ? -8.662  1.295   0.995   1.00 9.21  ?  111 MET A N     1 
ATOM   888  C  CA    . MET A 1 112 ? -7.450  0.580   1.369   1.00 8.60  ?  111 MET A CA    1 
ATOM   889  C  C     . MET A 1 112 ? -7.424  -0.783  0.697   1.00 8.50  ?  111 MET A C     1 
ATOM   890  O  O     . MET A 1 112 ? -8.462  -1.327  0.363   1.00 9.97  ?  111 MET A O     1 
ATOM   891  C  CB    . MET A 1 112 ? -7.367  0.388   2.880   1.00 8.25  ?  111 MET A CB    1 
ATOM   892  C  CG    . MET A 1 112 ? -7.379  1.678   3.700   1.00 9.92  ?  111 MET A CG    1 
ATOM   893  S  SD    . MET A 1 112 ? -6.864  1.369   5.395   1.00 13.16 ?  111 MET A SD    1 
ATOM   894  C  CE    . MET A 1 112 ? -7.455  2.890   6.134   1.00 12.31 ?  111 MET A CE    1 
ATOM   895  N  N     . VAL A 1 113 ? -6.230  -1.317  0.502   1.00 6.58  ?  112 VAL A N     1 
ATOM   896  C  CA    . VAL A 1 113 ? -6.048  -2.698  0.076   1.00 9.34  ?  112 VAL A CA    1 
ATOM   897  C  C     . VAL A 1 113 ? -5.033  -3.310  1.028   1.00 10.13 ?  112 VAL A C     1 
ATOM   898  O  O     . VAL A 1 113 ? -4.019  -2.671  1.340   1.00 9.16  ?  112 VAL A O     1 
ATOM   899  C  CB    . VAL A 1 113 ? -5.539  -2.789  -1.378  1.00 8.50  ?  112 VAL A CB    1 
ATOM   900  C  CG1   . VAL A 1 113 ? -5.107  -4.216  -1.713  1.00 9.21  ?  112 VAL A CG1   1 
ATOM   901  C  CG2   . VAL A 1 113 ? -6.625  -2.284  -2.366  1.00 8.77  ?  112 VAL A CG2   1 
ATOM   902  N  N     . LEU A 1 114 ? -5.314  -4.518  1.516   1.00 6.08  ?  113 LEU A N     1 
ATOM   903  C  CA    . LEU A 1 114 ? -4.352  -5.233  2.350   1.00 8.46  ?  113 LEU A CA    1 
ATOM   904  C  C     . LEU A 1 114 ? -3.426  -6.040  1.449   1.00 9.16  ?  113 LEU A C     1 
ATOM   905  O  O     . LEU A 1 114 ? -3.882  -6.774  0.564   1.00 8.47  ?  113 LEU A O     1 
ATOM   906  C  CB    . LEU A 1 114 ? -5.066  -6.141  3.354   1.00 8.74  ?  113 LEU A CB    1 
ATOM   907  C  CG    . LEU A 1 114 ? -4.182  -6.927  4.333   1.00 7.70  ?  113 LEU A CG    1 
ATOM   908  C  CD1   . LEU A 1 114 ? -3.517  -6.008  5.334   1.00 9.52  ?  113 LEU A CD1   1 
ATOM   909  C  CD2   . LEU A 1 114 ? -5.030  -7.970  5.068   1.00 7.93  ?  113 LEU A CD2   1 
ATOM   910  N  N     . VAL A 1 115 ? -2.128  -5.892  1.657   1.00 7.65  ?  114 VAL A N     1 
ATOM   911  C  CA    . VAL A 1 115 ? -1.136  -6.559  0.814   1.00 7.92  ?  114 VAL A CA    1 
ATOM   912  C  C     . VAL A 1 115 ? -0.182  -7.423  1.636   1.00 11.99 ?  114 VAL A C     1 
ATOM   913  O  O     . VAL A 1 115 ? 0.519   -6.915  2.517   1.00 11.84 ?  114 VAL A O     1 
ATOM   914  C  CB    . VAL A 1 115 ? -0.301  -5.518  0.010   1.00 7.61  ?  114 VAL A CB    1 
ATOM   915  C  CG1   . VAL A 1 115 ? 0.806   -6.198  -0.802  1.00 10.37 ?  114 VAL A CG1   1 
ATOM   916  C  CG2   . VAL A 1 115 ? -1.213  -4.731  -0.921  1.00 8.30  ?  114 VAL A CG2   1 
ATOM   917  N  N     . GLY A 1 116 ? -0.147  -8.722  1.341   1.00 8.87  ?  115 GLY A N     1 
ATOM   918  C  CA    . GLY A 1 116 ? 0.831   -9.620  1.937   1.00 9.06  ?  115 GLY A CA    1 
ATOM   919  C  C     . GLY A 1 116 ? 1.964   -9.831  0.952   1.00 9.98  ?  115 GLY A C     1 
ATOM   920  O  O     . GLY A 1 116 ? 1.800   -10.517 -0.046  1.00 8.99  ?  115 GLY A O     1 
ATOM   921  N  N     . ASN A 1 117 ? 3.113   -9.215  1.216   1.00 9.35  ?  116 ASN A N     1 
ATOM   922  C  CA    . ASN A 1 117 ? 4.230   -9.252  0.271   1.00 8.61  ?  116 ASN A CA    1 
ATOM   923  C  C     . ASN A 1 117 ? 5.251   -10.355 0.598   1.00 9.03  ?  116 ASN A C     1 
ATOM   924  O  O     . ASN A 1 117 ? 5.190   -10.957 1.667   1.00 9.79  ?  116 ASN A O     1 
ATOM   925  C  CB    . ASN A 1 117 ? 4.901   -7.874  0.253   1.00 8.98  ?  116 ASN A CB    1 
ATOM   926  C  CG    . ASN A 1 117 ? 5.939   -7.741  -0.836  1.00 11.83 ?  116 ASN A CG    1 
ATOM   927  O  OD1   . ASN A 1 117 ? 5.698   -8.095  -1.998  1.00 11.12 ?  116 ASN A OD1   1 
ATOM   928  N  ND2   . ASN A 1 117 ? 7.116   -7.237  -0.466  1.00 10.05 ?  116 ASN A ND2   1 
ATOM   929  N  N     . LYS A 1 118 ? 6.170   -10.599 -0.330  1.00 10.99 ?  117 LYS A N     1 
ATOM   930  C  CA    . LYS A 1 118 ? 7.180   -11.634 -0.161  1.00 11.70 ?  117 LYS A CA    1 
ATOM   931  C  C     . LYS A 1 118 ? 6.570   -13.016 -0.358  1.00 13.24 ?  117 LYS A C     1 
ATOM   932  O  O     . LYS A 1 118 ? 6.942   -13.970 0.325   1.00 12.81 ?  117 LYS A O     1 
ATOM   933  C  CB    . LYS A 1 118 ? 7.824   -11.534 1.222   1.00 12.90 ?  117 LYS A CB    1 
ATOM   934  C  CG    . LYS A 1 118 ? 8.359   -10.153 1.560   1.00 10.44 ?  117 LYS A CG    1 
ATOM   935  C  CD    . LYS A 1 118 ? 9.563   -10.236 2.483   1.00 12.05 ?  117 LYS A CD    1 
ATOM   936  C  CE    . LYS A 1 118 ? 10.062  -8.853  2.867   1.00 11.40 ?  117 LYS A CE    1 
ATOM   937  N  NZ    . LYS A 1 118 ? 11.233  -8.920  3.785   1.00 15.47 1  117 LYS A NZ    1 
ATOM   938  N  N     . SER A 1 119 ? 5.628   -13.119 -1.292  1.00 11.30 ?  118 SER A N     1 
ATOM   939  C  CA    . SER A 1 119 ? 4.957   -14.394 -1.551  1.00 12.87 ?  118 SER A CA    1 
ATOM   940  C  C     . SER A 1 119 ? 5.852   -15.408 -2.249  1.00 15.11 ?  118 SER A C     1 
ATOM   941  O  O     . SER A 1 119 ? 5.497   -16.585 -2.333  1.00 13.25 ?  118 SER A O     1 
ATOM   942  C  CB    . SER A 1 119 ? 3.699   -14.181 -2.394  1.00 13.61 ?  118 SER A CB    1 
ATOM   943  O  OG    . SER A 1 119 ? 4.039   -13.929 -3.750  1.00 15.53 ?  118 SER A OG    1 
ATOM   944  N  N     . ASP A 1 120 ? 6.993   -14.954 -2.762  1.00 11.54 ?  119 ASP A N     1 
ATOM   945  C  CA    . ASP A 1 120 ? 7.964   -15.851 -3.396  1.00 13.83 ?  119 ASP A CA    1 
ATOM   946  C  C     . ASP A 1 120 ? 8.725   -16.709 -2.386  1.00 17.06 ?  119 ASP A C     1 
ATOM   947  O  O     . ASP A 1 120 ? 9.356   -17.697 -2.756  1.00 15.27 ?  119 ASP A O     1 
ATOM   948  C  CB    . ASP A 1 120 ? 8.970   -15.068 -4.235  1.00 12.67 ?  119 ASP A CB    1 
ATOM   949  C  CG    . ASP A 1 120 ? 9.706   -14.024 -3.431  1.00 16.22 ?  119 ASP A CG    1 
ATOM   950  O  OD1   . ASP A 1 120 ? 9.101   -12.967 -3.154  1.00 12.80 ?  119 ASP A OD1   1 
ATOM   951  O  OD2   . ASP A 1 120 ? 10.887  -14.259 -3.090  1.00 16.32 -1 119 ASP A OD2   1 
ATOM   952  N  N     . LEU A 1 121 ? 8.679   -16.332 -1.119  1.00 15.64 ?  120 LEU A N     1 
ATOM   953  C  CA    . LEU A 1 121 ? 9.391   -17.098 -0.099  1.00 18.43 ?  120 LEU A CA    1 
ATOM   954  C  C     . LEU A 1 121 ? 8.520   -18.246 0.424   1.00 16.92 ?  120 LEU A C     1 
ATOM   955  O  O     . LEU A 1 121 ? 7.351   -18.041 0.744   1.00 18.89 ?  120 LEU A O     1 
ATOM   956  C  CB    . LEU A 1 121 ? 9.824   -16.176 1.042   1.00 16.59 ?  120 LEU A CB    1 
ATOM   957  C  CG    . LEU A 1 121 ? 10.620  -14.922 0.667   1.00 18.15 ?  120 LEU A CG    1 
ATOM   958  C  CD1   . LEU A 1 121 ? 10.837  -14.051 1.899   1.00 20.63 ?  120 LEU A CD1   1 
ATOM   959  C  CD2   . LEU A 1 121 ? 11.953  -15.292 0.012   1.00 20.30 ?  120 LEU A CD2   1 
ATOM   960  N  N     . PRO A 1 122 ? 9.082   -19.469 0.497   1.00 21.65 ?  121 PRO A N     1 
ATOM   961  C  CA    . PRO A 1 122 ? 8.373   -20.601 1.099   1.00 25.29 ?  121 PRO A CA    1 
ATOM   962  C  C     . PRO A 1 122 ? 8.134   -20.352 2.576   1.00 18.74 ?  121 PRO A C     1 
ATOM   963  O  O     . PRO A 1 122 ? 7.128   -20.784 3.143   1.00 20.50 ?  121 PRO A O     1 
ATOM   964  C  CB    . PRO A 1 122 ? 9.340   -21.776 0.901   1.00 25.77 ?  121 PRO A CB    1 
ATOM   965  C  CG    . PRO A 1 122 ? 10.691  -21.127 0.800   1.00 29.93 ?  121 PRO A CG    1 
ATOM   966  C  CD    . PRO A 1 122 ? 10.443  -19.838 0.070   1.00 24.17 ?  121 PRO A CD    1 
ATOM   967  N  N     . SER A 1 123 ? 9.080   -19.639 3.179   1.00 21.00 ?  122 SER A N     1 
ATOM   968  C  CA    . SER A 1 123 ? 9.016   -19.268 4.579   1.00 17.07 ?  122 SER A CA    1 
ATOM   969  C  C     . SER A 1 123 ? 7.818   -18.349 4.781   1.00 17.38 ?  122 SER A C     1 
ATOM   970  O  O     . SER A 1 123 ? 7.745   -17.266 4.189   1.00 19.05 ?  122 SER A O     1 
ATOM   971  C  CB    . SER A 1 123 ? 10.326  -18.601 4.994   1.00 18.01 ?  122 SER A CB    1 
ATOM   972  O  OG    . SER A 1 123 ? 10.385  -18.393 6.381   1.00 20.39 ?  122 SER A OG    1 
ATOM   973  N  N     . ARG A 1 124 ? 6.883   -18.796 5.612   1.00 12.84 ?  123 ARG A N     1 
ATOM   974  C  CA    . ARG A 1 124 ? 5.610   -18.122 5.811   1.00 11.33 ?  123 ARG A CA    1 
ATOM   975  C  C     . ARG A 1 124 ? 5.104   -18.295 7.235   1.00 12.66 ?  123 ARG A C     1 
ATOM   976  O  O     . ARG A 1 124 ? 5.009   -19.429 7.727   1.00 11.51 ?  123 ARG A O     1 
ATOM   977  C  CB    . ARG A 1 124 ? 4.564   -18.673 4.822   1.00 12.52 ?  123 ARG A CB    1 
ATOM   978  C  CG    . ARG A 1 124 ? 3.133   -18.251 5.120   1.00 13.63 ?  123 ARG A CG    1 
ATOM   979  C  CD    . ARG A 1 124 ? 2.137   -18.957 4.213   1.00 12.59 ?  123 ARG A CD    1 
ATOM   980  N  NE    . ARG A 1 124 ? 2.238   -18.580 2.800   1.00 12.32 ?  123 ARG A NE    1 
ATOM   981  C  CZ    . ARG A 1 124 ? 1.571   -17.573 2.229   1.00 12.34 ?  123 ARG A CZ    1 
ATOM   982  N  NH1   . ARG A 1 124 ? 0.783   -16.789 2.955   1.00 13.25 ?  123 ARG A NH1   1 
ATOM   983  N  NH2   . ARG A 1 124 ? 1.716   -17.326 0.936   1.00 14.19 1  123 ARG A NH2   1 
ATOM   984  N  N     . THR A 1 125 ? 4.744   -17.180 7.888   1.00 11.09 ?  124 THR A N     1 
ATOM   985  C  CA    . THR A 1 125 ? 4.162   -17.225 9.235   1.00 10.39 ?  124 THR A CA    1 
ATOM   986  C  C     . THR A 1 125 ? 2.704   -16.772 9.231   1.00 12.68 ?  124 THR A C     1 
ATOM   987  O  O     . THR A 1 125 ? 1.965   -17.033 10.173  1.00 13.97 ?  124 THR A O     1 
ATOM   988  C  CB    . THR A 1 125 ? 4.957   -16.360 10.259  1.00 14.06 ?  124 THR A CB    1 
ATOM   989  O  OG1   . THR A 1 125 ? 4.918   -14.979 9.869   1.00 11.94 ?  124 THR A OG1   1 
ATOM   990  C  CG2   . THR A 1 125 ? 6.412   -16.787 10.314  1.00 11.32 ?  124 THR A CG2   1 
ATOM   991  N  N     . VAL A 1 126 ? 2.285   -16.094 8.164   1.00 13.74 ?  125 VAL A N     1 
ATOM   992  C  CA    . VAL A 1 126 ? 0.906   -15.612 8.059   1.00 12.11 ?  125 VAL A CA    1 
ATOM   993  C  C     . VAL A 1 126 ? 0.214   -16.302 6.898   1.00 11.95 ?  125 VAL A C     1 
ATOM   994  O  O     . VAL A 1 126 ? 0.530   -16.054 5.729   1.00 12.29 ?  125 VAL A O     1 
ATOM   995  C  CB    . VAL A 1 126 ? 0.845   -14.084 7.858   1.00 13.76 ?  125 VAL A CB    1 
ATOM   996  C  CG1   . VAL A 1 126 ? -0.606  -13.582 7.898   1.00 12.33 ?  125 VAL A CG1   1 
ATOM   997  C  CG2   . VAL A 1 126 ? 1.680   -13.390 8.909   1.00 11.04 ?  125 VAL A CG2   1 
ATOM   998  N  N     . ASP A 1 127 ? -0.729  -17.172 7.227   1.00 15.53 ?  126 ASP A N     1 
ATOM   999  C  CA    . ASP A 1 127 ? -1.481  -17.880 6.198   1.00 15.89 ?  126 ASP A CA    1 
ATOM   1000 C  C     . ASP A 1 127 ? -2.454  -16.967 5.490   1.00 13.26 ?  126 ASP A C     1 
ATOM   1001 O  O     . ASP A 1 127 ? -2.980  -16.036 6.080   1.00 14.12 ?  126 ASP A O     1 
ATOM   1002 C  CB    . ASP A 1 127 ? -2.244  -19.057 6.800   1.00 18.21 ?  126 ASP A CB    1 
ATOM   1003 C  CG    . ASP A 1 127 ? -1.362  -20.244 7.027   1.00 26.70 ?  126 ASP A CG    1 
ATOM   1004 O  OD1   . ASP A 1 127 ? -0.129  -20.070 6.861   1.00 24.71 ?  126 ASP A OD1   1 
ATOM   1005 O  OD2   . ASP A 1 127 ? -1.886  -21.329 7.365   1.00 28.81 -1 126 ASP A OD2   1 
ATOM   1006 N  N     . THR A 1 128 ? -2.715  -17.284 4.228   1.00 13.73 ?  127 THR A N     1 
ATOM   1007 C  CA    . THR A 1 128 ? -3.685  -16.566 3.420   1.00 11.04 ?  127 THR A CA    1 
ATOM   1008 C  C     . THR A 1 128 ? -5.039  -16.446 4.125   1.00 12.96 ?  127 THR A C     1 
ATOM   1009 O  O     . THR A 1 128 ? -5.651  -15.375 4.124   1.00 12.76 ?  127 THR A O     1 
ATOM   1010 C  CB    . THR A 1 128 ? -3.856  -17.262 2.069   1.00 10.90 ?  127 THR A CB    1 
ATOM   1011 O  OG1   . THR A 1 128 ? -2.584  -17.285 1.406   1.00 12.60 ?  127 THR A OG1   1 
ATOM   1012 C  CG2   . THR A 1 128 ? -4.891  -16.536 1.204   1.00 14.42 ?  127 THR A CG2   1 
ATOM   1013 N  N     . LYS A 1 129 ? -5.499  -17.534 4.741   1.00 10.91 ?  128 LYS A N     1 
ATOM   1014 C  CA    . LYS A 1 129 ? -6.786  -17.518 5.427   1.00 10.83 ?  128 LYS A CA    1 
ATOM   1015 C  C     . LYS A 1 129 ? -6.831  -16.446 6.529   1.00 14.08 ?  128 LYS A C     1 
ATOM   1016 O  O     . LYS A 1 129 ? -7.817  -15.720 6.644   1.00 13.37 ?  128 LYS A O     1 
ATOM   1017 C  CB    . LYS A 1 129 ? -7.104  -18.900 6.017   1.00 13.22 ?  128 LYS A CB    1 
ATOM   1018 C  CG    . LYS A 1 129 ? -8.364  -18.926 6.883   1.00 19.00 ?  128 LYS A CG    1 
ATOM   1019 C  CD    . LYS A 1 129 ? -8.630  -20.318 7.447   1.00 24.70 ?  128 LYS A CD    1 
ATOM   1020 C  CE    . LYS A 1 129 ? -9.679  -20.281 8.560   1.00 28.54 ?  128 LYS A CE    1 
ATOM   1021 N  NZ    . LYS A 1 129 ? -11.034 -19.987 8.031   1.00 38.80 1  128 LYS A NZ    1 
ATOM   1022 N  N     . GLN A 1 130 ? -5.763  -16.328 7.318   1.00 13.02 ?  129 GLN A N     1 
ATOM   1023 C  CA    . GLN A 1 130 ? -5.712  -15.301 8.367   1.00 13.11 ?  129 GLN A CA    1 
ATOM   1024 C  C     . GLN A 1 130 ? -5.810  -13.898 7.775   1.00 12.15 ?  129 GLN A C     1 
ATOM   1025 O  O     . GLN A 1 130 ? -6.509  -13.037 8.308   1.00 10.76 ?  129 GLN A O     1 
ATOM   1026 C  CB    . GLN A 1 130 ? -4.420  -15.374 9.172   1.00 14.42 ?  129 GLN A CB    1 
ATOM   1027 C  CG    . GLN A 1 130 ? -4.023  -16.734 9.685   1.00 28.43 ?  129 GLN A CG    1 
ATOM   1028 C  CD    . GLN A 1 130 ? -2.566  -16.756 10.131  1.00 25.43 ?  129 GLN A CD    1 
ATOM   1029 O  OE1   . GLN A 1 130 ? -1.799  -17.647 9.748   1.00 27.90 ?  129 GLN A OE1   1 
ATOM   1030 N  NE2   . GLN A 1 130 ? -2.173  -15.753 10.928  1.00 27.15 ?  129 GLN A NE2   1 
ATOM   1031 N  N     . ALA A 1 131 ? -5.067  -13.667 6.697   1.00 9.31  ?  130 ALA A N     1 
ATOM   1032 C  CA    . ALA A 1 131 ? -5.038  -12.345 6.072   1.00 9.46  ?  130 ALA A CA    1 
ATOM   1033 C  C     . ALA A 1 131 ? -6.379  -12.045 5.422   1.00 9.46  ?  130 ALA A C     1 
ATOM   1034 O  O     . ALA A 1 131 ? -6.885  -10.911 5.491   1.00 10.59 ?  130 ALA A O     1 
ATOM   1035 C  CB    . ALA A 1 131 ? -3.903  -12.257 5.047   1.00 9.76  ?  130 ALA A CB    1 
ATOM   1036 N  N     . GLN A 1 132 ? -6.975  -13.069 4.809   1.00 10.89 ?  131 GLN A N     1 
ATOM   1037 C  CA    . GLN A 1 132 ? -8.295  -12.900 4.205   1.00 11.64 ?  131 GLN A CA    1 
ATOM   1038 C  C     . GLN A 1 132 ? -9.302  -12.532 5.287   1.00 12.27 ?  131 GLN A C     1 
ATOM   1039 O  O     . GLN A 1 132 ? -10.168 -11.685 5.078   1.00 12.89 ?  131 GLN A O     1 
ATOM   1040 C  CB    . GLN A 1 132 ? -8.723  -14.164 3.462   1.00 10.77 ?  131 GLN A CB    1 
ATOM   1041 C  CG    . GLN A 1 132 ? -7.988  -14.342 2.137   1.00 12.42 ?  131 GLN A CG    1 
ATOM   1042 C  CD    . GLN A 1 132 ? -8.223  -15.714 1.521   1.00 14.66 ?  131 GLN A CD    1 
ATOM   1043 O  OE1   . GLN A 1 132 ? -8.456  -16.698 2.227   1.00 13.60 ?  131 GLN A OE1   1 
ATOM   1044 N  NE2   . GLN A 1 132 ? -8.153  -15.783 0.191   1.00 20.76 ?  131 GLN A NE2   1 
ATOM   1045 N  N     . ASP A 1 133 ? -9.172  -13.154 6.455   1.00 11.78 ?  132 ASP A N     1 
ATOM   1046 C  CA    . ASP A 1 133 ? -10.091 -12.862 7.552   1.00 12.44 ?  132 ASP A CA    1 
ATOM   1047 C  C     . ASP A 1 133 ? -9.986  -11.404 7.992   1.00 12.44 ?  132 ASP A C     1 
ATOM   1048 O  O     . ASP A 1 133 ? -10.999 -10.769 8.255   1.00 12.81 ?  132 ASP A O     1 
ATOM   1049 C  CB    . ASP A 1 133 ? -9.832  -13.784 8.745   1.00 14.78 ?  132 ASP A CB    1 
ATOM   1050 C  CG    . ASP A 1 133 ? -10.621 -13.367 9.990   1.00 24.53 ?  132 ASP A CG    1 
ATOM   1051 O  OD1   . ASP A 1 133 ? -10.108 -12.545 10.784  1.00 30.71 ?  132 ASP A OD1   1 
ATOM   1052 O  OD2   . ASP A 1 133 ? -11.754 -13.863 10.177  1.00 29.97 -1 132 ASP A OD2   1 
ATOM   1053 N  N     . LEU A 1 134 ? -8.764  -10.882 8.073   1.00 11.46 ?  133 LEU A N     1 
ATOM   1054 C  CA    . LEU A 1 134 ? -8.571  -9.498  8.508   1.00 11.24 ?  133 LEU A CA    1 
ATOM   1055 C  C     . LEU A 1 134 ? -9.135  -8.530  7.471   1.00 10.42 ?  133 LEU A C     1 
ATOM   1056 O  O     . LEU A 1 134 ? -9.848  -7.597  7.817   1.00 10.18 ?  133 LEU A O     1 
ATOM   1057 C  CB    . LEU A 1 134 ? -7.093  -9.188  8.766   1.00 9.79  ?  133 LEU A CB    1 
ATOM   1058 C  CG    . LEU A 1 134 ? -6.809  -7.778  9.317   1.00 10.36 ?  133 LEU A CG    1 
ATOM   1059 C  CD1   . LEU A 1 134 ? -7.542  -7.500  10.653  1.00 11.13 ?  133 LEU A CD1   1 
ATOM   1060 C  CD2   . LEU A 1 134 ? -5.303  -7.562  9.467   1.00 11.49 ?  133 LEU A CD2   1 
ATOM   1061 N  N     . ALA A 1 135 ? -8.825  -8.767  6.201   1.00 9.76  ?  134 ALA A N     1 
ATOM   1062 C  CA    . ALA A 1 135 ? -9.337  -7.911  5.133   1.00 10.67 ?  134 ALA A CA    1 
ATOM   1063 C  C     . ALA A 1 135 ? -10.864 -7.925  5.114   1.00 11.46 ?  134 ALA A C     1 
ATOM   1064 O  O     . ALA A 1 135 ? -11.502 -6.894  4.898   1.00 11.95 ?  134 ALA A O     1 
ATOM   1065 C  CB    . ALA A 1 135 ? -8.783  -8.348  3.787   1.00 11.68 ?  134 ALA A CB    1 
ATOM   1066 N  N     . ARG A 1 136 ? -11.448 -9.093  5.353   1.00 9.65  ?  135 ARG A N     1 
ATOM   1067 C  CA    . ARG A 1 136 ? -12.901 -9.202  5.374   1.00 12.02 ?  135 ARG A CA    1 
ATOM   1068 C  C     . ARG A 1 136 ? -13.482 -8.338  6.483   1.00 11.48 ?  135 ARG A C     1 
ATOM   1069 O  O     . ARG A 1 136 ? -14.492 -7.663  6.291   1.00 13.86 ?  135 ARG A O     1 
ATOM   1070 C  CB    . ARG A 1 136 ? -13.330 -10.663 5.548   1.00 12.74 ?  135 ARG A CB    1 
ATOM   1071 C  CG    . ARG A 1 136 ? -14.841 -10.878 5.549   1.00 15.27 ?  135 ARG A CG    1 
ATOM   1072 C  CD    . ARG A 1 136 ? -15.196 -12.359 5.712   1.00 25.20 ?  135 ARG A CD    1 
ATOM   1073 N  NE    . ARG A 1 136 ? -14.833 -12.912 7.023   1.00 25.28 ?  135 ARG A NE    1 
ATOM   1074 C  CZ    . ARG A 1 136 ? -13.918 -13.861 7.218   1.00 24.34 ?  135 ARG A CZ    1 
ATOM   1075 N  NH1   . ARG A 1 136 ? -13.249 -14.380 6.187   1.00 31.80 ?  135 ARG A NH1   1 
ATOM   1076 N  NH2   . ARG A 1 136 ? -13.671 -14.296 8.446   1.00 29.82 1  135 ARG A NH2   1 
ATOM   1077 N  N     . SER A 1 137 ? -12.828 -8.335  7.640   1.00 12.82 ?  136 SER A N     1 
ATOM   1078 C  CA    . SER A 1 137 ? -13.293 -7.535  8.772   1.00 10.04 ?  136 SER A CA    1 
ATOM   1079 C  C     . SER A 1 137 ? -13.206 -6.031  8.489   1.00 12.20 ?  136 SER A C     1 
ATOM   1080 O  O     . SER A 1 137 ? -13.865 -5.239  9.130   1.00 11.94 ?  136 SER A O     1 
ATOM   1081 C  CB    . SER A 1 137 ? -12.493 -7.872  10.036  1.00 13.96 ?  136 SER A CB    1 
ATOM   1082 O  OG    . SER A 1 137 ? -11.231 -7.231  10.046  1.00 14.27 ?  136 SER A OG    1 
ATOM   1083 N  N     . TYR A 1 138 ? -12.370 -5.663  7.527   1.00 11.49 ?  137 TYR A N     1 
ATOM   1084 C  CA    . TYR A 1 138 ? -12.190 -4.271  7.135   1.00 12.48 ?  137 TYR A CA    1 
ATOM   1085 C  C     . TYR A 1 138 ? -13.085 -3.893  5.960   1.00 12.01 ?  137 TYR A C     1 
ATOM   1086 O  O     . TYR A 1 138 ? -13.276 -2.715  5.671   1.00 11.97 ?  137 TYR A O     1 
ATOM   1087 C  CB    . TYR A 1 138 ? -10.738 -4.033  6.747   1.00 12.89 ?  137 TYR A CB    1 
ATOM   1088 C  CG    . TYR A 1 138 ? -9.725  -4.024  7.869   1.00 10.53 ?  137 TYR A CG    1 
ATOM   1089 C  CD1   . TYR A 1 138 ? -10.106 -3.908  9.198   1.00 10.01 ?  137 TYR A CD1   1 
ATOM   1090 C  CD2   . TYR A 1 138 ? -8.371  -4.124  7.582   1.00 12.12 ?  137 TYR A CD2   1 
ATOM   1091 C  CE1   . TYR A 1 138 ? -9.156  -3.893  10.210  1.00 10.69 ?  137 TYR A CE1   1 
ATOM   1092 C  CE2   . TYR A 1 138 ? -7.422  -4.102  8.577   1.00 13.04 ?  137 TYR A CE2   1 
ATOM   1093 C  CZ    . TYR A 1 138 ? -7.814  -3.983  9.883   1.00 11.40 ?  137 TYR A CZ    1 
ATOM   1094 O  OH    . TYR A 1 138 ? -6.848  -3.962  10.859  1.00 12.27 ?  137 TYR A OH    1 
ATOM   1095 N  N     . GLY A 1 139 ? -13.590 -4.905  5.261   1.00 11.72 ?  138 GLY A N     1 
ATOM   1096 C  CA    . GLY A 1 139 ? -14.353 -4.713  4.045   1.00 12.67 ?  138 GLY A CA    1 
ATOM   1097 C  C     . GLY A 1 139 ? -13.484 -4.232  2.890   1.00 14.54 ?  138 GLY A C     1 
ATOM   1098 O  O     . GLY A 1 139 ? -13.911 -3.386  2.112   1.00 11.68 ?  138 GLY A O     1 
ATOM   1099 N  N     . ILE A 1 140 ? -12.273 -4.778  2.770   1.00 11.37 ?  139 ILE A N     1 
ATOM   1100 C  CA    . ILE A 1 140 ? -11.330 -4.373  1.722   1.00 9.48  ?  139 ILE A CA    1 
ATOM   1101 C  C     . ILE A 1 140 ? -10.715 -5.596  1.045   1.00 9.14  ?  139 ILE A C     1 
ATOM   1102 O  O     . ILE A 1 140 ? -10.759 -6.684  1.608   1.00 9.87  ?  139 ILE A O     1 
ATOM   1103 C  CB    . ILE A 1 140 ? -10.184 -3.483  2.289   1.00 9.13  ?  139 ILE A CB    1 
ATOM   1104 C  CG1   . ILE A 1 140 ? -9.250  -4.284  3.211   1.00 7.02  ?  139 ILE A CG1   1 
ATOM   1105 C  CG2   . ILE A 1 140 ? -10.740 -2.257  3.012   1.00 10.54 ?  139 ILE A CG2   1 
ATOM   1106 C  CD1   . ILE A 1 140 ? -8.098  -3.457  3.707   1.00 8.01  ?  139 ILE A CD1   1 
ATOM   1107 N  N     . PRO A 1 141 ? -10.148 -5.429  -0.165  1.00 9.65  ?  140 PRO A N     1 
ATOM   1108 C  CA    . PRO A 1 141 ? -9.495  -6.591  -0.788  1.00 13.73 ?  140 PRO A CA    1 
ATOM   1109 C  C     . PRO A 1 141 ? -8.170  -6.967  -0.143  1.00 10.38 ?  140 PRO A C     1 
ATOM   1110 O  O     . PRO A 1 141 ? -7.476  -6.116  0.427   1.00 10.14 ?  140 PRO A O     1 
ATOM   1111 C  CB    . PRO A 1 141 ? -9.251  -6.127  -2.232  1.00 13.17 ?  140 PRO A CB    1 
ATOM   1112 C  CG    . PRO A 1 141 ? -10.183 -4.964  -2.449  1.00 12.96 ?  140 PRO A CG    1 
ATOM   1113 C  CD    . PRO A 1 141 ? -10.219 -4.290  -1.098  1.00 11.22 ?  140 PRO A CD    1 
ATOM   1114 N  N     . PHE A 1 142 ? -7.830  -8.244  -0.245  1.00 10.99 ?  141 PHE A N     1 
ATOM   1115 C  CA    . PHE A 1 142 ? -6.521  -8.745  0.129   1.00 12.60 ?  141 PHE A CA    1 
ATOM   1116 C  C     . PHE A 1 142 ? -5.821  -9.283  -1.103  1.00 12.11 ?  141 PHE A C     1 
ATOM   1117 O  O     . PHE A 1 142 ? -6.406  -10.069 -1.851  1.00 10.99 ?  141 PHE A O     1 
ATOM   1118 C  CB    . PHE A 1 142 ? -6.623  -9.839  1.188   1.00 10.31 ?  141 PHE A CB    1 
ATOM   1119 C  CG    . PHE A 1 142 ? -5.322  -10.538 1.434   1.00 10.91 ?  141 PHE A CG    1 
ATOM   1120 C  CD1   . PHE A 1 142 ? -4.227  -9.832  1.887   1.00 11.29 ?  141 PHE A CD1   1 
ATOM   1121 C  CD2   . PHE A 1 142 ? -5.187  -11.888 1.188   1.00 11.29 ?  141 PHE A CD2   1 
ATOM   1122 C  CE1   . PHE A 1 142 ? -3.013  -10.466 2.104   1.00 9.75  ?  141 PHE A CE1   1 
ATOM   1123 C  CE2   . PHE A 1 142 ? -3.989  -12.519 1.409   1.00 11.31 ?  141 PHE A CE2   1 
ATOM   1124 C  CZ    . PHE A 1 142 ? -2.905  -11.809 1.862   1.00 11.33 ?  141 PHE A CZ    1 
ATOM   1125 N  N     . ILE A 1 143 ? -4.578  -8.852  -1.317  1.00 8.32  ?  142 ILE A N     1 
ATOM   1126 C  CA    . ILE A 1 143 ? -3.772  -9.322  -2.448  1.00 8.68  ?  142 ILE A CA    1 
ATOM   1127 C  C     . ILE A 1 143 ? -2.380  -9.772  -1.989  1.00 10.44 ?  142 ILE A C     1 
ATOM   1128 O  O     . ILE A 1 143 ? -1.714  -9.051  -1.250  1.00 9.70  ?  142 ILE A O     1 
ATOM   1129 C  CB    . ILE A 1 143 ? -3.645  -8.203  -3.520  1.00 10.18 ?  142 ILE A CB    1 
ATOM   1130 C  CG1   . ILE A 1 143 ? -5.022  -7.830  -4.078  1.00 11.86 ?  142 ILE A CG1   1 
ATOM   1131 C  CG2   . ILE A 1 143 ? -2.725  -8.626  -4.656  1.00 12.46 ?  142 ILE A CG2   1 
ATOM   1132 C  CD1   . ILE A 1 143 ? -4.981  -6.609  -4.950  1.00 12.70 ?  142 ILE A CD1   1 
ATOM   1133 N  N     . GLU A 1 144 ? -1.934  -10.968 -2.399  1.00 9.87  ?  143 GLU A N     1 
ATOM   1134 C  CA    . GLU A 1 144 ? -0.573  -11.394 -2.076  1.00 10.09 ?  143 GLU A CA    1 
ATOM   1135 C  C     . GLU A 1 144 ? 0.338   -11.002 -3.225  1.00 11.20 ?  143 GLU A C     1 
ATOM   1136 O  O     . GLU A 1 144 ? -0.022  -11.157 -4.400  1.00 10.18 ?  143 GLU A O     1 
ATOM   1137 C  CB    . GLU A 1 144 ? -0.502  -12.921 -1.795  1.00 12.67 ?  143 GLU A CB    1 
ATOM   1138 C  CG    . GLU A 1 144 ? -1.053  -13.287 -0.406  1.00 15.32 ?  143 GLU A CG    1 
ATOM   1139 C  CD    . GLU A 1 144 ? -0.661  -14.684 0.096   1.00 18.43 ?  143 GLU A CD    1 
ATOM   1140 O  OE1   . GLU A 1 144 ? 0.006   -15.444 -0.656  1.00 17.93 ?  143 GLU A OE1   1 
ATOM   1141 O  OE2   . GLU A 1 144 ? -1.019  -15.004 1.263   1.00 18.29 -1 143 GLU A OE2   1 
ATOM   1142 N  N     . THR A 1 145 ? 1.497   -10.436 -2.891  1.00 10.67 ?  144 THR A N     1 
ATOM   1143 C  CA    . THR A 1 145 ? 2.428   -9.941  -3.911  1.00 11.61 ?  144 THR A CA    1 
ATOM   1144 C  C     . THR A 1 145 ? 3.838   -10.481 -3.746  1.00 11.33 ?  144 THR A C     1 
ATOM   1145 O  O     . THR A 1 145 ? 4.221   -10.964 -2.679  1.00 10.27 ?  144 THR A O     1 
ATOM   1146 C  CB    . THR A 1 145 ? 2.535   -8.401  -3.883  1.00 11.13 ?  144 THR A CB    1 
ATOM   1147 O  OG1   . THR A 1 145 ? 3.022   -7.991  -2.595  1.00 9.05  ?  144 THR A OG1   1 
ATOM   1148 C  CG2   . THR A 1 145 ? 1.168   -7.743  -4.140  1.00 9.42  ?  144 THR A CG2   1 
ATOM   1149 N  N     . SER A 1 146 ? 4.612   -10.373 -4.817  1.00 11.51 ?  145 SER A N     1 
ATOM   1150 C  CA    . SER A 1 146 ? 6.055   -10.495 -4.721  1.00 11.26 ?  145 SER A CA    1 
ATOM   1151 C  C     . SER A 1 146 ? 6.690   -9.352  -5.487  1.00 10.67 ?  145 SER A C     1 
ATOM   1152 O  O     . SER A 1 146 ? 6.585   -9.291  -6.707  1.00 10.54 ?  145 SER A O     1 
ATOM   1153 C  CB    . SER A 1 146 ? 6.551   -11.829 -5.276  1.00 11.58 ?  145 SER A CB    1 
ATOM   1154 O  OG    . SER A 1 146 ? 7.967   -11.875 -5.228  1.00 11.29 ?  145 SER A OG    1 
ATOM   1155 N  N     . ALA A 1 147 ? 7.325   -8.427  -4.777  1.00 11.03 ?  146 ALA A N     1 
ATOM   1156 C  CA    . ALA A 1 147 ? 8.071   -7.378  -5.452  1.00 12.66 ?  146 ALA A CA    1 
ATOM   1157 C  C     . ALA A 1 147 ? 9.240   -7.978  -6.236  1.00 13.06 ?  146 ALA A C     1 
ATOM   1158 O  O     . ALA A 1 147 ? 9.720   -7.377  -7.196  1.00 15.42 ?  146 ALA A O     1 
ATOM   1159 C  CB    . ALA A 1 147 ? 8.570   -6.334  -4.448  1.00 11.13 ?  146 ALA A CB    1 
ATOM   1160 N  N     . LYS A 1 148 ? 9.693   -9.164  -5.837  1.00 11.78 ?  147 LYS A N     1 
ATOM   1161 C  CA    . LYS A 1 148 ? 10.845  -9.788  -6.484  1.00 14.81 ?  147 LYS A CA    1 
ATOM   1162 C  C     . LYS A 1 148 ? 10.491  -10.342 -7.859  1.00 14.69 ?  147 LYS A C     1 
ATOM   1163 O  O     . LYS A 1 148 ? 11.212  -10.110 -8.828  1.00 17.04 ?  147 LYS A O     1 
ATOM   1164 C  CB    . LYS A 1 148 ? 11.421  -10.904 -5.605  1.00 16.47 ?  147 LYS A CB    1 
ATOM   1165 C  CG    . LYS A 1 148 ? 12.706  -11.523 -6.146  1.00 17.71 ?  147 LYS A CG    1 
ATOM   1166 C  CD    . LYS A 1 148 ? 13.249  -12.586 -5.176  1.00 23.36 ?  147 LYS A CD    1 
ATOM   1167 C  CE    . LYS A 1 148 ? 14.476  -13.295 -5.743  1.00 31.80 ?  147 LYS A CE    1 
ATOM   1168 N  NZ    . LYS A 1 148 ? 15.005  -14.358 -4.825  1.00 29.98 1  147 LYS A NZ    1 
ATOM   1169 N  N     . THR A 1 149 ? 9.376   -11.058 -7.946  1.00 13.88 ?  148 THR A N     1 
ATOM   1170 C  CA    . THR A 1 149 ? 8.943   -11.663 -9.210  1.00 15.08 ?  148 THR A CA    1 
ATOM   1171 C  C     . THR A 1 149 ? 7.940   -10.784 -9.966  1.00 14.95 ?  148 THR A C     1 
ATOM   1172 O  O     . THR A 1 149 ? 7.622   -11.042 -11.128 1.00 14.75 ?  148 THR A O     1 
ATOM   1173 C  CB    . THR A 1 149 ? 8.287   -13.023 -8.972  1.00 17.68 ?  148 THR A CB    1 
ATOM   1174 O  OG1   . THR A 1 149 ? 7.000   -12.811 -8.371  1.00 15.41 ?  148 THR A OG1   1 
ATOM   1175 C  CG2   . THR A 1 149 ? 9.152   -13.912 -8.054  1.00 14.87 ?  148 THR A CG2   1 
ATOM   1176 N  N     . ARG A 1 150 ? 7.410   -9.779  -9.278  1.00 13.67 ?  149 ARG A N     1 
ATOM   1177 C  CA    . ARG A 1 150 ? 6.424   -8.882  -9.870  1.00 15.52 ?  149 ARG A CA    1 
ATOM   1178 C  C     . ARG A 1 150 ? 4.991   -9.399  -9.737  1.00 13.25 ?  149 ARG A C     1 
ATOM   1179 O  O     . ARG A 1 150 ? 4.043   -8.694  -10.085 1.00 13.63 ?  149 ARG A O     1 
ATOM   1180 C  CB    . ARG A 1 150 ? 6.753   -8.628  -11.343 1.00 16.03 ?  149 ARG A CB    1 
ATOM   1181 C  CG    . ARG A 1 150 ? 5.994   -7.462  -11.956 1.00 17.33 ?  149 ARG A CG    1 
ATOM   1182 C  CD    . ARG A 1 150 ? 6.930   -6.520  -12.695 1.00 21.13 ?  149 ARG A CD    1 
ATOM   1183 N  NE    . ARG A 1 150 ? 6.563   -5.121  -12.502 1.00 19.37 ?  149 ARG A NE    1 
ATOM   1184 C  CZ    . ARG A 1 150 ? 5.374   -4.611  -12.808 1.00 21.79 ?  149 ARG A CZ    1 
ATOM   1185 N  NH1   . ARG A 1 150 ? 4.432   -5.387  -13.326 1.00 22.95 ?  149 ARG A NH1   1 
ATOM   1186 N  NH2   . ARG A 1 150 ? 5.128   -3.325  -12.598 1.00 20.92 1  149 ARG A NH2   1 
ATOM   1187 N  N     . GLN A 1 151 ? 4.826   -10.622 -9.237  1.00 13.36 ?  150 GLN A N     1 
ATOM   1188 C  CA    . GLN A 1 151 ? 3.488   -11.192 -9.090  1.00 9.49  ?  150 GLN A CA    1 
ATOM   1189 C  C     . GLN A 1 151 ? 2.594   -10.358 -8.183  1.00 11.30 ?  150 GLN A C     1 
ATOM   1190 O  O     . GLN A 1 151 ? 2.965   -10.018 -7.055  1.00 11.83 ?  150 GLN A O     1 
ATOM   1191 C  CB    . GLN A 1 151 ? 3.557   -12.614 -8.545  1.00 15.54 ?  150 GLN A CB    1 
ATOM   1192 C  CG    . GLN A 1 151 ? 2.194   -13.263 -8.425  1.00 14.82 ?  150 GLN A CG    1 
ATOM   1193 C  CD    . GLN A 1 151 ? 2.296   -14.760 -8.266  1.00 21.33 ?  150 GLN A CD    1 
ATOM   1194 O  OE1   . GLN A 1 151 ? 2.695   -15.462 -9.194  1.00 25.59 ?  150 GLN A OE1   1 
ATOM   1195 N  NE2   . GLN A 1 151 ? 1.961   -15.256 -7.084  1.00 23.59 ?  150 GLN A NE2   1 
ATOM   1196 N  N     . GLY A 1 152 ? 1.419   -10.000 -8.695  1.00 12.47 ?  151 GLY A N     1 
ATOM   1197 C  CA    . GLY A 1 152 ? 0.440   -9.279  -7.912  1.00 12.39 ?  151 GLY A CA    1 
ATOM   1198 C  C     . GLY A 1 152 ? 0.660   -7.774  -7.794  1.00 9.44  ?  151 GLY A C     1 
ATOM   1199 O  O     . GLY A 1 152 ? -0.176  -7.078  -7.245  1.00 10.23 ?  151 GLY A O     1 
ATOM   1200 N  N     . VAL A 1 153 ? 1.779   -7.266  -8.294  1.00 9.51  ?  152 VAL A N     1 
ATOM   1201 C  CA    . VAL A 1 153 ? 2.126   -5.869  -8.042  1.00 10.38 ?  152 VAL A CA    1 
ATOM   1202 C  C     . VAL A 1 153 ? 1.175   -4.879  -8.737  1.00 11.07 ?  152 VAL A C     1 
ATOM   1203 O  O     . VAL A 1 153 ? 0.622   -3.988  -8.090  1.00 10.11 ?  152 VAL A O     1 
ATOM   1204 C  CB    . VAL A 1 153 ? 3.578   -5.580  -8.447  1.00 11.12 ?  152 VAL A CB    1 
ATOM   1205 C  CG1   . VAL A 1 153 ? 3.860   -4.062  -8.397  1.00 12.16 ?  152 VAL A CG1   1 
ATOM   1206 C  CG2   . VAL A 1 153 ? 4.509   -6.307  -7.512  1.00 11.95 ?  152 VAL A CG2   1 
ATOM   1207 N  N     . ASP A 1 154 ? 0.965   -5.025  -10.043 1.00 10.43 ?  153 ASP A N     1 
ATOM   1208 C  CA    . ASP A 1 154 ? 0.005   -4.147  -10.705 1.00 11.30 ?  153 ASP A CA    1 
ATOM   1209 C  C     . ASP A 1 154 ? -1.379  -4.325  -10.087 1.00 8.98  ?  153 ASP A C     1 
ATOM   1210 O  O     . ASP A 1 154 ? -2.089  -3.354  -9.875  1.00 9.62  ?  153 ASP A O     1 
ATOM   1211 C  CB    . ASP A 1 154 ? -0.056  -4.414  -12.207 1.00 12.31 ?  153 ASP A CB    1 
ATOM   1212 C  CG    . ASP A 1 154 ? 1.159   -3.903  -12.939 1.00 16.02 ?  153 ASP A CG    1 
ATOM   1213 O  OD1   . ASP A 1 154 ? 1.823   -2.961  -12.433 1.00 20.41 ?  153 ASP A OD1   1 
ATOM   1214 O  OD2   . ASP A 1 154 ? 1.439   -4.441  -14.034 1.00 18.41 -1 153 ASP A OD2   1 
ATOM   1215 N  N     . ASP A 1 155 ? -1.757  -5.565  -9.785  1.00 9.88  ?  154 ASP A N     1 
ATOM   1216 C  CA    . ASP A 1 155 ? -3.064  -5.804  -9.174  1.00 10.89 ?  154 ASP A CA    1 
ATOM   1217 C  C     . ASP A 1 155 ? -3.231  -5.039  -7.854  1.00 12.01 ?  154 ASP A C     1 
ATOM   1218 O  O     . ASP A 1 155 ? -4.278  -4.461  -7.606  1.00 9.86  ?  154 ASP A O     1 
ATOM   1219 C  CB    . ASP A 1 155 ? -3.270  -7.300  -8.944  1.00 11.54 ?  154 ASP A CB    1 
ATOM   1220 C  CG    . ASP A 1 155 ? -4.691  -7.642  -8.579  1.00 11.22 ?  154 ASP A CG    1 
ATOM   1221 O  OD1   . ASP A 1 155 ? -5.606  -6.933  -9.026  1.00 12.67 ?  154 ASP A OD1   1 
ATOM   1222 O  OD2   . ASP A 1 155 ? -4.889  -8.633  -7.860  1.00 14.36 -1 154 ASP A OD2   1 
ATOM   1223 N  N     . ALA A 1 156 ? -2.206  -5.051  -7.002  1.00 8.80  ?  155 ALA A N     1 
ATOM   1224 C  CA    . ALA A 1 156 ? -2.299  -4.333  -5.728  1.00 8.36  ?  155 ALA A CA    1 
ATOM   1225 C  C     . ALA A 1 156 ? -2.587  -2.846  -5.949  1.00 9.57  ?  155 ALA A C     1 
ATOM   1226 O  O     . ALA A 1 156 ? -3.518  -2.288  -5.370  1.00 11.20 ?  155 ALA A O     1 
ATOM   1227 C  CB    . ALA A 1 156 ? -1.023  -4.507  -4.906  1.00 9.99  ?  155 ALA A CB    1 
ATOM   1228 N  N     . PHE A 1 157 ? -1.800  -2.214  -6.807  1.00 9.36  ?  156 PHE A N     1 
ATOM   1229 C  CA    . PHE A 1 157 ? -1.950  -0.780  -7.029  1.00 8.88  ?  156 PHE A CA    1 
ATOM   1230 C  C     . PHE A 1 157 ? -3.216  -0.463  -7.822  1.00 8.36  ?  156 PHE A C     1 
ATOM   1231 O  O     . PHE A 1 157 ? -3.931  0.468   -7.481  1.00 7.79  ?  156 PHE A O     1 
ATOM   1232 C  CB    . PHE A 1 157 ? -0.709  -0.219  -7.727  1.00 10.13 ?  156 PHE A CB    1 
ATOM   1233 C  CG    . PHE A 1 157 ? 0.481   -0.066  -6.812  1.00 9.78  ?  156 PHE A CG    1 
ATOM   1234 C  CD1   . PHE A 1 157 ? 0.612   1.052   -6.002  1.00 11.38 ?  156 PHE A CD1   1 
ATOM   1235 C  CD2   . PHE A 1 157 ? 1.469   -1.039  -6.770  1.00 9.41  ?  156 PHE A CD2   1 
ATOM   1236 C  CE1   . PHE A 1 157 ? 1.708   1.193   -5.148  1.00 11.48 ?  156 PHE A CE1   1 
ATOM   1237 C  CE2   . PHE A 1 157 ? 2.570   -0.906  -5.922  1.00 11.78 ?  156 PHE A CE2   1 
ATOM   1238 C  CZ    . PHE A 1 157 ? 2.689   0.221   -5.120  1.00 12.22 ?  156 PHE A CZ    1 
ATOM   1239 N  N     . TYR A 1 158 ? -3.509  -1.235  -8.866  1.00 8.40  ?  157 TYR A N     1 
ATOM   1240 C  CA    . TYR A 1 158 ? -4.691  -0.937  -9.670  1.00 9.24  ?  157 TYR A CA    1 
ATOM   1241 C  C     . TYR A 1 158 ? -5.977  -1.186  -8.881  1.00 9.11  ?  157 TYR A C     1 
ATOM   1242 O  O     . TYR A 1 158 ? -6.960  -0.453  -9.047  1.00 11.04 ?  157 TYR A O     1 
ATOM   1243 C  CB    . TYR A 1 158 ? -4.720  -1.751  -10.959 1.00 9.82  ?  157 TYR A CB    1 
ATOM   1244 C  CG    . TYR A 1 158 ? -3.650  -1.430  -11.987 1.00 10.78 ?  157 TYR A CG    1 
ATOM   1245 C  CD1   . TYR A 1 158 ? -2.624  -0.525  -11.725 1.00 11.90 ?  157 TYR A CD1   1 
ATOM   1246 C  CD2   . TYR A 1 158 ? -3.670  -2.063  -13.228 1.00 16.37 ?  157 TYR A CD2   1 
ATOM   1247 C  CE1   . TYR A 1 158 ? -1.644  -0.253  -12.679 1.00 17.79 ?  157 TYR A CE1   1 
ATOM   1248 C  CE2   . TYR A 1 158 ? -2.699  -1.792  -14.184 1.00 16.15 ?  157 TYR A CE2   1 
ATOM   1249 C  CZ    . TYR A 1 158 ? -1.694  -0.897  -13.900 1.00 17.27 ?  157 TYR A CZ    1 
ATOM   1250 O  OH    . TYR A 1 158 ? -0.744  -0.635  -14.853 1.00 21.97 ?  157 TYR A OH    1 
ATOM   1251 N  N     . THR A 1 159 ? -5.989  -2.210  -8.030  1.00 10.51 ?  158 THR A N     1 
ATOM   1252 C  CA    . THR A 1 159 ? -7.169  -2.483  -7.206  1.00 9.13  ?  158 THR A CA    1 
ATOM   1253 C  C     . THR A 1 159 ? -7.427  -1.304  -6.271  1.00 9.35  ?  158 THR A C     1 
ATOM   1254 O  O     . THR A 1 159 ? -8.585  -0.917  -6.029  1.00 9.22  ?  158 THR A O     1 
ATOM   1255 C  CB    . THR A 1 159 ? -7.021  -3.781  -6.368  1.00 10.36 ?  158 THR A CB    1 
ATOM   1256 O  OG1   . THR A 1 159 ? -6.982  -4.917  -7.250  1.00 10.35 ?  158 THR A OG1   1 
ATOM   1257 C  CG2   . THR A 1 159 ? -8.198  -3.940  -5.417  1.00 10.48 ?  158 THR A CG2   1 
ATOM   1258 N  N     . LEU A 1 160 ? -6.341  -0.710  -5.776  1.00 8.00  ?  159 LEU A N     1 
ATOM   1259 C  CA    . LEU A 1 160 ? -6.468  0.402   -4.854  1.00 8.17  ?  159 LEU A CA    1 
ATOM   1260 C  C     . LEU A 1 160 ? -7.087  1.581   -5.610  1.00 9.15  ?  159 LEU A C     1 
ATOM   1261 O  O     . LEU A 1 160 ? -7.932  2.283   -5.068  1.00 8.96  ?  159 LEU A O     1 
ATOM   1262 C  CB    . LEU A 1 160 ? -5.117  0.785   -4.241  1.00 8.45  ?  159 LEU A CB    1 
ATOM   1263 C  CG    . LEU A 1 160 ? -5.157  1.967   -3.249  1.00 9.14  ?  159 LEU A CG    1 
ATOM   1264 C  CD1   . LEU A 1 160 ? -6.141  1.733   -2.094  1.00 8.40  ?  159 LEU A CD1   1 
ATOM   1265 C  CD2   . LEU A 1 160 ? -3.778  2.258   -2.681  1.00 10.33 ?  159 LEU A CD2   1 
ATOM   1266 N  N     . VAL A 1 161 ? -6.679  1.776   -6.865  1.00 7.39  ?  160 VAL A N     1 
ATOM   1267 C  CA    . VAL A 1 161 ? -7.267  2.837   -7.680  1.00 11.10 ?  160 VAL A CA    1 
ATOM   1268 C  C     . VAL A 1 161 ? -8.756  2.579   -7.858  1.00 7.89  ?  160 VAL A C     1 
ATOM   1269 O  O     . VAL A 1 161 ? -9.584  3.496   -7.713  1.00 10.07 ?  160 VAL A O     1 
ATOM   1270 C  CB    . VAL A 1 161 ? -6.566  2.950   -9.044  1.00 9.80  ?  160 VAL A CB    1 
ATOM   1271 C  CG1   . VAL A 1 161 ? -7.409  3.747   -10.048 1.00 7.78  ?  160 VAL A CG1   1 
ATOM   1272 C  CG2   . VAL A 1 161 ? -5.216  3.605   -8.852  1.00 8.51  ?  160 VAL A CG2   1 
ATOM   1273 N  N     . ARG A 1 162 ? -9.107  1.325   -8.111  1.00 7.94  ?  161 ARG A N     1 
ATOM   1274 C  CA    . ARG A 1 162 ? -10.517 0.985   -8.307  1.00 8.76  ?  161 ARG A CA    1 
ATOM   1275 C  C     . ARG A 1 162 ? -11.327 1.216   -7.029  1.00 10.06 ?  161 ARG A C     1 
ATOM   1276 O  O     . ARG A 1 162 ? -12.505 1.630   -7.078  1.00 9.21  ?  161 ARG A O     1 
ATOM   1277 C  CB    . ARG A 1 162 ? -10.645 -0.459  -8.808  1.00 10.36 ?  161 ARG A CB    1 
ATOM   1278 C  CG    . ARG A 1 162 ? -10.074 -0.640  -10.210 1.00 11.49 ?  161 ARG A CG    1 
ATOM   1279 C  CD    . ARG A 1 162 ? -9.948  -2.116  -10.630 1.00 13.16 ?  161 ARG A CD    1 
ATOM   1280 N  NE    . ARG A 1 162 ? -9.305  -2.231  -11.942 1.00 14.11 ?  161 ARG A NE    1 
ATOM   1281 C  CZ    . ARG A 1 162 ? -8.257  -3.014  -12.202 1.00 12.78 ?  161 ARG A CZ    1 
ATOM   1282 N  NH1   . ARG A 1 162 ? -7.743  -3.779  -11.245 1.00 14.81 ?  161 ARG A NH1   1 
ATOM   1283 N  NH2   . ARG A 1 162 ? -7.728  -3.030  -13.417 1.00 13.62 1  161 ARG A NH2   1 
ATOM   1284 N  N     . GLU A 1 163 ? -10.688 1.011   -5.877  1.00 8.85  ?  162 GLU A N     1 
ATOM   1285 C  CA    . GLU A 1 163 ? -11.359 1.283   -4.613  1.00 9.26  ?  162 GLU A CA    1 
ATOM   1286 C  C     . GLU A 1 163 ? -11.567 2.781   -4.432  1.00 11.39 ?  162 GLU A C     1 
ATOM   1287 O  O     . GLU A 1 163 ? -12.584 3.216   -3.885  1.00 10.65 ?  162 GLU A O     1 
ATOM   1288 C  CB    . GLU A 1 163 ? -10.561 0.703   -3.444  1.00 9.97  ?  162 GLU A CB    1 
ATOM   1289 C  CG    . GLU A 1 163 ? -10.581 -0.819  -3.413  1.00 10.69 ?  162 GLU A CG    1 
ATOM   1290 C  CD    . GLU A 1 163 ? -11.949 -1.379  -3.063  1.00 11.44 ?  162 GLU A CD    1 
ATOM   1291 O  OE1   . GLU A 1 163 ? -12.367 -1.253  -1.893  1.00 11.49 ?  162 GLU A OE1   1 
ATOM   1292 O  OE2   . GLU A 1 163 ? -12.597 -1.964  -3.959  1.00 14.44 -1 162 GLU A OE2   1 
ATOM   1293 N  N     . ILE A 1 164 ? -10.606 3.566   -4.902  1.00 8.93  ?  163 ILE A N     1 
ATOM   1294 C  CA    . ILE A 1 164 ? -10.738 5.022   -4.818  1.00 6.81  ?  163 ILE A CA    1 
ATOM   1295 C  C     . ILE A 1 164 ? -11.875 5.482   -5.719  1.00 10.81 ?  163 ILE A C     1 
ATOM   1296 O  O     . ILE A 1 164 ? -12.709 6.309   -5.327  1.00 10.18 ?  163 ILE A O     1 
ATOM   1297 C  CB    . ILE A 1 164 ? -9.422  5.717   -5.202  1.00 9.42  ?  163 ILE A CB    1 
ATOM   1298 C  CG1   . ILE A 1 164 ? -8.357  5.396   -4.155  1.00 10.05 ?  163 ILE A CG1   1 
ATOM   1299 C  CG2   . ILE A 1 164 ? -9.612  7.255   -5.308  1.00 11.32 ?  163 ILE A CG2   1 
ATOM   1300 C  CD1   . ILE A 1 164 ? -6.987  5.778   -4.570  1.00 8.75  ?  163 ILE A CD1   1 
ATOM   1301 N  N     . ARG A 1 165 ? -11.936 4.914   -6.915  1.00 8.45  ?  164 ARG A N     1 
ATOM   1302 C  CA    . ARG A 1 165 ? -13.016 5.219   -7.843  1.00 10.26 ?  164 ARG A CA    1 
ATOM   1303 C  C     . ARG A 1 165 ? -14.406 4.978   -7.231  1.00 10.33 ?  164 ARG A C     1 
ATOM   1304 O  O     . ARG A 1 165 ? -15.331 5.776   -7.420  1.00 10.96 ?  164 ARG A O     1 
ATOM   1305 C  CB    . ARG A 1 165 ? -12.873 4.384   -9.106  1.00 11.17 ?  164 ARG A CB    1 
ATOM   1306 C  CG    . ARG A 1 165 ? -11.732 4.792   -10.012 1.00 11.65 ?  164 ARG A CG    1 
ATOM   1307 C  CD    . ARG A 1 165 ? -11.664 3.825   -11.176 1.00 12.45 ?  164 ARG A CD    1 
ATOM   1308 N  NE    . ARG A 1 165 ? -10.580 4.145   -12.102 1.00 12.87 ?  164 ARG A NE    1 
ATOM   1309 C  CZ    . ARG A 1 165 ? -10.097 3.284   -12.988 1.00 13.46 ?  164 ARG A CZ    1 
ATOM   1310 N  NH1   . ARG A 1 165 ? -10.611 2.062   -13.064 1.00 13.85 ?  164 ARG A NH1   1 
ATOM   1311 N  NH2   . ARG A 1 165 ? -9.104  3.644   -13.801 1.00 13.72 1  164 ARG A NH2   1 
ATOM   1312 N  N     . LYS A 1 166 ? -14.548 3.871   -6.512  1.00 10.35 ?  165 LYS A N     1 
ATOM   1313 C  CA    . LYS A 1 166 ? -15.822 3.517   -5.890  1.00 12.29 ?  165 LYS A CA    1 
ATOM   1314 C  C     . LYS A 1 166 ? -16.208 4.530   -4.820  1.00 13.79 ?  165 LYS A C     1 
ATOM   1315 O  O     . LYS A 1 166 ? -17.384 4.854   -4.639  1.00 14.77 ?  165 LYS A O     1 
ATOM   1316 C  CB    . LYS A 1 166 ? -15.742 2.115   -5.271  1.00 13.03 ?  165 LYS A CB    1 
ATOM   1317 C  CG    . LYS A 1 166 ? -15.973 0.974   -6.252  1.00 18.15 ?  165 LYS A CG    1 
ATOM   1318 C  CD    . LYS A 1 166 ? -17.450 0.884   -6.633  1.00 22.47 ?  165 LYS A CD    1 
ATOM   1319 C  CE    . LYS A 1 166 ? -17.764 -0.433  -7.320  1.00 33.33 ?  165 LYS A CE    1 
ATOM   1320 N  NZ    . LYS A 1 166 ? -19.199 -0.505  -7.733  1.00 31.36 1  165 LYS A NZ    1 
ATOM   1321 N  N     . HIS A 1 167 ? -15.210 5.008   -4.090  1.00 10.38 ?  166 HIS A N     1 
ATOM   1322 C  CA    . HIS A 1 167 ? -15.443 6.036   -3.080  1.00 11.37 ?  166 HIS A CA    1 
ATOM   1323 C  C     . HIS A 1 167 ? -15.849 7.358   -3.732  1.00 12.28 ?  166 HIS A C     1 
ATOM   1324 O  O     . HIS A 1 167 ? -16.763 8.052   -3.267  1.00 13.05 ?  166 HIS A O     1 
ATOM   1325 C  CB    . HIS A 1 167 ? -14.193 6.224   -2.216  1.00 11.37 ?  166 HIS A CB    1 
ATOM   1326 C  CG    . HIS A 1 167 ? -14.357 7.234   -1.124  1.00 13.57 ?  166 HIS A CG    1 
ATOM   1327 N  ND1   . HIS A 1 167 ? -13.727 8.462   -1.144  1.00 19.33 ?  166 HIS A ND1   1 
ATOM   1328 C  CD2   . HIS A 1 167 ? -15.084 7.205   0.017   1.00 14.69 ?  166 HIS A CD2   1 
ATOM   1329 C  CE1   . HIS A 1 167 ? -14.055 9.143   -0.062  1.00 19.42 ?  166 HIS A CE1   1 
ATOM   1330 N  NE2   . HIS A 1 167 ? -14.874 8.399   0.664   1.00 18.47 ?  166 HIS A NE2   1 
ATOM   1331 N  N     . LYS A 1 168 ? -15.177 7.716   -4.816  1.00 9.92  ?  167 LYS A N     1 
ATOM   1332 C  CA    . LYS A 1 168 ? -15.408 9.037   -5.407  1.00 9.67  ?  167 LYS A CA    1 
ATOM   1333 C  C     . LYS A 1 168 ? -16.769 9.154   -6.099  1.00 12.99 ?  167 LYS A C     1 
ATOM   1334 O  O     . LYS A 1 168 ? -17.335 10.250  -6.176  1.00 12.62 ?  167 LYS A O     1 
ATOM   1335 C  CB    . LYS A 1 168 ? -14.284 9.377   -6.387  1.00 13.32 ?  167 LYS A CB    1 
ATOM   1336 C  CG    . LYS A 1 168 ? -12.957 9.637   -5.701  1.00 15.91 ?  167 LYS A CG    1 
ATOM   1337 C  CD    . LYS A 1 168 ? -11.821 9.880   -6.684  1.00 16.43 ?  167 LYS A CD    1 
ATOM   1338 C  CE    . LYS A 1 168 ? -11.842 11.272  -7.268  1.00 22.36 ?  167 LYS A CE    1 
ATOM   1339 N  NZ    . LYS A 1 168 ? -10.917 11.340  -8.436  1.00 25.43 1  167 LYS A NZ    1 
ATOM   1340 N  N     . GLU A 1 169 ? -17.304 8.037   -6.583  1.00 11.39 ?  168 GLU A N     1 
ATOM   1341 C  CA    . GLU A 1 169 ? -18.547 8.080   -7.356  1.00 12.40 ?  168 GLU A CA    1 
ATOM   1342 C  C     . GLU A 1 169 ? -19.770 8.264   -6.450  1.00 13.10 ?  168 GLU A C     1 
ATOM   1343 O  O     . GLU A 1 169 ? -20.886 8.482   -6.935  1.00 13.46 ?  168 GLU A O     1 
ATOM   1344 C  CB    . GLU A 1 169 ? -18.702 6.809   -8.196  1.00 13.45 ?  168 GLU A CB    1 
ATOM   1345 C  CG    . GLU A 1 169 ? -19.199 5.624   -7.376  1.00 14.81 ?  168 GLU A CG    1 
ATOM   1346 C  CD    . GLU A 1 169 ? -19.448 4.351   -8.193  1.00 22.14 ?  168 GLU A CD    1 
ATOM   1347 O  OE1   . GLU A 1 169 ? -19.606 3.284   -7.564  1.00 25.55 ?  168 GLU A OE1   1 
ATOM   1348 O  OE2   . GLU A 1 169 ? -19.497 4.397   -9.440  1.00 19.27 -1 168 GLU A OE2   1 
ATOM   1349 N  N     . LYS A 1 170 ? -19.566 8.188   -5.138  1.00 11.58 ?  169 LYS A N     1 
ATOM   1350 C  CA    . LYS A 1 170 ? -20.684 8.241   -4.195  1.00 12.74 ?  169 LYS A CA    1 
ATOM   1351 C  C     . LYS A 1 170 ? -21.455 9.551   -4.275  1.00 19.79 ?  169 LYS A C     1 
ATOM   1352 O  O     . LYS A 1 170 ? -20.897 10.610  -4.548  1.00 16.20 ?  169 LYS A O     1 
ATOM   1353 C  CB    . LYS A 1 170 ? -20.188 8.006   -2.772  1.00 13.73 ?  169 LYS A CB    1 
ATOM   1354 C  CG    . LYS A 1 170 ? -19.714 6.576   -2.575  1.00 14.04 ?  169 LYS A CG    1 
ATOM   1355 C  CD    . LYS A 1 170 ? -19.530 6.201   -1.106  1.00 16.53 ?  169 LYS A CD    1 
ATOM   1356 C  CE    . LYS A 1 170 ? -19.291 4.702   -0.999  1.00 19.46 ?  169 LYS A CE    1 
ATOM   1357 N  NZ    . LYS A 1 170 ? -19.082 4.219   0.399   1.00 24.45 1  169 LYS A NZ    1 
ATOM   1358 O  OXT   . LYS A 1 170 ? -22.671 9.556   -4.078  1.00 24.72 -1 169 LYS A OXT   1 
HETATM 1359 P  PB    . GDP B 2 .   ? 10.474  -1.267  3.229   1.00 11.64 1  201 GDP A PB    1 
HETATM 1360 O  O1B   . GDP B 2 .   ? 11.234  -1.008  4.515   1.00 11.40 -1 201 GDP A O1B   1 
HETATM 1361 O  O2B   . GDP B 2 .   ? 9.032   -1.582  3.557   1.00 10.61 -1 201 GDP A O2B   1 
HETATM 1362 O  O3B   . GDP B 2 .   ? 10.594  -0.121  2.246   1.00 10.78 -1 201 GDP A O3B   1 
HETATM 1363 O  O3A   . GDP B 2 .   ? 11.061  -2.660  2.663   1.00 11.37 ?  201 GDP A O3A   1 
HETATM 1364 P  PA    . GDP B 2 .   ? 12.063  -2.778  1.432   1.00 11.49 1  201 GDP A PA    1 
HETATM 1365 O  O1A   . GDP B 2 .   ? 13.297  -1.940  1.593   1.00 14.59 -1 201 GDP A O1A   1 
HETATM 1366 O  O2A   . GDP B 2 .   ? 11.378  -2.524  0.117   1.00 12.87 -1 201 GDP A O2A   1 
HETATM 1367 O  "O5'" . GDP B 2 .   ? 12.468  -4.334  1.502   1.00 14.07 ?  201 GDP A "O5'" 1 
HETATM 1368 C  "C5'" . GDP B 2 .   ? 13.117  -4.860  2.663   1.00 15.34 ?  201 GDP A "C5'" 1 
HETATM 1369 C  "C4'" . GDP B 2 .   ? 13.904  -6.093  2.262   1.00 14.15 ?  201 GDP A "C4'" 1 
HETATM 1370 O  "O4'" . GDP B 2 .   ? 12.990  -7.091  1.770   1.00 13.56 ?  201 GDP A "O4'" 1 
HETATM 1371 C  "C3'" . GDP B 2 .   ? 14.889  -5.800  1.147   1.00 16.80 ?  201 GDP A "C3'" 1 
HETATM 1372 O  "O3'" . GDP B 2 .   ? 16.085  -6.567  1.350   1.00 17.62 ?  201 GDP A "O3'" 1 
HETATM 1373 C  "C2'" . GDP B 2 .   ? 14.199  -6.326  -0.095  1.00 15.29 ?  201 GDP A "C2'" 1 
HETATM 1374 O  "O2'" . GDP B 2 .   ? 15.151  -6.827  -1.034  1.00 24.72 ?  201 GDP A "O2'" 1 
HETATM 1375 C  "C1'" . GDP B 2 .   ? 13.343  -7.455  0.447   1.00 13.26 ?  201 GDP A "C1'" 1 
HETATM 1376 N  N9    . GDP B 2 .   ? 12.085  -7.637  -0.295  1.00 13.61 ?  201 GDP A N9    1 
HETATM 1377 C  C8    . GDP B 2 .   ? 11.157  -6.685  -0.551  1.00 11.63 ?  201 GDP A C8    1 
HETATM 1378 N  N7    . GDP B 2 .   ? 10.114  -7.227  -1.236  1.00 12.54 ?  201 GDP A N7    1 
HETATM 1379 C  C5    . GDP B 2 .   ? 10.368  -8.553  -1.412  1.00 12.13 ?  201 GDP A C5    1 
HETATM 1380 C  C6    . GDP B 2 .   ? 9.712   -9.721  -2.044  1.00 13.95 ?  201 GDP A C6    1 
HETATM 1381 O  O6    . GDP B 2 .   ? 8.601   -9.614  -2.612  1.00 13.32 ?  201 GDP A O6    1 
HETATM 1382 N  N1    . GDP B 2 .   ? 10.346  -10.916 -1.979  1.00 13.34 ?  201 GDP A N1    1 
HETATM 1383 C  C2    . GDP B 2 .   ? 11.544  -11.079 -1.386  1.00 15.00 ?  201 GDP A C2    1 
HETATM 1384 N  N2    . GDP B 2 .   ? 12.131  -12.307 -1.349  1.00 16.68 ?  201 GDP A N2    1 
HETATM 1385 N  N3    . GDP B 2 .   ? 12.193  -10.058 -0.786  1.00 15.36 ?  201 GDP A N3    1 
HETATM 1386 C  C4    . GDP B 2 .   ? 11.670  -8.805  -0.781  1.00 14.87 ?  201 GDP A C4    1 
HETATM 1387 MG MG    . MG  C 3 .   ? 11.483  1.644   2.261   1.00 11.74 2  202 MG  A MG    1 
HETATM 1388 S  SAG   . 2XG D 4 .   ? 3.358   10.983  -4.009  1.00 17.08 ?  203 2XG A SAG   1 
HETATM 1389 C  CAH   . 2XG D 4 .   ? 0.507   11.994  -0.599  1.00 17.36 ?  203 2XG A CAH   1 
HETATM 1390 F  FAI   . 2XG D 4 .   ? -0.324  12.299  0.409   1.00 22.96 ?  203 2XG A FAI   1 
HETATM 1391 C  CAJ   . 2XG D 4 .   ? 0.160   11.050  -1.516  1.00 13.16 ?  203 2XG A CAJ   1 
HETATM 1392 F  FAK   . 2XG D 4 .   ? -1.009  10.398  -1.436  1.00 15.27 ?  203 2XG A FAK   1 
HETATM 1393 C  CAL   . 2XG D 4 .   ? 1.031   10.751  -2.560  1.00 12.80 ?  203 2XG A CAL   1 
HETATM 1394 C  CAM   . 2XG D 4 .   ? 2.245   11.438  -2.650  1.00 14.61 ?  203 2XG A CAM   1 
HETATM 1395 C  CAN   . 2XG D 4 .   ? 2.606   12.388  -1.729  1.00 17.13 ?  203 2XG A CAN   1 
HETATM 1396 C  CAO   . 2XG D 4 .   ? 1.730   12.698  -0.696  1.00 15.82 ?  203 2XG A CAO   1 
HETATM 1397 O  O     . HOH E 5 .   ? -19.565 11.589  -7.149  1.00 11.32 ?  301 HOH A O     1 
HETATM 1398 O  O     . HOH E 5 .   ? 13.267  0.709   2.010   1.00 13.32 ?  302 HOH A O     1 
HETATM 1399 O  O     . HOH E 5 .   ? -11.056 -0.413  0.245   1.00 13.17 ?  303 HOH A O     1 
HETATM 1400 O  O     . HOH E 5 .   ? 9.698   2.739   2.301   1.00 9.71  ?  304 HOH A O     1 
HETATM 1401 O  O     . HOH E 5 .   ? 5.816   7.779   7.177   1.00 13.73 ?  305 HOH A O     1 
HETATM 1402 O  O     . HOH E 5 .   ? 11.337  1.664   4.250   1.00 11.81 ?  306 HOH A O     1 
HETATM 1403 O  O     . HOH E 5 .   ? 12.646  3.399   2.355   1.00 11.38 ?  307 HOH A O     1 
HETATM 1404 O  O     . HOH E 5 .   ? 2.977   -3.701  8.400   1.00 11.14 ?  308 HOH A O     1 
HETATM 1405 O  O     . HOH E 5 .   ? 7.350   -13.753 12.209  1.00 13.43 ?  309 HOH A O     1 
HETATM 1406 O  O     . HOH E 5 .   ? 4.341   3.441   7.076   1.00 12.31 ?  310 HOH A O     1 
HETATM 1407 O  O     . HOH E 5 .   ? 10.128  -10.099 6.069   1.00 16.37 ?  311 HOH A O     1 
HETATM 1408 O  O     . HOH E 5 .   ? 11.853  -2.972  -6.460  1.00 15.62 ?  312 HOH A O     1 
HETATM 1409 O  O     . HOH E 5 .   ? -14.048 0.970   -9.409  1.00 13.17 ?  313 HOH A O     1 
HETATM 1410 O  O     . HOH E 5 .   ? -14.146 2.300   -1.816  1.00 17.57 ?  314 HOH A O     1 
HETATM 1411 O  O     . HOH E 5 .   ? -22.366 12.292  -6.061  1.00 11.68 ?  315 HOH A O     1 
HETATM 1412 O  O     . HOH E 5 .   ? -13.085 0.822   -11.842 1.00 15.05 ?  316 HOH A O     1 
HETATM 1413 O  O     . HOH E 5 .   ? -9.116  -4.959  -9.037  1.00 17.29 ?  317 HOH A O     1 
HETATM 1414 O  O     . HOH E 5 .   ? -18.485 5.553   -11.712 1.00 19.82 ?  318 HOH A O     1 
HETATM 1415 O  O     . HOH E 5 .   ? -10.855 10.712  14.270  1.00 13.77 ?  319 HOH A O     1 
HETATM 1416 O  O     . HOH E 5 .   ? -15.097 7.154   -9.691  1.00 14.34 ?  320 HOH A O     1 
HETATM 1417 O  O     . HOH E 5 .   ? 8.162   -0.267  11.519  1.00 17.34 ?  321 HOH A O     1 
HETATM 1418 O  O     . HOH E 5 .   ? -11.555 12.718  5.251   1.00 21.12 ?  322 HOH A O     1 
HETATM 1419 O  O     . HOH E 5 .   ? -10.163 8.938   0.066   1.00 14.53 ?  323 HOH A O     1 
HETATM 1420 O  O     . HOH E 5 .   ? 13.772  -1.902  4.732   1.00 15.51 ?  324 HOH A O     1 
HETATM 1421 O  O     . HOH E 5 .   ? 7.207   -4.113  13.466  1.00 24.07 ?  325 HOH A O     1 
HETATM 1422 O  O     . HOH E 5 .   ? -7.550  10.844  -17.466 1.00 17.31 ?  326 HOH A O     1 
HETATM 1423 O  O     . HOH E 5 .   ? 6.686   2.383   8.415   1.00 12.21 ?  327 HOH A O     1 
HETATM 1424 O  O     . HOH E 5 .   ? 3.791   15.212  4.600   1.00 18.16 ?  328 HOH A O     1 
HETATM 1425 O  O     . HOH E 5 .   ? 2.355   5.275   8.084   1.00 11.57 ?  329 HOH A O     1 
HETATM 1426 O  O     . HOH E 5 .   ? -11.653 8.592   2.478   1.00 16.42 ?  330 HOH A O     1 
HETATM 1427 O  O     . HOH E 5 .   ? 10.048  16.459  16.440  1.00 14.36 ?  331 HOH A O     1 
HETATM 1428 O  O     . HOH E 5 .   ? 7.549   -11.215 13.697  1.00 17.18 ?  332 HOH A O     1 
HETATM 1429 O  O     . HOH E 5 .   ? 5.254   -0.749  12.131  1.00 16.08 ?  333 HOH A O     1 
HETATM 1430 O  O     . HOH E 5 .   ? 15.061  -3.164  6.499   1.00 18.05 ?  334 HOH A O     1 
HETATM 1431 O  O     . HOH E 5 .   ? -12.833 -8.547  2.023   1.00 17.69 ?  335 HOH A O     1 
HETATM 1432 O  O     . HOH E 5 .   ? 9.101   1.900   6.897   1.00 18.03 ?  336 HOH A O     1 
HETATM 1433 O  O     . HOH E 5 .   ? -8.931  15.409  9.144   1.00 19.51 ?  337 HOH A O     1 
HETATM 1434 O  O     . HOH E 5 .   ? -16.203 3.766   -0.719  1.00 18.87 ?  338 HOH A O     1 
HETATM 1435 O  O     . HOH E 5 .   ? -3.678  -12.787 -3.882  1.00 16.17 ?  339 HOH A O     1 
HETATM 1436 O  O     . HOH E 5 .   ? 11.118  6.025   -0.624  1.00 15.46 ?  340 HOH A O     1 
HETATM 1437 O  O     . HOH E 5 .   ? 13.154  -10.327 2.298   1.00 17.10 ?  341 HOH A O     1 
HETATM 1438 O  O     . HOH E 5 .   ? -12.079 8.209   -17.104 1.00 16.02 ?  342 HOH A O     1 
HETATM 1439 O  O     . HOH E 5 .   ? -14.208 1.560   8.569   1.00 18.63 ?  343 HOH A O     1 
HETATM 1440 O  O     . HOH E 5 .   ? 12.905  -12.021 4.362   1.00 20.53 ?  344 HOH A O     1 
HETATM 1441 O  O     . HOH E 5 .   ? -19.573 3.356   -4.866  1.00 21.43 ?  345 HOH A O     1 
HETATM 1442 O  O     . HOH E 5 .   ? 14.454  -14.063 3.830   1.00 25.75 ?  346 HOH A O     1 
HETATM 1443 O  O     . HOH E 5 .   ? -9.310  11.499  0.843   1.00 17.05 ?  347 HOH A O     1 
HETATM 1444 O  O     . HOH E 5 .   ? -7.194  -12.413 10.951  1.00 18.37 ?  348 HOH A O     1 
HETATM 1445 O  O     . HOH E 5 .   ? -1.807  -11.983 -6.230  1.00 17.13 ?  349 HOH A O     1 
HETATM 1446 O  O     . HOH E 5 .   ? -7.832  7.739   -20.844 1.00 16.79 ?  350 HOH A O     1 
HETATM 1447 O  O     . HOH E 5 .   ? 6.178   -15.486 13.995  1.00 17.91 ?  351 HOH A O     1 
HETATM 1448 O  O     . HOH E 5 .   ? -3.196  -10.721 -8.120  1.00 15.65 ?  352 HOH A O     1 
HETATM 1449 O  O     . HOH E 5 .   ? 0.628   -15.758 -3.234  1.00 18.07 ?  353 HOH A O     1 
HETATM 1450 O  O     . HOH E 5 .   ? -8.626  13.683  -11.255 1.00 20.45 ?  354 HOH A O     1 
HETATM 1451 O  O     . HOH E 5 .   ? -13.106 -1.922  -12.510 1.00 22.91 ?  355 HOH A O     1 
HETATM 1452 O  O     . HOH E 5 .   ? 1.643   -13.460 -4.907  1.00 20.12 ?  356 HOH A O     1 
HETATM 1453 O  O     . HOH E 5 .   ? -11.057 -10.984 2.337   1.00 19.66 ?  357 HOH A O     1 
HETATM 1454 O  O     . HOH E 5 .   ? -4.252  -20.415 4.169   1.00 16.01 ?  358 HOH A O     1 
HETATM 1455 O  O     . HOH E 5 .   ? 15.594  -9.264  2.728   1.00 25.18 ?  359 HOH A O     1 
HETATM 1456 O  O     . HOH E 5 .   ? -2.422  17.258  12.406  1.00 25.68 ?  360 HOH A O     1 
HETATM 1457 O  O     . HOH E 5 .   ? 2.267   6.008   10.818  1.00 17.82 ?  361 HOH A O     1 
HETATM 1458 O  O     . HOH E 5 .   ? 15.488  -2.312  8.786   1.00 26.09 ?  362 HOH A O     1 
HETATM 1459 O  O     . HOH E 5 .   ? -8.858  13.319  4.867   1.00 15.31 ?  363 HOH A O     1 
HETATM 1460 O  O     . HOH E 5 .   ? -8.499  10.815  -7.538  1.00 20.30 ?  364 HOH A O     1 
HETATM 1461 O  O     . HOH E 5 .   ? 2.236   -18.628 12.367  1.00 21.30 ?  365 HOH A O     1 
HETATM 1462 O  O     . HOH E 5 .   ? -10.750 -16.192 6.012   1.00 22.38 ?  366 HOH A O     1 
HETATM 1463 O  O     . HOH E 5 .   ? 0.087   15.217  -3.585  1.00 26.93 ?  367 HOH A O     1 
HETATM 1464 O  O     . HOH E 5 .   ? -15.926 4.966   -11.241 1.00 18.09 ?  368 HOH A O     1 
HETATM 1465 O  O     . HOH E 5 .   ? 11.642  3.049   8.192   1.00 21.24 ?  369 HOH A O     1 
HETATM 1466 O  O     . HOH E 5 .   ? 0.172   15.680  14.563  1.00 20.08 ?  370 HOH A O     1 
HETATM 1467 O  O     . HOH E 5 .   ? 14.866  -12.644 -0.525  1.00 29.73 ?  371 HOH A O     1 
HETATM 1468 O  O     . HOH E 5 .   ? 12.644  -15.941 -3.892  1.00 21.68 ?  372 HOH A O     1 
HETATM 1469 O  O     . HOH E 5 .   ? 5.570   11.019  12.724  1.00 22.91 ?  373 HOH A O     1 
HETATM 1470 O  O     . HOH E 5 .   ? -6.143  5.378   -22.332 1.00 21.40 ?  374 HOH A O     1 
HETATM 1471 O  O     . HOH E 5 .   ? -14.204 -0.661  4.014   1.00 28.91 ?  375 HOH A O     1 
HETATM 1472 O  O     . HOH E 5 .   ? -2.191  6.866   -22.630 1.00 23.84 ?  376 HOH A O     1 
HETATM 1473 O  O     . HOH E 5 .   ? 0.178   16.628  1.380   1.00 29.18 ?  377 HOH A O     1 
HETATM 1474 O  O     . HOH E 5 .   ? -12.510 2.761   5.996   1.00 21.59 ?  378 HOH A O     1 
HETATM 1475 O  O     . HOH E 5 .   ? -13.318 2.713   0.714   1.00 17.56 ?  379 HOH A O     1 
HETATM 1476 O  O     . HOH E 5 .   ? 8.370   -6.271  11.700  1.00 20.58 ?  380 HOH A O     1 
HETATM 1477 O  O     . HOH E 5 .   ? -11.419 0.994   4.234   1.00 21.16 ?  381 HOH A O     1 
HETATM 1478 O  O     . HOH E 5 .   ? 23.882  -5.858  2.360   1.00 23.13 ?  382 HOH A O     1 
HETATM 1479 O  O     . HOH E 5 .   ? -6.290  -2.392  -16.654 1.00 22.15 ?  383 HOH A O     1 
HETATM 1480 O  O     . HOH E 5 .   ? 3.833   17.955  14.680  1.00 18.23 ?  384 HOH A O     1 
HETATM 1481 O  O     . HOH E 5 .   ? 4.450   8.422   10.722  1.00 19.54 ?  385 HOH A O     1 
HETATM 1482 O  O     . HOH E 5 .   ? -12.512 4.699   -14.872 1.00 25.13 ?  386 HOH A O     1 
HETATM 1483 O  O     . HOH E 5 .   ? 4.327   -7.849  -14.134 1.00 24.89 ?  387 HOH A O     1 
HETATM 1484 O  O     . HOH E 5 .   ? -11.491 -4.438  -8.018  1.00 24.00 ?  388 HOH A O     1 
HETATM 1485 O  O     . HOH E 5 .   ? -16.138 2.712   -9.580  1.00 18.56 ?  389 HOH A O     1 
HETATM 1486 O  O     . HOH E 5 .   ? 8.681   10.043  -9.720  1.00 28.79 ?  390 HOH A O     1 
HETATM 1487 O  O     . HOH E 5 .   ? -8.979  15.848  3.835   1.00 26.25 ?  391 HOH A O     1 
HETATM 1488 O  O     . HOH E 5 .   ? -14.823 -2.669  9.717   1.00 23.28 ?  392 HOH A O     1 
HETATM 1489 O  O     . HOH E 5 .   ? -6.470  -0.982  -19.520 1.00 24.12 ?  393 HOH A O     1 
HETATM 1490 O  O     . HOH E 5 .   ? -12.462 2.739   -16.953 1.00 25.48 ?  394 HOH A O     1 
HETATM 1491 O  O     . HOH E 5 .   ? 10.887  23.744  11.845  1.00 19.66 ?  395 HOH A O     1 
HETATM 1492 O  O     . HOH E 5 .   ? -0.757  -13.769 4.118   1.00 16.34 ?  396 HOH A O     1 
HETATM 1493 O  O     . HOH E 5 .   ? -14.421 1.544   -16.567 1.00 26.47 ?  397 HOH A O     1 
HETATM 1494 O  O     . HOH E 5 .   ? 16.201  10.654  3.710   1.00 28.96 ?  398 HOH A O     1 
HETATM 1495 O  O     . HOH E 5 .   ? -0.915  -2.686  15.553  1.00 21.80 ?  399 HOH A O     1 
HETATM 1496 O  O     . HOH E 5 .   ? -12.338 11.597  -10.380 1.00 28.43 ?  400 HOH A O     1 
HETATM 1497 O  O     . HOH E 5 .   ? -18.264 8.679   4.913   1.00 31.78 ?  401 HOH A O     1 
HETATM 1498 O  O     . HOH E 5 .   ? 1.836   -0.384  -13.844 1.00 24.75 ?  402 HOH A O     1 
HETATM 1499 O  O     . HOH E 5 .   ? 6.223   15.458  16.167  1.00 23.68 ?  403 HOH A O     1 
HETATM 1500 O  O     . HOH E 5 .   ? -3.680  20.292  -17.389 1.00 28.86 ?  404 HOH A O     1 
HETATM 1501 O  O     . HOH E 5 .   ? 1.412   -1.712  16.331  1.00 29.24 ?  405 HOH A O     1 
HETATM 1502 O  O     . HOH E 5 .   ? -18.583 10.129  0.428   1.00 32.84 ?  406 HOH A O     1 
HETATM 1503 O  O     . HOH E 5 .   ? -13.411 -3.628  -10.155 1.00 30.77 ?  407 HOH A O     1 
HETATM 1504 O  O     . HOH E 5 .   ? 2.287   15.180  2.103   1.00 23.17 ?  408 HOH A O     1 
HETATM 1505 O  O     . HOH E 5 .   ? -14.378 11.519  15.171  1.00 31.33 ?  409 HOH A O     1 
HETATM 1506 O  O     . HOH E 5 .   ? -12.248 10.967  3.667   1.00 25.48 ?  410 HOH A O     1 
HETATM 1507 O  O     . HOH E 5 .   ? 15.954  -2.163  2.358   1.00 23.95 ?  411 HOH A O     1 
HETATM 1508 O  O     . HOH E 5 .   ? -4.306  14.898  13.780  1.00 24.21 ?  412 HOH A O     1 
HETATM 1509 O  O     . HOH E 5 .   ? -5.921  -5.833  -11.458 1.00 23.34 ?  413 HOH A O     1 
HETATM 1510 O  O     . HOH E 5 .   ? -12.544 -2.118  -6.754  1.00 24.70 ?  414 HOH A O     1 
HETATM 1511 O  O     . HOH E 5 .   ? 12.091  16.769  7.588   1.00 20.13 ?  415 HOH A O     1 
HETATM 1512 O  O     . HOH E 5 .   ? -3.422  5.849   15.952  1.00 19.70 ?  416 HOH A O     1 
HETATM 1513 O  O     . HOH E 5 .   ? -6.291  12.873  14.244  1.00 16.27 ?  417 HOH A O     1 
HETATM 1514 O  O     . HOH E 5 .   ? -10.752 11.097  -3.369  1.00 32.09 ?  418 HOH A O     1 
HETATM 1515 O  O     . HOH E 5 .   ? -5.812  -20.374 1.829   1.00 22.93 ?  419 HOH A O     1 
HETATM 1516 O  O     . HOH E 5 .   ? -15.285 -1.979  -3.688  1.00 25.40 ?  420 HOH A O     1 
HETATM 1517 O  O     . HOH E 5 .   ? 2.842   14.775  18.076  1.00 27.06 ?  421 HOH A O     1 
HETATM 1518 O  O     . HOH E 5 .   ? 2.208   -7.121  18.074  1.00 21.79 ?  422 HOH A O     1 
HETATM 1519 O  O     . HOH E 5 .   ? 2.878   -3.045  -16.171 1.00 28.79 ?  423 HOH A O     1 
HETATM 1520 O  O     . HOH E 5 .   ? -8.030  14.045  12.570  1.00 25.11 ?  424 HOH A O     1 
HETATM 1521 O  O     . HOH E 5 .   ? -11.994 -3.946  -13.827 1.00 24.78 ?  425 HOH A O     1 
HETATM 1522 O  O     . HOH E 5 .   ? -5.167  3.667   -23.869 1.00 27.71 ?  426 HOH A O     1 
HETATM 1523 O  O     . HOH E 5 .   ? -2.999  15.258  -13.909 1.00 27.48 ?  427 HOH A O     1 
HETATM 1524 O  O     . HOH E 5 .   ? -0.056  1.289   -17.945 1.00 28.86 ?  428 HOH A O     1 
HETATM 1525 O  O     . HOH E 5 .   ? -0.877  -12.795 15.981  1.00 31.23 ?  429 HOH A O     1 
HETATM 1526 O  O     . HOH E 5 .   ? -5.912  13.421  -6.827  1.00 22.54 ?  430 HOH A O     1 
HETATM 1527 O  O     . HOH E 5 .   ? -7.075  -9.291  14.246  1.00 24.23 ?  431 HOH A O     1 
HETATM 1528 O  O     . HOH E 5 .   ? -15.467 -7.890  3.046   1.00 23.86 ?  432 HOH A O     1 
HETATM 1529 O  O     . HOH E 5 .   ? 5.130   -15.929 -5.421  1.00 27.97 ?  433 HOH A O     1 
HETATM 1530 O  O     . HOH E 5 .   ? 1.916   -4.626  16.683  1.00 26.63 ?  434 HOH A O     1 
HETATM 1531 O  O     . HOH E 5 .   ? 5.711   -15.697 -10.001 1.00 31.44 ?  435 HOH A O     1 
HETATM 1532 O  O     . HOH E 5 .   ? 8.986   -6.154  8.980   1.00 27.17 ?  436 HOH A O     1 
HETATM 1533 O  O     . HOH E 5 .   ? -4.393  20.420  -14.892 1.00 25.19 ?  437 HOH A O     1 
HETATM 1534 O  O     . HOH E 5 .   ? -0.807  -1.172  -17.213 1.00 32.91 ?  438 HOH A O     1 
HETATM 1535 O  O     . HOH E 5 .   ? 15.987  -9.753  -0.884  1.00 29.42 ?  439 HOH A O     1 
HETATM 1536 O  O     . HOH E 5 .   ? -6.571  -0.294  -22.549 1.00 33.60 ?  440 HOH A O     1 
HETATM 1537 O  O     . HOH E 5 .   ? -5.750  3.616   19.999  1.00 27.75 ?  441 HOH A O     1 
HETATM 1538 O  O     . HOH E 5 .   ? -12.301 8.463   -10.266 1.00 20.93 ?  442 HOH A O     1 
HETATM 1539 O  O     . HOH E 5 .   ? 5.411   8.022   -16.138 1.00 27.56 ?  443 HOH A O     1 
HETATM 1540 O  O     . HOH E 5 .   ? 4.180   8.768   13.265  1.00 28.49 ?  444 HOH A O     1 
HETATM 1541 O  O     . HOH E 5 .   ? -16.887 8.490   7.292   1.00 25.87 ?  445 HOH A O     1 
HETATM 1542 O  O     . HOH E 5 .   ? 1.293   14.810  -5.328  1.00 31.35 ?  446 HOH A O     1 
HETATM 1543 O  O     . HOH E 5 .   ? -13.074 -4.580  -4.532  1.00 22.63 ?  447 HOH A O     1 
HETATM 1544 O  O     . HOH E 5 .   ? -14.216 13.675  7.865   1.00 29.88 ?  448 HOH A O     1 
HETATM 1545 O  O     . HOH E 5 .   ? 7.576   2.762   11.075  1.00 22.58 ?  449 HOH A O     1 
HETATM 1546 O  O     . HOH E 5 .   ? -12.114 7.197   -13.271 1.00 23.24 ?  450 HOH A O     1 
HETATM 1547 O  O     . HOH E 5 .   ? -14.720 4.082   -13.593 1.00 26.84 ?  451 HOH A O     1 
HETATM 1548 O  O     . HOH E 5 .   ? 19.302  1.148   -3.618  1.00 37.46 ?  452 HOH A O     1 
HETATM 1549 O  O     . HOH E 5 .   ? -13.164 0.184   1.887   1.00 19.12 ?  453 HOH A O     1 
HETATM 1550 O  O     . HOH E 5 .   ? 6.111   -15.187 -7.636  1.00 24.88 ?  454 HOH A O     1 
HETATM 1551 O  O     . HOH E 5 .   ? -6.079  14.660  -2.141  1.00 22.89 ?  455 HOH A O     1 
HETATM 1552 O  O     . HOH E 5 .   ? 17.600  9.040   5.003   1.00 22.20 ?  456 HOH A O     1 
HETATM 1553 O  O     . HOH E 5 .   ? 6.451   -14.209 16.231  1.00 24.49 ?  457 HOH A O     1 
HETATM 1554 O  O     . HOH E 5 .   ? 9.573   -7.999  7.111   1.00 29.22 ?  458 HOH A O     1 
HETATM 1555 O  O     . HOH E 5 .   ? 14.750  -7.266  -11.462 1.00 30.03 ?  459 HOH A O     1 
HETATM 1556 O  O     . HOH E 5 .   ? -1.139  16.805  -7.690  1.00 28.68 ?  460 HOH A O     1 
HETATM 1557 O  O     . HOH E 5 .   ? -7.726  1.909   21.102  1.00 30.30 ?  461 HOH A O     1 
HETATM 1558 O  O     . HOH E 5 .   ? 5.591   9.926   -17.817 1.00 31.39 ?  462 HOH A O     1 
HETATM 1559 O  O     . HOH E 5 .   ? 13.283  11.926  0.553   1.00 25.91 ?  463 HOH A O     1 
HETATM 1560 O  O     . HOH E 5 .   ? -6.880  -7.833  16.471  1.00 24.99 ?  464 HOH A O     1 
HETATM 1561 O  O     . HOH E 5 .   ? 19.380  3.249   -0.909  1.00 28.80 ?  465 HOH A O     1 
HETATM 1562 O  O     . HOH E 5 .   ? -2.526  15.482  -18.727 1.00 27.53 ?  466 HOH A O     1 
HETATM 1563 O  O     . HOH E 5 .   ? 17.404  -3.258  -9.369  1.00 31.30 ?  467 HOH A O     1 
HETATM 1564 O  O     . HOH E 5 .   ? -7.694  16.058  1.568   1.00 29.91 ?  468 HOH A O     1 
HETATM 1565 O  O     . HOH E 5 .   ? -15.074 2.962   12.524  1.00 29.90 ?  469 HOH A O     1 
HETATM 1566 O  O     . HOH E 5 .   ? 19.091  -3.386  -5.721  1.00 33.50 ?  470 HOH A O     1 
HETATM 1567 O  O     . HOH E 5 .   ? -11.291 9.345   -2.484  1.00 30.29 ?  471 HOH A O     1 
HETATM 1568 O  O     . HOH E 5 .   ? -1.378  -16.422 -4.997  1.00 25.71 ?  472 HOH A O     1 
HETATM 1569 O  O     . HOH E 5 .   ? 6.759   -8.674  -15.127 1.00 35.11 ?  473 HOH A O     1 
HETATM 1570 O  O     . HOH E 5 .   ? -7.951  13.017  -0.132  1.00 24.61 ?  474 HOH A O     1 
HETATM 1571 O  O     . HOH E 5 .   ? -14.983 10.128  4.331   1.00 27.75 ?  475 HOH A O     1 
HETATM 1572 O  O     . HOH E 5 .   ? -0.299  16.874  -11.230 1.00 32.22 ?  476 HOH A O     1 
HETATM 1573 O  O     . HOH E 5 .   ? -18.256 1.479   -10.260 1.00 30.57 ?  477 HOH A O     1 
HETATM 1574 O  O     . HOH E 5 .   ? -16.447 1.679   2.115   1.00 31.07 ?  478 HOH A O     1 
HETATM 1575 O  O     . HOH E 5 .   ? -3.153  -14.340 12.558  1.00 27.59 ?  479 HOH A O     1 
HETATM 1576 O  O     . HOH E 5 .   ? -11.176 16.487  9.173   1.00 34.73 ?  480 HOH A O     1 
HETATM 1577 O  O     . HOH E 5 .   ? -2.832  6.064   -25.421 1.00 34.48 ?  481 HOH A O     1 
HETATM 1578 O  O     . HOH E 5 .   ? -3.044  17.705  -6.508  1.00 33.22 ?  482 HOH A O     1 
HETATM 1579 O  O     . HOH E 5 .   ? 9.055   -9.660  -13.714 1.00 29.27 ?  483 HOH A O     1 
HETATM 1580 O  O     . HOH E 5 .   ? -14.984 1.239   -13.628 1.00 28.91 ?  484 HOH A O     1 
HETATM 1581 O  O     . HOH E 5 .   ? -8.539  -2.930  -19.810 1.00 31.75 ?  485 HOH A O     1 
HETATM 1582 O  O     . HOH E 5 .   ? 11.059  -11.073 8.611   1.00 26.19 ?  486 HOH A O     1 
HETATM 1583 O  O     . HOH E 5 .   ? 15.682  -13.969 1.560   1.00 30.79 ?  487 HOH A O     1 
HETATM 1584 O  O     . HOH E 5 .   ? 14.623  -3.147  -1.077  1.00 29.78 ?  488 HOH A O     1 
HETATM 1585 O  O     . HOH E 5 .   ? 10.556  -9.663  -11.696 1.00 30.77 ?  489 HOH A O     1 
HETATM 1586 O  O     . HOH E 5 .   ? -13.292 14.222  5.126   1.00 32.87 ?  490 HOH A O     1 
HETATM 1587 O  O     . HOH E 5 .   ? 1.689   -18.071 -2.993  1.00 33.11 ?  491 HOH A O     1 
HETATM 1588 O  O     . HOH E 5 .   ? -4.763  -6.729  17.875  1.00 24.67 ?  492 HOH A O     1 
HETATM 1589 O  O     . HOH E 5 .   ? 4.688   0.496   -14.382 1.00 29.69 ?  493 HOH A O     1 
HETATM 1590 O  O     . HOH E 5 .   ? 1.397   15.180  -9.690  1.00 27.80 ?  494 HOH A O     1 
HETATM 1591 O  O     . HOH E 5 .   ? -19.109 11.310  -3.556  1.00 29.35 ?  495 HOH A O     1 
HETATM 1592 O  O     . HOH E 5 .   ? 1.476   -15.247 12.396  1.00 25.76 ?  496 HOH A O     1 
HETATM 1593 O  O     . HOH E 5 .   ? -18.351 7.945   2.474   1.00 31.10 ?  497 HOH A O     1 
HETATM 1594 O  O     . HOH E 5 .   ? 7.799   -5.958  -15.578 1.00 31.25 ?  498 HOH A O     1 
HETATM 1595 O  O     . HOH E 5 .   ? 11.685  10.063  -6.569  1.00 37.27 ?  499 HOH A O     1 
HETATM 1596 O  O     . HOH E 5 .   ? 3.222   7.121   14.186  1.00 30.33 ?  500 HOH A O     1 
HETATM 1597 O  O     . HOH E 5 .   ? 16.171  -13.973 6.036   1.00 32.99 ?  501 HOH A O     1 
HETATM 1598 O  O     . HOH E 5 .   ? -9.626  -3.636  -18.010 1.00 31.42 ?  502 HOH A O     1 
HETATM 1599 O  O     . HOH E 5 .   ? -6.398  17.195  -0.273  1.00 27.42 ?  503 HOH A O     1 
HETATM 1600 O  O     . HOH E 5 .   ? -15.609 1.260   4.877   1.00 32.44 ?  504 HOH A O     1 
HETATM 1601 O  O     . HOH E 5 .   ? 3.076   15.202  -11.900 1.00 36.73 ?  505 HOH A O     1 
HETATM 1602 O  O     . HOH E 5 .   ? -14.806 -1.584  -8.660  1.00 31.77 ?  506 HOH A O     1 
HETATM 1603 O  O     . HOH E 5 .   ? 11.276  7.086   -10.439 1.00 32.02 ?  507 HOH A O     1 
HETATM 1604 O  O     . HOH E 5 .   ? 15.295  -6.065  -13.223 1.00 35.20 ?  508 HOH A O     1 
HETATM 1605 O  O     . HOH E 5 .   ? 8.144   14.414  -8.978  1.00 38.00 ?  509 HOH A O     1 
HETATM 1606 O  O     . HOH E 5 .   ? 7.793   7.863   -13.796 1.00 32.77 ?  510 HOH A O     1 
HETATM 1607 O  O     . HOH E 5 .   ? 1.058   -2.700  -18.072 1.00 39.34 ?  511 HOH A O     1 
HETATM 1608 O  O     . HOH E 5 .   ? -12.577 15.942  11.208  1.00 31.06 ?  512 HOH A O     1 
HETATM 1609 O  O     . HOH E 5 .   ? -1.895  -2.584  17.819  1.00 33.13 ?  513 HOH A O     1 
HETATM 1610 O  O     . HOH E 5 .   ? -14.098 8.921   -13.406 1.00 27.61 ?  514 HOH A O     1 
HETATM 1611 O  O     . HOH E 5 .   ? 3.422   5.010   12.547  1.00 30.57 ?  515 HOH A O     1 
HETATM 1612 O  O     . HOH E 5 .   ? -10.332 10.158  -17.782 1.00 19.79 ?  516 HOH A O     1 
HETATM 1613 O  O     . HOH E 5 .   ? -12.064 -17.096 8.384   1.00 30.68 ?  517 HOH A O     1 
HETATM 1614 O  O     . HOH E 5 .   ? -10.772 -10.412 11.978  1.00 26.50 ?  518 HOH A O     1 
HETATM 1615 O  O     . HOH E 5 .   ? -3.507  -6.276  -12.785 1.00 27.67 ?  519 HOH A O     1 
HETATM 1616 O  O     . HOH E 5 .   ? -3.203  18.561  -19.555 1.00 28.62 ?  520 HOH A O     1 
HETATM 1617 O  O     . HOH E 5 .   ? 4.567   18.039  4.874   1.00 28.03 ?  521 HOH A O     1 
HETATM 1618 O  O     . HOH E 5 .   ? 16.674  -11.840 5.938   1.00 33.18 ?  522 HOH A O     1 
HETATM 1619 O  O     . HOH E 5 .   ? -9.455  13.715  -5.379  1.00 29.97 ?  523 HOH A O     1 
HETATM 1620 O  O     . HOH E 5 .   ? -15.305 -2.867  -6.444  1.00 33.18 ?  524 HOH A O     1 
HETATM 1621 O  O     . HOH E 5 .   ? 9.840   13.788  -4.436  1.00 36.30 ?  525 HOH A O     1 
HETATM 1622 O  O     . HOH E 5 .   ? -4.231  -14.563 -2.009  1.00 30.59 ?  526 HOH A O     1 
HETATM 1623 O  O     . HOH E 5 .   ? 5.519   5.975   -18.006 1.00 35.49 ?  527 HOH A O     1 
# 
